data_1SHB
# 
_entry.id   1SHB 
# 
_audit_conform.dict_name       mmcif_pdbx.dic 
_audit_conform.dict_version    5.397 
_audit_conform.dict_location   http://mmcif.pdb.org/dictionaries/ascii/mmcif_pdbx.dic 
# 
loop_
_database_2.database_id 
_database_2.database_code 
_database_2.pdbx_database_accession 
_database_2.pdbx_DOI 
PDB   1SHB         pdb_00001shb 10.2210/pdb1shb/pdb 
WWPDB D_1000176370 ?            ?                   
# 
loop_
_pdbx_audit_revision_history.ordinal 
_pdbx_audit_revision_history.data_content_type 
_pdbx_audit_revision_history.major_revision 
_pdbx_audit_revision_history.minor_revision 
_pdbx_audit_revision_history.revision_date 
1 'Structure model' 1 0 1993-10-31 
2 'Structure model' 1 1 2008-03-03 
3 'Structure model' 1 2 2011-07-13 
4 'Structure model' 1 3 2024-06-05 
5 'Structure model' 1 4 2024-10-16 
# 
_pdbx_audit_revision_details.ordinal             1 
_pdbx_audit_revision_details.revision_ordinal    1 
_pdbx_audit_revision_details.data_content_type   'Structure model' 
_pdbx_audit_revision_details.provider            repository 
_pdbx_audit_revision_details.type                'Initial release' 
_pdbx_audit_revision_details.description         ? 
_pdbx_audit_revision_details.details             ? 
# 
loop_
_pdbx_audit_revision_group.ordinal 
_pdbx_audit_revision_group.revision_ordinal 
_pdbx_audit_revision_group.data_content_type 
_pdbx_audit_revision_group.group 
1 2 'Structure model' 'Version format compliance' 
2 3 'Structure model' 'Version format compliance' 
3 4 'Structure model' 'Data collection'           
4 4 'Structure model' 'Database references'       
5 4 'Structure model' 'Derived calculations'      
6 4 'Structure model' Other                       
7 5 'Structure model' 'Structure summary'         
# 
loop_
_pdbx_audit_revision_category.ordinal 
_pdbx_audit_revision_category.revision_ordinal 
_pdbx_audit_revision_category.data_content_type 
_pdbx_audit_revision_category.category 
1 4 'Structure model' chem_comp_atom            
2 4 'Structure model' chem_comp_bond            
3 4 'Structure model' database_2                
4 4 'Structure model' pdbx_database_status      
5 4 'Structure model' struct_conn               
6 5 'Structure model' pdbx_entry_details        
7 5 'Structure model' pdbx_modification_feature 
# 
loop_
_pdbx_audit_revision_item.ordinal 
_pdbx_audit_revision_item.revision_ordinal 
_pdbx_audit_revision_item.data_content_type 
_pdbx_audit_revision_item.item 
1 4 'Structure model' '_database_2.pdbx_DOI'                
2 4 'Structure model' '_database_2.pdbx_database_accession' 
3 4 'Structure model' '_pdbx_database_status.process_site'  
4 4 'Structure model' '_struct_conn.pdbx_leaving_atom_flag' 
# 
_pdbx_database_status.status_code                     REL 
_pdbx_database_status.entry_id                        1SHB 
_pdbx_database_status.recvd_initial_deposition_date   1992-08-18 
_pdbx_database_status.deposit_site                    ? 
_pdbx_database_status.process_site                    BNL 
_pdbx_database_status.status_code_sf                  REL 
_pdbx_database_status.status_code_mr                  ? 
_pdbx_database_status.SG_entry                        ? 
_pdbx_database_status.pdb_format_compatible           Y 
_pdbx_database_status.status_code_cs                  ? 
_pdbx_database_status.status_code_nmr_data            ? 
_pdbx_database_status.methods_development_category    ? 
# 
loop_
_audit_author.name 
_audit_author.pdbx_ordinal 
'Waksman, G.' 1 
'Kuriyan, J.' 2 
# 
_citation.id                        primary 
_citation.title                     
'Crystal structure of the phosphotyrosine recognition domain SH2 of v-src complexed with tyrosine-phosphorylated peptides.' 
_citation.journal_abbrev            Nature 
_citation.journal_volume            358 
_citation.page_first                646 
_citation.page_last                 653 
_citation.year                      1992 
_citation.journal_id_ASTM           NATUAS 
_citation.country                   UK 
_citation.journal_id_ISSN           0028-0836 
_citation.journal_id_CSD            0006 
_citation.book_publisher            ? 
_citation.pdbx_database_id_PubMed   1379696 
_citation.pdbx_database_id_DOI      10.1038/358646a0 
# 
loop_
_citation_author.citation_id 
_citation_author.name 
_citation_author.ordinal 
_citation_author.identifier_ORCID 
primary 'Waksman, G.'     1  ? 
primary 'Kominos, D.'     2  ? 
primary 'Robertson, S.C.' 3  ? 
primary 'Pant, N.'        4  ? 
primary 'Baltimore, D.'   5  ? 
primary 'Birge, R.B.'     6  ? 
primary 'Cowburn, D.'     7  ? 
primary 'Hanafusa, H.'    8  ? 
primary 'Mayer, B.J.'     9  ? 
primary 'Overduin, M.'    10 ? 
primary 'Resh, M.D.'      11 ? 
primary 'Rios, C.B.'      12 ? 
primary 'Silverman, L.'   13 ? 
primary 'Kuriyan, J.'     14 ? 
# 
loop_
_entity.id 
_entity.type 
_entity.src_method 
_entity.pdbx_description 
_entity.formula_weight 
_entity.pdbx_number_of_molecules 
_entity.pdbx_ec 
_entity.pdbx_mutation 
_entity.pdbx_fragment 
_entity.details 
1 polymer man 'V-SRC SH2 DOMAIN' 11970.480 1  2.7.1.112 ? ? ? 
2 polymer man 'PHOSPHOPEPTIDE B' 701.728   1  ?         ? ? ? 
3 water   nat water              18.015    28 ?         ? ? ? 
# 
loop_
_entity_poly.entity_id 
_entity_poly.type 
_entity_poly.nstd_linkage 
_entity_poly.nstd_monomer 
_entity_poly.pdbx_seq_one_letter_code 
_entity_poly.pdbx_seq_one_letter_code_can 
_entity_poly.pdbx_strand_id 
_entity_poly.pdbx_target_identifier 
1 'polypeptide(L)' no no  
;QAEEWYFGKITRRESERLLLNPENPRGTFLVRESETTKGAYCLSVSDFDNAKGLNVKHYKIRKLDSGGFYITSRTQFSSL
QQLVAYYSKHADGLCHRLTNVCPT
;
;QAEEWYFGKITRRESERLLLNPENPRGTFLVRESETTKGAYCLSVSDFDNAKGLNVKHYKIRKLDSGGFYITSRTQFSSL
QQLVAYYSKHADGLCHRLTNVCPT
;
A ? 
2 'polypeptide(L)' no yes '(PTR)LRVA' YLRVA B ? 
# 
_pdbx_entity_nonpoly.entity_id   3 
_pdbx_entity_nonpoly.name        water 
_pdbx_entity_nonpoly.comp_id     HOH 
# 
loop_
_entity_poly_seq.entity_id 
_entity_poly_seq.num 
_entity_poly_seq.mon_id 
_entity_poly_seq.hetero 
1 1   GLN n 
1 2   ALA n 
1 3   GLU n 
1 4   GLU n 
1 5   TRP n 
1 6   TYR n 
1 7   PHE n 
1 8   GLY n 
1 9   LYS n 
1 10  ILE n 
1 11  THR n 
1 12  ARG n 
1 13  ARG n 
1 14  GLU n 
1 15  SER n 
1 16  GLU n 
1 17  ARG n 
1 18  LEU n 
1 19  LEU n 
1 20  LEU n 
1 21  ASN n 
1 22  PRO n 
1 23  GLU n 
1 24  ASN n 
1 25  PRO n 
1 26  ARG n 
1 27  GLY n 
1 28  THR n 
1 29  PHE n 
1 30  LEU n 
1 31  VAL n 
1 32  ARG n 
1 33  GLU n 
1 34  SER n 
1 35  GLU n 
1 36  THR n 
1 37  THR n 
1 38  LYS n 
1 39  GLY n 
1 40  ALA n 
1 41  TYR n 
1 42  CYS n 
1 43  LEU n 
1 44  SER n 
1 45  VAL n 
1 46  SER n 
1 47  ASP n 
1 48  PHE n 
1 49  ASP n 
1 50  ASN n 
1 51  ALA n 
1 52  LYS n 
1 53  GLY n 
1 54  LEU n 
1 55  ASN n 
1 56  VAL n 
1 57  LYS n 
1 58  HIS n 
1 59  TYR n 
1 60  LYS n 
1 61  ILE n 
1 62  ARG n 
1 63  LYS n 
1 64  LEU n 
1 65  ASP n 
1 66  SER n 
1 67  GLY n 
1 68  GLY n 
1 69  PHE n 
1 70  TYR n 
1 71  ILE n 
1 72  THR n 
1 73  SER n 
1 74  ARG n 
1 75  THR n 
1 76  GLN n 
1 77  PHE n 
1 78  SER n 
1 79  SER n 
1 80  LEU n 
1 81  GLN n 
1 82  GLN n 
1 83  LEU n 
1 84  VAL n 
1 85  ALA n 
1 86  TYR n 
1 87  TYR n 
1 88  SER n 
1 89  LYS n 
1 90  HIS n 
1 91  ALA n 
1 92  ASP n 
1 93  GLY n 
1 94  LEU n 
1 95  CYS n 
1 96  HIS n 
1 97  ARG n 
1 98  LEU n 
1 99  THR n 
1 100 ASN n 
1 101 VAL n 
1 102 CYS n 
1 103 PRO n 
1 104 THR n 
2 1   PTR n 
2 2   LEU n 
2 3   ARG n 
2 4   VAL n 
2 5   ALA n 
# 
loop_
_entity_src_gen.entity_id 
_entity_src_gen.pdbx_src_id 
_entity_src_gen.pdbx_alt_source_flag 
_entity_src_gen.pdbx_seq_type 
_entity_src_gen.pdbx_beg_seq_num 
_entity_src_gen.pdbx_end_seq_num 
_entity_src_gen.gene_src_common_name 
_entity_src_gen.gene_src_genus 
_entity_src_gen.pdbx_gene_src_gene 
_entity_src_gen.gene_src_species 
_entity_src_gen.gene_src_strain 
_entity_src_gen.gene_src_tissue 
_entity_src_gen.gene_src_tissue_fraction 
_entity_src_gen.gene_src_details 
_entity_src_gen.pdbx_gene_src_fragment 
_entity_src_gen.pdbx_gene_src_scientific_name 
_entity_src_gen.pdbx_gene_src_ncbi_taxonomy_id 
_entity_src_gen.pdbx_gene_src_variant 
_entity_src_gen.pdbx_gene_src_cell_line 
_entity_src_gen.pdbx_gene_src_atcc 
_entity_src_gen.pdbx_gene_src_organ 
_entity_src_gen.pdbx_gene_src_organelle 
_entity_src_gen.pdbx_gene_src_cell 
_entity_src_gen.pdbx_gene_src_cellular_location 
_entity_src_gen.host_org_common_name 
_entity_src_gen.pdbx_host_org_scientific_name 
_entity_src_gen.pdbx_host_org_ncbi_taxonomy_id 
_entity_src_gen.host_org_genus 
_entity_src_gen.pdbx_host_org_gene 
_entity_src_gen.pdbx_host_org_organ 
_entity_src_gen.host_org_species 
_entity_src_gen.pdbx_host_org_tissue 
_entity_src_gen.pdbx_host_org_tissue_fraction 
_entity_src_gen.pdbx_host_org_strain 
_entity_src_gen.pdbx_host_org_variant 
_entity_src_gen.pdbx_host_org_cell_line 
_entity_src_gen.pdbx_host_org_atcc 
_entity_src_gen.pdbx_host_org_culture_collection 
_entity_src_gen.pdbx_host_org_cell 
_entity_src_gen.pdbx_host_org_organelle 
_entity_src_gen.pdbx_host_org_cellular_location 
_entity_src_gen.pdbx_host_org_vector_type 
_entity_src_gen.pdbx_host_org_vector 
_entity_src_gen.host_org_details 
_entity_src_gen.expression_system_id 
_entity_src_gen.plasmid_name 
_entity_src_gen.plasmid_details 
_entity_src_gen.pdbx_description 
1 1 sample ? ? ? ? Alpharetrovirus ? ? ? ? ? ? ? 'Rous sarcoma virus' 11886 ? ? ? ? ? ? ? ? ? ? ? ? ? ? ? ? ? ? ? ? ? ? ? ? ? ? ? 
? ? ? ? 
2 1 sample ? ? ? ? Alpharetrovirus ? ? ? ? ? ? ? 'Rous sarcoma virus' 11886 ? ? ? ? ? ? ? ? ? ? ? ? ? ? ? ? ? ? ? ? ? ? ? ? ? ? ? 
? ? ? ? 
# 
loop_
_chem_comp.id 
_chem_comp.type 
_chem_comp.mon_nstd_flag 
_chem_comp.name 
_chem_comp.pdbx_synonyms 
_chem_comp.formula 
_chem_comp.formula_weight 
ALA 'L-peptide linking' y ALANINE           ?                 'C3 H7 N O2'     89.093  
ARG 'L-peptide linking' y ARGININE          ?                 'C6 H15 N4 O2 1' 175.209 
ASN 'L-peptide linking' y ASPARAGINE        ?                 'C4 H8 N2 O3'    132.118 
ASP 'L-peptide linking' y 'ASPARTIC ACID'   ?                 'C4 H7 N O4'     133.103 
CYS 'L-peptide linking' y CYSTEINE          ?                 'C3 H7 N O2 S'   121.158 
GLN 'L-peptide linking' y GLUTAMINE         ?                 'C5 H10 N2 O3'   146.144 
GLU 'L-peptide linking' y 'GLUTAMIC ACID'   ?                 'C5 H9 N O4'     147.129 
GLY 'peptide linking'   y GLYCINE           ?                 'C2 H5 N O2'     75.067  
HIS 'L-peptide linking' y HISTIDINE         ?                 'C6 H10 N3 O2 1' 156.162 
HOH non-polymer         . WATER             ?                 'H2 O'           18.015  
ILE 'L-peptide linking' y ISOLEUCINE        ?                 'C6 H13 N O2'    131.173 
LEU 'L-peptide linking' y LEUCINE           ?                 'C6 H13 N O2'    131.173 
LYS 'L-peptide linking' y LYSINE            ?                 'C6 H15 N2 O2 1' 147.195 
PHE 'L-peptide linking' y PHENYLALANINE     ?                 'C9 H11 N O2'    165.189 
PRO 'L-peptide linking' y PROLINE           ?                 'C5 H9 N O2'     115.130 
PTR 'L-peptide linking' n O-PHOSPHOTYROSINE PHOSPHONOTYROSINE 'C9 H12 N O6 P'  261.168 
SER 'L-peptide linking' y SERINE            ?                 'C3 H7 N O3'     105.093 
THR 'L-peptide linking' y THREONINE         ?                 'C4 H9 N O3'     119.119 
TRP 'L-peptide linking' y TRYPTOPHAN        ?                 'C11 H12 N2 O2'  204.225 
TYR 'L-peptide linking' y TYROSINE          ?                 'C9 H11 N O3'    181.189 
VAL 'L-peptide linking' y VALINE            ?                 'C5 H11 N O2'    117.146 
# 
loop_
_pdbx_poly_seq_scheme.asym_id 
_pdbx_poly_seq_scheme.entity_id 
_pdbx_poly_seq_scheme.seq_id 
_pdbx_poly_seq_scheme.mon_id 
_pdbx_poly_seq_scheme.ndb_seq_num 
_pdbx_poly_seq_scheme.pdb_seq_num 
_pdbx_poly_seq_scheme.auth_seq_num 
_pdbx_poly_seq_scheme.pdb_mon_id 
_pdbx_poly_seq_scheme.auth_mon_id 
_pdbx_poly_seq_scheme.pdb_strand_id 
_pdbx_poly_seq_scheme.pdb_ins_code 
_pdbx_poly_seq_scheme.hetero 
A 1 1   GLN 1   1   ?   ?   ?   A . n 
A 1 2   ALA 2   2   2   ALA ALA A . n 
A 1 3   GLU 3   3   3   GLU GLU A . n 
A 1 4   GLU 4   4   4   GLU GLU A . n 
A 1 5   TRP 5   5   5   TRP TRP A . n 
A 1 6   TYR 6   6   6   TYR TYR A . n 
A 1 7   PHE 7   7   7   PHE PHE A . n 
A 1 8   GLY 8   8   8   GLY GLY A . n 
A 1 9   LYS 9   9   9   LYS LYS A . n 
A 1 10  ILE 10  10  10  ILE ILE A . n 
A 1 11  THR 11  11  11  THR THR A . n 
A 1 12  ARG 12  12  12  ARG ARG A . n 
A 1 13  ARG 13  13  13  ARG ARG A . n 
A 1 14  GLU 14  14  14  GLU GLU A . n 
A 1 15  SER 15  15  15  SER SER A . n 
A 1 16  GLU 16  16  16  GLU GLU A . n 
A 1 17  ARG 17  17  17  ARG ARG A . n 
A 1 18  LEU 18  18  18  LEU LEU A . n 
A 1 19  LEU 19  19  19  LEU LEU A . n 
A 1 20  LEU 20  20  20  LEU LEU A . n 
A 1 21  ASN 21  21  21  ASN ASN A . n 
A 1 22  PRO 22  22  22  PRO PRO A . n 
A 1 23  GLU 23  23  23  GLU GLU A . n 
A 1 24  ASN 24  24  24  ASN ASN A . n 
A 1 25  PRO 25  25  25  PRO PRO A . n 
A 1 26  ARG 26  26  26  ARG ARG A . n 
A 1 27  GLY 27  27  27  GLY GLY A . n 
A 1 28  THR 28  28  28  THR THR A . n 
A 1 29  PHE 29  29  29  PHE PHE A . n 
A 1 30  LEU 30  30  30  LEU LEU A . n 
A 1 31  VAL 31  31  31  VAL VAL A . n 
A 1 32  ARG 32  32  32  ARG ARG A . n 
A 1 33  GLU 33  33  33  GLU GLU A . n 
A 1 34  SER 34  34  34  SER SER A . n 
A 1 35  GLU 35  35  35  GLU GLU A . n 
A 1 36  THR 36  36  36  THR THR A . n 
A 1 37  THR 37  37  37  THR THR A . n 
A 1 38  LYS 38  38  38  LYS LYS A . n 
A 1 39  GLY 39  39  39  GLY GLY A . n 
A 1 40  ALA 40  40  40  ALA ALA A . n 
A 1 41  TYR 41  41  41  TYR TYR A . n 
A 1 42  CYS 42  42  42  CYS CYS A . n 
A 1 43  LEU 43  43  43  LEU LEU A . n 
A 1 44  SER 44  44  44  SER SER A . n 
A 1 45  VAL 45  45  45  VAL VAL A . n 
A 1 46  SER 46  46  46  SER SER A . n 
A 1 47  ASP 47  47  47  ASP ASP A . n 
A 1 48  PHE 48  48  48  PHE PHE A . n 
A 1 49  ASP 49  49  49  ASP ASP A . n 
A 1 50  ASN 50  50  50  ASN ASN A . n 
A 1 51  ALA 51  51  51  ALA ALA A . n 
A 1 52  LYS 52  52  52  LYS LYS A . n 
A 1 53  GLY 53  53  53  GLY GLY A . n 
A 1 54  LEU 54  54  54  LEU LEU A . n 
A 1 55  ASN 55  55  55  ASN ASN A . n 
A 1 56  VAL 56  56  56  VAL VAL A . n 
A 1 57  LYS 57  57  57  LYS LYS A . n 
A 1 58  HIS 58  58  58  HIS HIS A . n 
A 1 59  TYR 59  59  59  TYR TYR A . n 
A 1 60  LYS 60  60  60  LYS LYS A . n 
A 1 61  ILE 61  61  61  ILE ILE A . n 
A 1 62  ARG 62  62  62  ARG ARG A . n 
A 1 63  LYS 63  63  63  LYS LYS A . n 
A 1 64  LEU 64  64  64  LEU LEU A . n 
A 1 65  ASP 65  65  65  ASP ASP A . n 
A 1 66  SER 66  66  66  SER SER A . n 
A 1 67  GLY 67  67  67  GLY GLY A . n 
A 1 68  GLY 68  68  68  GLY GLY A . n 
A 1 69  PHE 69  69  69  PHE PHE A . n 
A 1 70  TYR 70  70  70  TYR TYR A . n 
A 1 71  ILE 71  71  71  ILE ILE A . n 
A 1 72  THR 72  72  72  THR THR A . n 
A 1 73  SER 73  73  73  SER SER A . n 
A 1 74  ARG 74  74  74  ARG ARG A . n 
A 1 75  THR 75  75  75  THR THR A . n 
A 1 76  GLN 76  76  76  GLN GLN A . n 
A 1 77  PHE 77  77  77  PHE PHE A . n 
A 1 78  SER 78  78  78  SER SER A . n 
A 1 79  SER 79  79  79  SER SER A . n 
A 1 80  LEU 80  80  80  LEU LEU A . n 
A 1 81  GLN 81  81  81  GLN GLN A . n 
A 1 82  GLN 82  82  82  GLN GLN A . n 
A 1 83  LEU 83  83  83  LEU LEU A . n 
A 1 84  VAL 84  84  84  VAL VAL A . n 
A 1 85  ALA 85  85  85  ALA ALA A . n 
A 1 86  TYR 86  86  86  TYR TYR A . n 
A 1 87  TYR 87  87  87  TYR TYR A . n 
A 1 88  SER 88  88  88  SER SER A . n 
A 1 89  LYS 89  89  89  LYS LYS A . n 
A 1 90  HIS 90  90  90  HIS HIS A . n 
A 1 91  ALA 91  91  91  ALA ALA A . n 
A 1 92  ASP 92  92  92  ASP ASP A . n 
A 1 93  GLY 93  93  93  GLY GLY A . n 
A 1 94  LEU 94  94  94  LEU LEU A . n 
A 1 95  CYS 95  95  95  CYS CYS A . n 
A 1 96  HIS 96  96  96  HIS HIS A . n 
A 1 97  ARG 97  97  97  ARG ARG A . n 
A 1 98  LEU 98  98  98  LEU LEU A . n 
A 1 99  THR 99  99  99  THR THR A . n 
A 1 100 ASN 100 100 100 ASN ASN A . n 
A 1 101 VAL 101 101 101 VAL VAL A . n 
A 1 102 CYS 102 102 102 CYS CYS A . n 
A 1 103 PRO 103 103 103 PRO PRO A . n 
A 1 104 THR 104 104 104 THR THR A . n 
B 2 1   PTR 1   201 201 PTR PTR B . n 
B 2 2   LEU 2   202 202 LEU LEU B . n 
B 2 3   ARG 3   203 203 ARG ARG B . n 
B 2 4   VAL 4   204 204 VAL VAL B . n 
B 2 5   ALA 5   205 205 ALA ALA B . n 
# 
loop_
_pdbx_nonpoly_scheme.asym_id 
_pdbx_nonpoly_scheme.entity_id 
_pdbx_nonpoly_scheme.mon_id 
_pdbx_nonpoly_scheme.ndb_seq_num 
_pdbx_nonpoly_scheme.pdb_seq_num 
_pdbx_nonpoly_scheme.auth_seq_num 
_pdbx_nonpoly_scheme.pdb_mon_id 
_pdbx_nonpoly_scheme.auth_mon_id 
_pdbx_nonpoly_scheme.pdb_strand_id 
_pdbx_nonpoly_scheme.pdb_ins_code 
C 3 HOH 1  301 301 HOH HOH A . 
C 3 HOH 2  303 303 HOH HOH A . 
C 3 HOH 3  304 304 HOH HOH A . 
C 3 HOH 4  306 306 HOH HOH A . 
C 3 HOH 5  307 307 HOH HOH A . 
C 3 HOH 6  308 308 HOH HOH A . 
C 3 HOH 7  309 309 HOH HOH A . 
C 3 HOH 8  310 310 HOH HOH A . 
C 3 HOH 9  311 311 HOH HOH A . 
C 3 HOH 10 313 313 HOH HOH A . 
C 3 HOH 11 314 314 HOH HOH A . 
C 3 HOH 12 315 315 HOH HOH A . 
C 3 HOH 13 316 316 HOH HOH A . 
C 3 HOH 14 317 317 HOH HOH A . 
C 3 HOH 15 318 318 HOH HOH A . 
C 3 HOH 16 319 319 HOH HOH A . 
C 3 HOH 17 320 320 HOH HOH A . 
C 3 HOH 18 321 321 HOH HOH A . 
C 3 HOH 19 322 322 HOH HOH A . 
C 3 HOH 20 323 323 HOH HOH A . 
C 3 HOH 21 324 324 HOH HOH A . 
C 3 HOH 22 325 325 HOH HOH A . 
C 3 HOH 23 326 326 HOH HOH A . 
C 3 HOH 24 327 327 HOH HOH A . 
C 3 HOH 25 328 328 HOH HOH A . 
D 3 HOH 1  302 302 HOH HOH B . 
D 3 HOH 2  305 305 HOH HOH B . 
D 3 HOH 3  312 312 HOH HOH B . 
# 
loop_
_software.name 
_software.classification 
_software.version 
_software.citation_id 
_software.pdbx_ordinal 
X-PLOR 'model building' . ? 1 
X-PLOR refinement       . ? 2 
X-PLOR phasing          . ? 3 
# 
_cell.entry_id           1SHB 
_cell.length_a           47.900 
_cell.length_b           47.900 
_cell.length_c           53.400 
_cell.angle_alpha        90.00 
_cell.angle_beta         90.00 
_cell.angle_gamma        90.00 
_cell.Z_PDB              4 
_cell.pdbx_unique_axis   ? 
# 
_symmetry.entry_id                         1SHB 
_symmetry.space_group_name_H-M             'P 41' 
_symmetry.pdbx_full_space_group_name_H-M   ? 
_symmetry.cell_setting                     ? 
_symmetry.Int_Tables_number                76 
# 
_exptl.entry_id          1SHB 
_exptl.method            'X-RAY DIFFRACTION' 
_exptl.crystals_number   ? 
# 
_exptl_crystal.id                    1 
_exptl_crystal.density_meas          ? 
_exptl_crystal.density_Matthews      2.43 
_exptl_crystal.density_percent_sol   49.42 
_exptl_crystal.description           ? 
# 
_refine.entry_id                                 1SHB 
_refine.ls_number_reflns_obs                     ? 
_refine.ls_number_reflns_all                     ? 
_refine.pdbx_ls_sigma_I                          ? 
_refine.pdbx_ls_sigma_F                          2.0 
_refine.pdbx_data_cutoff_high_absF               ? 
_refine.pdbx_data_cutoff_low_absF                ? 
_refine.pdbx_data_cutoff_high_rms_absF           ? 
_refine.ls_d_res_low                             6.0 
_refine.ls_d_res_high                            2.0 
_refine.ls_percent_reflns_obs                    ? 
_refine.ls_R_factor_obs                          0.1900000 
_refine.ls_R_factor_all                          ? 
_refine.ls_R_factor_R_work                       0.1900000 
_refine.ls_R_factor_R_free                       ? 
_refine.ls_R_factor_R_free_error                 ? 
_refine.ls_R_factor_R_free_error_details         ? 
_refine.ls_percent_reflns_R_free                 ? 
_refine.ls_number_reflns_R_free                  ? 
_refine.ls_number_parameters                     ? 
_refine.ls_number_restraints                     ? 
_refine.occupancy_min                            ? 
_refine.occupancy_max                            ? 
_refine.B_iso_mean                               ? 
_refine.aniso_B[1][1]                            ? 
_refine.aniso_B[2][2]                            ? 
_refine.aniso_B[3][3]                            ? 
_refine.aniso_B[1][2]                            ? 
_refine.aniso_B[1][3]                            ? 
_refine.aniso_B[2][3]                            ? 
_refine.solvent_model_details                    ? 
_refine.solvent_model_param_ksol                 ? 
_refine.solvent_model_param_bsol                 ? 
_refine.pdbx_ls_cross_valid_method               ? 
_refine.details                                  
;THE LOOP FROM RESIDUE 49 TO 53 IS DISORDERED AND IS NOT
CLEARLY VISIBLE IN THE ELECTRON DENSITY.
;
_refine.pdbx_starting_model                      ? 
_refine.pdbx_method_to_determine_struct          ? 
_refine.pdbx_isotropic_thermal_model             ? 
_refine.pdbx_stereochemistry_target_values       ? 
_refine.pdbx_stereochem_target_val_spec_case     ? 
_refine.pdbx_R_Free_selection_details            ? 
_refine.pdbx_overall_ESU_R                       ? 
_refine.pdbx_overall_ESU_R_Free                  ? 
_refine.overall_SU_ML                            ? 
_refine.overall_SU_B                             ? 
_refine.pdbx_refine_id                           'X-RAY DIFFRACTION' 
_refine.pdbx_diffrn_id                           1 
_refine.pdbx_TLS_residual_ADP_flag               ? 
_refine.correlation_coeff_Fo_to_Fc               ? 
_refine.correlation_coeff_Fo_to_Fc_free          ? 
_refine.pdbx_solvent_vdw_probe_radii             ? 
_refine.pdbx_solvent_ion_probe_radii             ? 
_refine.pdbx_solvent_shrinkage_radii             ? 
_refine.pdbx_overall_phase_error                 ? 
_refine.overall_SU_R_Cruickshank_DPI             ? 
_refine.pdbx_overall_SU_R_free_Cruickshank_DPI   ? 
_refine.pdbx_overall_SU_R_Blow_DPI               ? 
_refine.pdbx_overall_SU_R_free_Blow_DPI          ? 
# 
_refine_hist.pdbx_refine_id                   'X-RAY DIFFRACTION' 
_refine_hist.cycle_id                         LAST 
_refine_hist.pdbx_number_atoms_protein        882 
_refine_hist.pdbx_number_atoms_nucleic_acid   0 
_refine_hist.pdbx_number_atoms_ligand         0 
_refine_hist.number_atoms_solvent             28 
_refine_hist.number_atoms_total               910 
_refine_hist.d_res_high                       2.0 
_refine_hist.d_res_low                        6.0 
# 
loop_
_refine_ls_restr.type 
_refine_ls_restr.dev_ideal 
_refine_ls_restr.dev_ideal_target 
_refine_ls_restr.weight 
_refine_ls_restr.number 
_refine_ls_restr.pdbx_refine_id 
_refine_ls_restr.pdbx_restraint_function 
x_bond_d                0.015 ? ? ? 'X-RAY DIFFRACTION' ? 
x_bond_d_na             ?     ? ? ? 'X-RAY DIFFRACTION' ? 
x_bond_d_prot           ?     ? ? ? 'X-RAY DIFFRACTION' ? 
x_angle_d               ?     ? ? ? 'X-RAY DIFFRACTION' ? 
x_angle_d_na            ?     ? ? ? 'X-RAY DIFFRACTION' ? 
x_angle_d_prot          ?     ? ? ? 'X-RAY DIFFRACTION' ? 
x_angle_deg             3.1   ? ? ? 'X-RAY DIFFRACTION' ? 
x_angle_deg_na          ?     ? ? ? 'X-RAY DIFFRACTION' ? 
x_angle_deg_prot        ?     ? ? ? 'X-RAY DIFFRACTION' ? 
x_dihedral_angle_d      ?     ? ? ? 'X-RAY DIFFRACTION' ? 
x_dihedral_angle_d_na   ?     ? ? ? 'X-RAY DIFFRACTION' ? 
x_dihedral_angle_d_prot ?     ? ? ? 'X-RAY DIFFRACTION' ? 
x_improper_angle_d      ?     ? ? ? 'X-RAY DIFFRACTION' ? 
x_improper_angle_d_na   ?     ? ? ? 'X-RAY DIFFRACTION' ? 
x_improper_angle_d_prot ?     ? ? ? 'X-RAY DIFFRACTION' ? 
x_mcbond_it             ?     ? ? ? 'X-RAY DIFFRACTION' ? 
x_mcangle_it            ?     ? ? ? 'X-RAY DIFFRACTION' ? 
x_scbond_it             ?     ? ? ? 'X-RAY DIFFRACTION' ? 
x_scangle_it            ?     ? ? ? 'X-RAY DIFFRACTION' ? 
# 
_struct.entry_id                  1SHB 
_struct.title                     
'CRYSTAL STRUCTURE OF THE PHOSPHOTYROSINE RECOGNITION DOMAIN SH2 OF V-SRC COMPLEXED WITH TYROSINE-PHOSPHORYLATED PEPTIDES' 
_struct.pdbx_model_details        ? 
_struct.pdbx_CASP_flag            ? 
_struct.pdbx_model_type_details   ? 
# 
_struct_keywords.entry_id        1SHB 
_struct_keywords.pdbx_keywords   PHOSPHOTRANSFERASE 
_struct_keywords.text            PHOSPHOTRANSFERASE 
# 
loop_
_struct_asym.id 
_struct_asym.pdbx_blank_PDB_chainid_flag 
_struct_asym.pdbx_modified 
_struct_asym.entity_id 
_struct_asym.details 
A N N 1 ? 
B N N 2 ? 
C N N 3 ? 
D N N 3 ? 
# 
loop_
_struct_ref.id 
_struct_ref.db_name 
_struct_ref.db_code 
_struct_ref.pdbx_db_accession 
_struct_ref.entity_id 
_struct_ref.pdbx_align_begin 
_struct_ref.pdbx_db_isoform 
_struct_ref.pdbx_seq_one_letter_code 
1 UNP SRC_RSVSA P00524 1 143 ? ? 
2 PDB 1SHB      1SHB   2 ?   ? ? 
# 
loop_
_struct_ref_seq.align_id 
_struct_ref_seq.ref_id 
_struct_ref_seq.pdbx_PDB_id_code 
_struct_ref_seq.pdbx_strand_id 
_struct_ref_seq.seq_align_beg 
_struct_ref_seq.pdbx_seq_align_beg_ins_code 
_struct_ref_seq.seq_align_end 
_struct_ref_seq.pdbx_seq_align_end_ins_code 
_struct_ref_seq.pdbx_db_accession 
_struct_ref_seq.db_align_beg 
_struct_ref_seq.pdbx_db_align_beg_ins_code 
_struct_ref_seq.db_align_end 
_struct_ref_seq.pdbx_db_align_end_ins_code 
_struct_ref_seq.pdbx_auth_seq_align_beg 
_struct_ref_seq.pdbx_auth_seq_align_end 
1 1 1SHB A 1 ? 104 ? P00524 143 ? 246 ? 1   104 
2 2 1SHB B 1 ? 5   ? 1SHB   201 ? 205 ? 201 205 
# 
_pdbx_struct_assembly.id                   1 
_pdbx_struct_assembly.details              author_and_software_defined_assembly 
_pdbx_struct_assembly.method_details       PISA 
_pdbx_struct_assembly.oligomeric_details   dimeric 
_pdbx_struct_assembly.oligomeric_count     2 
# 
loop_
_pdbx_struct_assembly_prop.biol_id 
_pdbx_struct_assembly_prop.type 
_pdbx_struct_assembly_prop.value 
_pdbx_struct_assembly_prop.details 
1 'ABSA (A^2)' 970  ? 
1 MORE         -9   ? 
1 'SSA (A^2)'  6180 ? 
# 
_pdbx_struct_assembly_gen.assembly_id       1 
_pdbx_struct_assembly_gen.oper_expression   1 
_pdbx_struct_assembly_gen.asym_id_list      A,B,C,D 
# 
_pdbx_struct_oper_list.id                   1 
_pdbx_struct_oper_list.type                 'identity operation' 
_pdbx_struct_oper_list.name                 1_555 
_pdbx_struct_oper_list.symmetry_operation   x,y,z 
_pdbx_struct_oper_list.matrix[1][1]         1.0000000000 
_pdbx_struct_oper_list.matrix[1][2]         0.0000000000 
_pdbx_struct_oper_list.matrix[1][3]         0.0000000000 
_pdbx_struct_oper_list.vector[1]            0.0000000000 
_pdbx_struct_oper_list.matrix[2][1]         0.0000000000 
_pdbx_struct_oper_list.matrix[2][2]         1.0000000000 
_pdbx_struct_oper_list.matrix[2][3]         0.0000000000 
_pdbx_struct_oper_list.vector[2]            0.0000000000 
_pdbx_struct_oper_list.matrix[3][1]         0.0000000000 
_pdbx_struct_oper_list.matrix[3][2]         0.0000000000 
_pdbx_struct_oper_list.matrix[3][3]         1.0000000000 
_pdbx_struct_oper_list.vector[3]            0.0000000000 
# 
_struct_biol.id   1 
# 
loop_
_struct_conf.conf_type_id 
_struct_conf.id 
_struct_conf.pdbx_PDB_helix_id 
_struct_conf.beg_label_comp_id 
_struct_conf.beg_label_asym_id 
_struct_conf.beg_label_seq_id 
_struct_conf.pdbx_beg_PDB_ins_code 
_struct_conf.end_label_comp_id 
_struct_conf.end_label_asym_id 
_struct_conf.end_label_seq_id 
_struct_conf.pdbx_end_PDB_ins_code 
_struct_conf.beg_auth_comp_id 
_struct_conf.beg_auth_asym_id 
_struct_conf.beg_auth_seq_id 
_struct_conf.end_auth_comp_id 
_struct_conf.end_auth_asym_id 
_struct_conf.end_auth_seq_id 
_struct_conf.pdbx_PDB_helix_class 
_struct_conf.details 
_struct_conf.pdbx_PDB_helix_length 
HELX_P HELX_P1 1 THR A 11 ? LEU A 20 ? THR A 11 LEU A 20 1 ? 10 
HELX_P HELX_P2 2 SER A 79 ? SER A 88 ? SER A 79 SER A 88 1 ? 10 
# 
_struct_conf_type.id          HELX_P 
_struct_conf_type.criteria    ? 
_struct_conf_type.reference   ? 
# 
_struct_conn.id                            covale1 
_struct_conn.conn_type_id                  covale 
_struct_conn.pdbx_leaving_atom_flag        both 
_struct_conn.pdbx_PDB_id                   ? 
_struct_conn.ptnr1_label_asym_id           B 
_struct_conn.ptnr1_label_comp_id           PTR 
_struct_conn.ptnr1_label_seq_id            1 
_struct_conn.ptnr1_label_atom_id           C 
_struct_conn.pdbx_ptnr1_label_alt_id       ? 
_struct_conn.pdbx_ptnr1_PDB_ins_code       ? 
_struct_conn.pdbx_ptnr1_standard_comp_id   ? 
_struct_conn.ptnr1_symmetry                1_555 
_struct_conn.ptnr2_label_asym_id           B 
_struct_conn.ptnr2_label_comp_id           LEU 
_struct_conn.ptnr2_label_seq_id            2 
_struct_conn.ptnr2_label_atom_id           N 
_struct_conn.pdbx_ptnr2_label_alt_id       ? 
_struct_conn.pdbx_ptnr2_PDB_ins_code       ? 
_struct_conn.ptnr1_auth_asym_id            B 
_struct_conn.ptnr1_auth_comp_id            PTR 
_struct_conn.ptnr1_auth_seq_id             201 
_struct_conn.ptnr2_auth_asym_id            B 
_struct_conn.ptnr2_auth_comp_id            LEU 
_struct_conn.ptnr2_auth_seq_id             202 
_struct_conn.ptnr2_symmetry                1_555 
_struct_conn.pdbx_ptnr3_label_atom_id      ? 
_struct_conn.pdbx_ptnr3_label_seq_id       ? 
_struct_conn.pdbx_ptnr3_label_comp_id      ? 
_struct_conn.pdbx_ptnr3_label_asym_id      ? 
_struct_conn.pdbx_ptnr3_label_alt_id       ? 
_struct_conn.pdbx_ptnr3_PDB_ins_code       ? 
_struct_conn.details                       ? 
_struct_conn.pdbx_dist_value               1.342 
_struct_conn.pdbx_value_order              ? 
_struct_conn.pdbx_role                     ? 
# 
_struct_conn_type.id          covale 
_struct_conn_type.criteria    ? 
_struct_conn_type.reference   ? 
# 
_pdbx_modification_feature.ordinal                            1 
_pdbx_modification_feature.label_comp_id                      PTR 
_pdbx_modification_feature.label_asym_id                      B 
_pdbx_modification_feature.label_seq_id                       1 
_pdbx_modification_feature.label_alt_id                       ? 
_pdbx_modification_feature.modified_residue_label_comp_id     . 
_pdbx_modification_feature.modified_residue_label_asym_id     . 
_pdbx_modification_feature.modified_residue_label_seq_id      . 
_pdbx_modification_feature.modified_residue_label_alt_id      . 
_pdbx_modification_feature.auth_comp_id                       PTR 
_pdbx_modification_feature.auth_asym_id                       B 
_pdbx_modification_feature.auth_seq_id                        201 
_pdbx_modification_feature.PDB_ins_code                       ? 
_pdbx_modification_feature.symmetry                           1_555 
_pdbx_modification_feature.modified_residue_auth_comp_id      . 
_pdbx_modification_feature.modified_residue_auth_asym_id      . 
_pdbx_modification_feature.modified_residue_auth_seq_id       . 
_pdbx_modification_feature.modified_residue_PDB_ins_code      . 
_pdbx_modification_feature.modified_residue_symmetry          . 
_pdbx_modification_feature.comp_id_linking_atom               . 
_pdbx_modification_feature.modified_residue_id_linking_atom   . 
_pdbx_modification_feature.modified_residue_id                TYR 
_pdbx_modification_feature.ref_pcm_id                         1 
_pdbx_modification_feature.ref_comp_id                        PTR 
_pdbx_modification_feature.type                               Phosphorylation 
_pdbx_modification_feature.category                           'Named protein modification' 
# 
_struct_sheet.id               A 
_struct_sheet.type             ? 
_struct_sheet.number_strands   5 
_struct_sheet.details          ? 
# 
loop_
_struct_sheet_order.sheet_id 
_struct_sheet_order.range_id_1 
_struct_sheet_order.range_id_2 
_struct_sheet_order.offset 
_struct_sheet_order.sense 
A 1 2 ? anti-parallel 
A 2 3 ? anti-parallel 
A 3 4 ? anti-parallel 
A 4 5 ? anti-parallel 
# 
loop_
_struct_sheet_range.sheet_id 
_struct_sheet_range.id 
_struct_sheet_range.beg_label_comp_id 
_struct_sheet_range.beg_label_asym_id 
_struct_sheet_range.beg_label_seq_id 
_struct_sheet_range.pdbx_beg_PDB_ins_code 
_struct_sheet_range.end_label_comp_id 
_struct_sheet_range.end_label_asym_id 
_struct_sheet_range.end_label_seq_id 
_struct_sheet_range.pdbx_end_PDB_ins_code 
_struct_sheet_range.beg_auth_comp_id 
_struct_sheet_range.beg_auth_asym_id 
_struct_sheet_range.beg_auth_seq_id 
_struct_sheet_range.end_auth_comp_id 
_struct_sheet_range.end_auth_asym_id 
_struct_sheet_range.end_auth_seq_id 
A 1 PHE A 29 ? GLU A 33 ? PHE A 29 GLU A 33 
A 2 TYR A 41 ? ASP A 49 ? TYR A 41 ASP A 49 
A 3 GLY A 53 ? LYS A 63 ? GLY A 53 LYS A 63 
A 4 PHE A 69 ? TYR A 70 ? PHE A 69 TYR A 70 
A 5 GLN A 76 ? PHE A 77 ? GLN A 76 PHE A 77 
# 
loop_
_pdbx_struct_sheet_hbond.sheet_id 
_pdbx_struct_sheet_hbond.range_id_1 
_pdbx_struct_sheet_hbond.range_id_2 
_pdbx_struct_sheet_hbond.range_1_label_atom_id 
_pdbx_struct_sheet_hbond.range_1_label_comp_id 
_pdbx_struct_sheet_hbond.range_1_label_asym_id 
_pdbx_struct_sheet_hbond.range_1_label_seq_id 
_pdbx_struct_sheet_hbond.range_1_PDB_ins_code 
_pdbx_struct_sheet_hbond.range_1_auth_atom_id 
_pdbx_struct_sheet_hbond.range_1_auth_comp_id 
_pdbx_struct_sheet_hbond.range_1_auth_asym_id 
_pdbx_struct_sheet_hbond.range_1_auth_seq_id 
_pdbx_struct_sheet_hbond.range_2_label_atom_id 
_pdbx_struct_sheet_hbond.range_2_label_comp_id 
_pdbx_struct_sheet_hbond.range_2_label_asym_id 
_pdbx_struct_sheet_hbond.range_2_label_seq_id 
_pdbx_struct_sheet_hbond.range_2_PDB_ins_code 
_pdbx_struct_sheet_hbond.range_2_auth_atom_id 
_pdbx_struct_sheet_hbond.range_2_auth_comp_id 
_pdbx_struct_sheet_hbond.range_2_auth_asym_id 
_pdbx_struct_sheet_hbond.range_2_auth_seq_id 
A 1 2 O ARG A 32 ? O ARG A 32 N CYS A 42 ? N CYS A 42 
A 2 3 O ASP A 49 ? O ASP A 49 N GLY A 53 ? N GLY A 53 
A 3 4 N ARG A 62 ? N ARG A 62 O TYR A 70 ? O TYR A 70 
A 4 5 N PHE A 69 ? N PHE A 69 O PHE A 77 ? O PHE A 77 
# 
_struct_site.id                   AC1 
_struct_site.pdbx_evidence_code   Software 
_struct_site.pdbx_auth_asym_id    ? 
_struct_site.pdbx_auth_comp_id    ? 
_struct_site.pdbx_auth_seq_id     ? 
_struct_site.pdbx_auth_ins_code   ? 
_struct_site.pdbx_num_residues    6 
_struct_site.details              'BINDING SITE FOR RESIDUE PO4 B 206' 
# 
loop_
_struct_site_gen.id 
_struct_site_gen.site_id 
_struct_site_gen.pdbx_num_res 
_struct_site_gen.label_comp_id 
_struct_site_gen.label_asym_id 
_struct_site_gen.label_seq_id 
_struct_site_gen.pdbx_auth_ins_code 
_struct_site_gen.auth_comp_id 
_struct_site_gen.auth_asym_id 
_struct_site_gen.auth_seq_id 
_struct_site_gen.label_atom_id 
_struct_site_gen.label_alt_id 
_struct_site_gen.symmetry 
_struct_site_gen.details 
1 AC1 6 ARG A 12 ? ARG A 12  . ? 1_555 ? 
2 AC1 6 ARG A 32 ? ARG A 32  . ? 1_555 ? 
3 AC1 6 SER A 34 ? SER A 34  . ? 1_555 ? 
4 AC1 6 GLU A 35 ? GLU A 35  . ? 1_555 ? 
5 AC1 6 THR A 36 ? THR A 36  . ? 1_555 ? 
6 AC1 6 HOH D .  ? HOH B 312 . ? 1_555 ? 
# 
_pdbx_entry_details.entry_id                   1SHB 
_pdbx_entry_details.compound_details           ? 
_pdbx_entry_details.source_details             ? 
_pdbx_entry_details.nonpolymer_details         ? 
_pdbx_entry_details.sequence_details           ? 
_pdbx_entry_details.has_ligand_of_interest     ? 
_pdbx_entry_details.has_protein_modification   Y 
# 
_pdbx_validate_rmsd_bond.id                        1 
_pdbx_validate_rmsd_bond.PDB_model_num             1 
_pdbx_validate_rmsd_bond.auth_atom_id_1            NE2 
_pdbx_validate_rmsd_bond.auth_asym_id_1            A 
_pdbx_validate_rmsd_bond.auth_comp_id_1            HIS 
_pdbx_validate_rmsd_bond.auth_seq_id_1             96 
_pdbx_validate_rmsd_bond.PDB_ins_code_1            ? 
_pdbx_validate_rmsd_bond.label_alt_id_1            ? 
_pdbx_validate_rmsd_bond.auth_atom_id_2            CD2 
_pdbx_validate_rmsd_bond.auth_asym_id_2            A 
_pdbx_validate_rmsd_bond.auth_comp_id_2            HIS 
_pdbx_validate_rmsd_bond.auth_seq_id_2             96 
_pdbx_validate_rmsd_bond.PDB_ins_code_2            ? 
_pdbx_validate_rmsd_bond.label_alt_id_2            ? 
_pdbx_validate_rmsd_bond.bond_value                1.304 
_pdbx_validate_rmsd_bond.bond_target_value         1.373 
_pdbx_validate_rmsd_bond.bond_deviation            -0.069 
_pdbx_validate_rmsd_bond.bond_standard_deviation   0.011 
_pdbx_validate_rmsd_bond.linker_flag               N 
# 
loop_
_pdbx_validate_rmsd_angle.id 
_pdbx_validate_rmsd_angle.PDB_model_num 
_pdbx_validate_rmsd_angle.auth_atom_id_1 
_pdbx_validate_rmsd_angle.auth_asym_id_1 
_pdbx_validate_rmsd_angle.auth_comp_id_1 
_pdbx_validate_rmsd_angle.auth_seq_id_1 
_pdbx_validate_rmsd_angle.PDB_ins_code_1 
_pdbx_validate_rmsd_angle.label_alt_id_1 
_pdbx_validate_rmsd_angle.auth_atom_id_2 
_pdbx_validate_rmsd_angle.auth_asym_id_2 
_pdbx_validate_rmsd_angle.auth_comp_id_2 
_pdbx_validate_rmsd_angle.auth_seq_id_2 
_pdbx_validate_rmsd_angle.PDB_ins_code_2 
_pdbx_validate_rmsd_angle.label_alt_id_2 
_pdbx_validate_rmsd_angle.auth_atom_id_3 
_pdbx_validate_rmsd_angle.auth_asym_id_3 
_pdbx_validate_rmsd_angle.auth_comp_id_3 
_pdbx_validate_rmsd_angle.auth_seq_id_3 
_pdbx_validate_rmsd_angle.PDB_ins_code_3 
_pdbx_validate_rmsd_angle.label_alt_id_3 
_pdbx_validate_rmsd_angle.angle_value 
_pdbx_validate_rmsd_angle.angle_target_value 
_pdbx_validate_rmsd_angle.angle_deviation 
_pdbx_validate_rmsd_angle.angle_standard_deviation 
_pdbx_validate_rmsd_angle.linker_flag 
1 1 CD1 A TRP 5   ? ? CG  A TRP 5   ? ? CD2 A TRP 5   ? ? 112.45 106.30 6.15  0.80 N 
2 1 CB  A TRP 5   ? ? CG  A TRP 5   ? ? CD1 A TRP 5   ? ? 118.40 127.00 -8.60 1.30 N 
3 1 CE2 A TRP 5   ? ? CD2 A TRP 5   ? ? CG  A TRP 5   ? ? 101.72 107.30 -5.58 0.80 N 
4 1 NE  A ARG 74  ? ? CZ  A ARG 74  ? ? NH1 A ARG 74  ? ? 125.31 120.30 5.01  0.50 N 
5 1 NE  A ARG 74  ? ? CZ  A ARG 74  ? ? NH2 A ARG 74  ? ? 115.17 120.30 -5.13 0.50 N 
6 1 NE  A ARG 97  ? ? CZ  A ARG 97  ? ? NH2 A ARG 97  ? ? 117.08 120.30 -3.22 0.50 N 
7 1 C   B VAL 204 ? ? N   B ALA 205 ? ? CA  B ALA 205 ? ? 137.81 121.70 16.11 2.50 Y 
8 1 N   B ALA 205 ? ? CA  B ALA 205 ? ? C   B ALA 205 ? ? 130.89 111.00 19.89 2.70 N 
# 
loop_
_pdbx_validate_torsion.id 
_pdbx_validate_torsion.PDB_model_num 
_pdbx_validate_torsion.auth_comp_id 
_pdbx_validate_torsion.auth_asym_id 
_pdbx_validate_torsion.auth_seq_id 
_pdbx_validate_torsion.PDB_ins_code 
_pdbx_validate_torsion.label_alt_id 
_pdbx_validate_torsion.phi 
_pdbx_validate_torsion.psi 
1 1 GLU A 3  ? ? 48.45   -73.86 
2 1 ASP A 92 ? ? 27.58   57.62  
3 1 THR A 99 ? ? -111.16 -78.34 
# 
_pdbx_struct_mod_residue.id               1 
_pdbx_struct_mod_residue.label_asym_id    B 
_pdbx_struct_mod_residue.label_comp_id    PTR 
_pdbx_struct_mod_residue.label_seq_id     1 
_pdbx_struct_mod_residue.auth_asym_id     B 
_pdbx_struct_mod_residue.auth_comp_id     PTR 
_pdbx_struct_mod_residue.auth_seq_id      201 
_pdbx_struct_mod_residue.PDB_ins_code     ? 
_pdbx_struct_mod_residue.parent_comp_id   TYR 
_pdbx_struct_mod_residue.details          O-PHOSPHOTYROSINE 
# 
_pdbx_unobs_or_zero_occ_residues.id               1 
_pdbx_unobs_or_zero_occ_residues.PDB_model_num    1 
_pdbx_unobs_or_zero_occ_residues.polymer_flag     Y 
_pdbx_unobs_or_zero_occ_residues.occupancy_flag   1 
_pdbx_unobs_or_zero_occ_residues.auth_asym_id     A 
_pdbx_unobs_or_zero_occ_residues.auth_comp_id     GLN 
_pdbx_unobs_or_zero_occ_residues.auth_seq_id      1 
_pdbx_unobs_or_zero_occ_residues.PDB_ins_code     ? 
_pdbx_unobs_or_zero_occ_residues.label_asym_id    A 
_pdbx_unobs_or_zero_occ_residues.label_comp_id    GLN 
_pdbx_unobs_or_zero_occ_residues.label_seq_id     1 
# 
loop_
_chem_comp_atom.comp_id 
_chem_comp_atom.atom_id 
_chem_comp_atom.type_symbol 
_chem_comp_atom.pdbx_aromatic_flag 
_chem_comp_atom.pdbx_stereo_config 
_chem_comp_atom.pdbx_ordinal 
ALA N    N N N 1   
ALA CA   C N S 2   
ALA C    C N N 3   
ALA O    O N N 4   
ALA CB   C N N 5   
ALA OXT  O N N 6   
ALA H    H N N 7   
ALA H2   H N N 8   
ALA HA   H N N 9   
ALA HB1  H N N 10  
ALA HB2  H N N 11  
ALA HB3  H N N 12  
ALA HXT  H N N 13  
ARG N    N N N 14  
ARG CA   C N S 15  
ARG C    C N N 16  
ARG O    O N N 17  
ARG CB   C N N 18  
ARG CG   C N N 19  
ARG CD   C N N 20  
ARG NE   N N N 21  
ARG CZ   C N N 22  
ARG NH1  N N N 23  
ARG NH2  N N N 24  
ARG OXT  O N N 25  
ARG H    H N N 26  
ARG H2   H N N 27  
ARG HA   H N N 28  
ARG HB2  H N N 29  
ARG HB3  H N N 30  
ARG HG2  H N N 31  
ARG HG3  H N N 32  
ARG HD2  H N N 33  
ARG HD3  H N N 34  
ARG HE   H N N 35  
ARG HH11 H N N 36  
ARG HH12 H N N 37  
ARG HH21 H N N 38  
ARG HH22 H N N 39  
ARG HXT  H N N 40  
ASN N    N N N 41  
ASN CA   C N S 42  
ASN C    C N N 43  
ASN O    O N N 44  
ASN CB   C N N 45  
ASN CG   C N N 46  
ASN OD1  O N N 47  
ASN ND2  N N N 48  
ASN OXT  O N N 49  
ASN H    H N N 50  
ASN H2   H N N 51  
ASN HA   H N N 52  
ASN HB2  H N N 53  
ASN HB3  H N N 54  
ASN HD21 H N N 55  
ASN HD22 H N N 56  
ASN HXT  H N N 57  
ASP N    N N N 58  
ASP CA   C N S 59  
ASP C    C N N 60  
ASP O    O N N 61  
ASP CB   C N N 62  
ASP CG   C N N 63  
ASP OD1  O N N 64  
ASP OD2  O N N 65  
ASP OXT  O N N 66  
ASP H    H N N 67  
ASP H2   H N N 68  
ASP HA   H N N 69  
ASP HB2  H N N 70  
ASP HB3  H N N 71  
ASP HD2  H N N 72  
ASP HXT  H N N 73  
CYS N    N N N 74  
CYS CA   C N R 75  
CYS C    C N N 76  
CYS O    O N N 77  
CYS CB   C N N 78  
CYS SG   S N N 79  
CYS OXT  O N N 80  
CYS H    H N N 81  
CYS H2   H N N 82  
CYS HA   H N N 83  
CYS HB2  H N N 84  
CYS HB3  H N N 85  
CYS HG   H N N 86  
CYS HXT  H N N 87  
GLN N    N N N 88  
GLN CA   C N S 89  
GLN C    C N N 90  
GLN O    O N N 91  
GLN CB   C N N 92  
GLN CG   C N N 93  
GLN CD   C N N 94  
GLN OE1  O N N 95  
GLN NE2  N N N 96  
GLN OXT  O N N 97  
GLN H    H N N 98  
GLN H2   H N N 99  
GLN HA   H N N 100 
GLN HB2  H N N 101 
GLN HB3  H N N 102 
GLN HG2  H N N 103 
GLN HG3  H N N 104 
GLN HE21 H N N 105 
GLN HE22 H N N 106 
GLN HXT  H N N 107 
GLU N    N N N 108 
GLU CA   C N S 109 
GLU C    C N N 110 
GLU O    O N N 111 
GLU CB   C N N 112 
GLU CG   C N N 113 
GLU CD   C N N 114 
GLU OE1  O N N 115 
GLU OE2  O N N 116 
GLU OXT  O N N 117 
GLU H    H N N 118 
GLU H2   H N N 119 
GLU HA   H N N 120 
GLU HB2  H N N 121 
GLU HB3  H N N 122 
GLU HG2  H N N 123 
GLU HG3  H N N 124 
GLU HE2  H N N 125 
GLU HXT  H N N 126 
GLY N    N N N 127 
GLY CA   C N N 128 
GLY C    C N N 129 
GLY O    O N N 130 
GLY OXT  O N N 131 
GLY H    H N N 132 
GLY H2   H N N 133 
GLY HA2  H N N 134 
GLY HA3  H N N 135 
GLY HXT  H N N 136 
HIS N    N N N 137 
HIS CA   C N S 138 
HIS C    C N N 139 
HIS O    O N N 140 
HIS CB   C N N 141 
HIS CG   C Y N 142 
HIS ND1  N Y N 143 
HIS CD2  C Y N 144 
HIS CE1  C Y N 145 
HIS NE2  N Y N 146 
HIS OXT  O N N 147 
HIS H    H N N 148 
HIS H2   H N N 149 
HIS HA   H N N 150 
HIS HB2  H N N 151 
HIS HB3  H N N 152 
HIS HD1  H N N 153 
HIS HD2  H N N 154 
HIS HE1  H N N 155 
HIS HE2  H N N 156 
HIS HXT  H N N 157 
HOH O    O N N 158 
HOH H1   H N N 159 
HOH H2   H N N 160 
ILE N    N N N 161 
ILE CA   C N S 162 
ILE C    C N N 163 
ILE O    O N N 164 
ILE CB   C N S 165 
ILE CG1  C N N 166 
ILE CG2  C N N 167 
ILE CD1  C N N 168 
ILE OXT  O N N 169 
ILE H    H N N 170 
ILE H2   H N N 171 
ILE HA   H N N 172 
ILE HB   H N N 173 
ILE HG12 H N N 174 
ILE HG13 H N N 175 
ILE HG21 H N N 176 
ILE HG22 H N N 177 
ILE HG23 H N N 178 
ILE HD11 H N N 179 
ILE HD12 H N N 180 
ILE HD13 H N N 181 
ILE HXT  H N N 182 
LEU N    N N N 183 
LEU CA   C N S 184 
LEU C    C N N 185 
LEU O    O N N 186 
LEU CB   C N N 187 
LEU CG   C N N 188 
LEU CD1  C N N 189 
LEU CD2  C N N 190 
LEU OXT  O N N 191 
LEU H    H N N 192 
LEU H2   H N N 193 
LEU HA   H N N 194 
LEU HB2  H N N 195 
LEU HB3  H N N 196 
LEU HG   H N N 197 
LEU HD11 H N N 198 
LEU HD12 H N N 199 
LEU HD13 H N N 200 
LEU HD21 H N N 201 
LEU HD22 H N N 202 
LEU HD23 H N N 203 
LEU HXT  H N N 204 
LYS N    N N N 205 
LYS CA   C N S 206 
LYS C    C N N 207 
LYS O    O N N 208 
LYS CB   C N N 209 
LYS CG   C N N 210 
LYS CD   C N N 211 
LYS CE   C N N 212 
LYS NZ   N N N 213 
LYS OXT  O N N 214 
LYS H    H N N 215 
LYS H2   H N N 216 
LYS HA   H N N 217 
LYS HB2  H N N 218 
LYS HB3  H N N 219 
LYS HG2  H N N 220 
LYS HG3  H N N 221 
LYS HD2  H N N 222 
LYS HD3  H N N 223 
LYS HE2  H N N 224 
LYS HE3  H N N 225 
LYS HZ1  H N N 226 
LYS HZ2  H N N 227 
LYS HZ3  H N N 228 
LYS HXT  H N N 229 
PHE N    N N N 230 
PHE CA   C N S 231 
PHE C    C N N 232 
PHE O    O N N 233 
PHE CB   C N N 234 
PHE CG   C Y N 235 
PHE CD1  C Y N 236 
PHE CD2  C Y N 237 
PHE CE1  C Y N 238 
PHE CE2  C Y N 239 
PHE CZ   C Y N 240 
PHE OXT  O N N 241 
PHE H    H N N 242 
PHE H2   H N N 243 
PHE HA   H N N 244 
PHE HB2  H N N 245 
PHE HB3  H N N 246 
PHE HD1  H N N 247 
PHE HD2  H N N 248 
PHE HE1  H N N 249 
PHE HE2  H N N 250 
PHE HZ   H N N 251 
PHE HXT  H N N 252 
PRO N    N N N 253 
PRO CA   C N S 254 
PRO C    C N N 255 
PRO O    O N N 256 
PRO CB   C N N 257 
PRO CG   C N N 258 
PRO CD   C N N 259 
PRO OXT  O N N 260 
PRO H    H N N 261 
PRO HA   H N N 262 
PRO HB2  H N N 263 
PRO HB3  H N N 264 
PRO HG2  H N N 265 
PRO HG3  H N N 266 
PRO HD2  H N N 267 
PRO HD3  H N N 268 
PRO HXT  H N N 269 
PTR N    N N N 270 
PTR CA   C N S 271 
PTR C    C N N 272 
PTR O    O N N 273 
PTR OXT  O N N 274 
PTR CB   C N N 275 
PTR CG   C Y N 276 
PTR CD1  C Y N 277 
PTR CD2  C Y N 278 
PTR CE1  C Y N 279 
PTR CE2  C Y N 280 
PTR CZ   C Y N 281 
PTR OH   O N N 282 
PTR P    P N N 283 
PTR O1P  O N N 284 
PTR O2P  O N N 285 
PTR O3P  O N N 286 
PTR H    H N N 287 
PTR H2   H N N 288 
PTR HA   H N N 289 
PTR HXT  H N N 290 
PTR HB2  H N N 291 
PTR HB3  H N N 292 
PTR HD1  H N N 293 
PTR HD2  H N N 294 
PTR HE1  H N N 295 
PTR HE2  H N N 296 
PTR HO2P H N N 297 
PTR HO3P H N N 298 
SER N    N N N 299 
SER CA   C N S 300 
SER C    C N N 301 
SER O    O N N 302 
SER CB   C N N 303 
SER OG   O N N 304 
SER OXT  O N N 305 
SER H    H N N 306 
SER H2   H N N 307 
SER HA   H N N 308 
SER HB2  H N N 309 
SER HB3  H N N 310 
SER HG   H N N 311 
SER HXT  H N N 312 
THR N    N N N 313 
THR CA   C N S 314 
THR C    C N N 315 
THR O    O N N 316 
THR CB   C N R 317 
THR OG1  O N N 318 
THR CG2  C N N 319 
THR OXT  O N N 320 
THR H    H N N 321 
THR H2   H N N 322 
THR HA   H N N 323 
THR HB   H N N 324 
THR HG1  H N N 325 
THR HG21 H N N 326 
THR HG22 H N N 327 
THR HG23 H N N 328 
THR HXT  H N N 329 
TRP N    N N N 330 
TRP CA   C N S 331 
TRP C    C N N 332 
TRP O    O N N 333 
TRP CB   C N N 334 
TRP CG   C Y N 335 
TRP CD1  C Y N 336 
TRP CD2  C Y N 337 
TRP NE1  N Y N 338 
TRP CE2  C Y N 339 
TRP CE3  C Y N 340 
TRP CZ2  C Y N 341 
TRP CZ3  C Y N 342 
TRP CH2  C Y N 343 
TRP OXT  O N N 344 
TRP H    H N N 345 
TRP H2   H N N 346 
TRP HA   H N N 347 
TRP HB2  H N N 348 
TRP HB3  H N N 349 
TRP HD1  H N N 350 
TRP HE1  H N N 351 
TRP HE3  H N N 352 
TRP HZ2  H N N 353 
TRP HZ3  H N N 354 
TRP HH2  H N N 355 
TRP HXT  H N N 356 
TYR N    N N N 357 
TYR CA   C N S 358 
TYR C    C N N 359 
TYR O    O N N 360 
TYR CB   C N N 361 
TYR CG   C Y N 362 
TYR CD1  C Y N 363 
TYR CD2  C Y N 364 
TYR CE1  C Y N 365 
TYR CE2  C Y N 366 
TYR CZ   C Y N 367 
TYR OH   O N N 368 
TYR OXT  O N N 369 
TYR H    H N N 370 
TYR H2   H N N 371 
TYR HA   H N N 372 
TYR HB2  H N N 373 
TYR HB3  H N N 374 
TYR HD1  H N N 375 
TYR HD2  H N N 376 
TYR HE1  H N N 377 
TYR HE2  H N N 378 
TYR HH   H N N 379 
TYR HXT  H N N 380 
VAL N    N N N 381 
VAL CA   C N S 382 
VAL C    C N N 383 
VAL O    O N N 384 
VAL CB   C N N 385 
VAL CG1  C N N 386 
VAL CG2  C N N 387 
VAL OXT  O N N 388 
VAL H    H N N 389 
VAL H2   H N N 390 
VAL HA   H N N 391 
VAL HB   H N N 392 
VAL HG11 H N N 393 
VAL HG12 H N N 394 
VAL HG13 H N N 395 
VAL HG21 H N N 396 
VAL HG22 H N N 397 
VAL HG23 H N N 398 
VAL HXT  H N N 399 
# 
loop_
_chem_comp_bond.comp_id 
_chem_comp_bond.atom_id_1 
_chem_comp_bond.atom_id_2 
_chem_comp_bond.value_order 
_chem_comp_bond.pdbx_aromatic_flag 
_chem_comp_bond.pdbx_stereo_config 
_chem_comp_bond.pdbx_ordinal 
ALA N   CA   sing N N 1   
ALA N   H    sing N N 2   
ALA N   H2   sing N N 3   
ALA CA  C    sing N N 4   
ALA CA  CB   sing N N 5   
ALA CA  HA   sing N N 6   
ALA C   O    doub N N 7   
ALA C   OXT  sing N N 8   
ALA CB  HB1  sing N N 9   
ALA CB  HB2  sing N N 10  
ALA CB  HB3  sing N N 11  
ALA OXT HXT  sing N N 12  
ARG N   CA   sing N N 13  
ARG N   H    sing N N 14  
ARG N   H2   sing N N 15  
ARG CA  C    sing N N 16  
ARG CA  CB   sing N N 17  
ARG CA  HA   sing N N 18  
ARG C   O    doub N N 19  
ARG C   OXT  sing N N 20  
ARG CB  CG   sing N N 21  
ARG CB  HB2  sing N N 22  
ARG CB  HB3  sing N N 23  
ARG CG  CD   sing N N 24  
ARG CG  HG2  sing N N 25  
ARG CG  HG3  sing N N 26  
ARG CD  NE   sing N N 27  
ARG CD  HD2  sing N N 28  
ARG CD  HD3  sing N N 29  
ARG NE  CZ   sing N N 30  
ARG NE  HE   sing N N 31  
ARG CZ  NH1  sing N N 32  
ARG CZ  NH2  doub N N 33  
ARG NH1 HH11 sing N N 34  
ARG NH1 HH12 sing N N 35  
ARG NH2 HH21 sing N N 36  
ARG NH2 HH22 sing N N 37  
ARG OXT HXT  sing N N 38  
ASN N   CA   sing N N 39  
ASN N   H    sing N N 40  
ASN N   H2   sing N N 41  
ASN CA  C    sing N N 42  
ASN CA  CB   sing N N 43  
ASN CA  HA   sing N N 44  
ASN C   O    doub N N 45  
ASN C   OXT  sing N N 46  
ASN CB  CG   sing N N 47  
ASN CB  HB2  sing N N 48  
ASN CB  HB3  sing N N 49  
ASN CG  OD1  doub N N 50  
ASN CG  ND2  sing N N 51  
ASN ND2 HD21 sing N N 52  
ASN ND2 HD22 sing N N 53  
ASN OXT HXT  sing N N 54  
ASP N   CA   sing N N 55  
ASP N   H    sing N N 56  
ASP N   H2   sing N N 57  
ASP CA  C    sing N N 58  
ASP CA  CB   sing N N 59  
ASP CA  HA   sing N N 60  
ASP C   O    doub N N 61  
ASP C   OXT  sing N N 62  
ASP CB  CG   sing N N 63  
ASP CB  HB2  sing N N 64  
ASP CB  HB3  sing N N 65  
ASP CG  OD1  doub N N 66  
ASP CG  OD2  sing N N 67  
ASP OD2 HD2  sing N N 68  
ASP OXT HXT  sing N N 69  
CYS N   CA   sing N N 70  
CYS N   H    sing N N 71  
CYS N   H2   sing N N 72  
CYS CA  C    sing N N 73  
CYS CA  CB   sing N N 74  
CYS CA  HA   sing N N 75  
CYS C   O    doub N N 76  
CYS C   OXT  sing N N 77  
CYS CB  SG   sing N N 78  
CYS CB  HB2  sing N N 79  
CYS CB  HB3  sing N N 80  
CYS SG  HG   sing N N 81  
CYS OXT HXT  sing N N 82  
GLN N   CA   sing N N 83  
GLN N   H    sing N N 84  
GLN N   H2   sing N N 85  
GLN CA  C    sing N N 86  
GLN CA  CB   sing N N 87  
GLN CA  HA   sing N N 88  
GLN C   O    doub N N 89  
GLN C   OXT  sing N N 90  
GLN CB  CG   sing N N 91  
GLN CB  HB2  sing N N 92  
GLN CB  HB3  sing N N 93  
GLN CG  CD   sing N N 94  
GLN CG  HG2  sing N N 95  
GLN CG  HG3  sing N N 96  
GLN CD  OE1  doub N N 97  
GLN CD  NE2  sing N N 98  
GLN NE2 HE21 sing N N 99  
GLN NE2 HE22 sing N N 100 
GLN OXT HXT  sing N N 101 
GLU N   CA   sing N N 102 
GLU N   H    sing N N 103 
GLU N   H2   sing N N 104 
GLU CA  C    sing N N 105 
GLU CA  CB   sing N N 106 
GLU CA  HA   sing N N 107 
GLU C   O    doub N N 108 
GLU C   OXT  sing N N 109 
GLU CB  CG   sing N N 110 
GLU CB  HB2  sing N N 111 
GLU CB  HB3  sing N N 112 
GLU CG  CD   sing N N 113 
GLU CG  HG2  sing N N 114 
GLU CG  HG3  sing N N 115 
GLU CD  OE1  doub N N 116 
GLU CD  OE2  sing N N 117 
GLU OE2 HE2  sing N N 118 
GLU OXT HXT  sing N N 119 
GLY N   CA   sing N N 120 
GLY N   H    sing N N 121 
GLY N   H2   sing N N 122 
GLY CA  C    sing N N 123 
GLY CA  HA2  sing N N 124 
GLY CA  HA3  sing N N 125 
GLY C   O    doub N N 126 
GLY C   OXT  sing N N 127 
GLY OXT HXT  sing N N 128 
HIS N   CA   sing N N 129 
HIS N   H    sing N N 130 
HIS N   H2   sing N N 131 
HIS CA  C    sing N N 132 
HIS CA  CB   sing N N 133 
HIS CA  HA   sing N N 134 
HIS C   O    doub N N 135 
HIS C   OXT  sing N N 136 
HIS CB  CG   sing N N 137 
HIS CB  HB2  sing N N 138 
HIS CB  HB3  sing N N 139 
HIS CG  ND1  sing Y N 140 
HIS CG  CD2  doub Y N 141 
HIS ND1 CE1  doub Y N 142 
HIS ND1 HD1  sing N N 143 
HIS CD2 NE2  sing Y N 144 
HIS CD2 HD2  sing N N 145 
HIS CE1 NE2  sing Y N 146 
HIS CE1 HE1  sing N N 147 
HIS NE2 HE2  sing N N 148 
HIS OXT HXT  sing N N 149 
HOH O   H1   sing N N 150 
HOH O   H2   sing N N 151 
ILE N   CA   sing N N 152 
ILE N   H    sing N N 153 
ILE N   H2   sing N N 154 
ILE CA  C    sing N N 155 
ILE CA  CB   sing N N 156 
ILE CA  HA   sing N N 157 
ILE C   O    doub N N 158 
ILE C   OXT  sing N N 159 
ILE CB  CG1  sing N N 160 
ILE CB  CG2  sing N N 161 
ILE CB  HB   sing N N 162 
ILE CG1 CD1  sing N N 163 
ILE CG1 HG12 sing N N 164 
ILE CG1 HG13 sing N N 165 
ILE CG2 HG21 sing N N 166 
ILE CG2 HG22 sing N N 167 
ILE CG2 HG23 sing N N 168 
ILE CD1 HD11 sing N N 169 
ILE CD1 HD12 sing N N 170 
ILE CD1 HD13 sing N N 171 
ILE OXT HXT  sing N N 172 
LEU N   CA   sing N N 173 
LEU N   H    sing N N 174 
LEU N   H2   sing N N 175 
LEU CA  C    sing N N 176 
LEU CA  CB   sing N N 177 
LEU CA  HA   sing N N 178 
LEU C   O    doub N N 179 
LEU C   OXT  sing N N 180 
LEU CB  CG   sing N N 181 
LEU CB  HB2  sing N N 182 
LEU CB  HB3  sing N N 183 
LEU CG  CD1  sing N N 184 
LEU CG  CD2  sing N N 185 
LEU CG  HG   sing N N 186 
LEU CD1 HD11 sing N N 187 
LEU CD1 HD12 sing N N 188 
LEU CD1 HD13 sing N N 189 
LEU CD2 HD21 sing N N 190 
LEU CD2 HD22 sing N N 191 
LEU CD2 HD23 sing N N 192 
LEU OXT HXT  sing N N 193 
LYS N   CA   sing N N 194 
LYS N   H    sing N N 195 
LYS N   H2   sing N N 196 
LYS CA  C    sing N N 197 
LYS CA  CB   sing N N 198 
LYS CA  HA   sing N N 199 
LYS C   O    doub N N 200 
LYS C   OXT  sing N N 201 
LYS CB  CG   sing N N 202 
LYS CB  HB2  sing N N 203 
LYS CB  HB3  sing N N 204 
LYS CG  CD   sing N N 205 
LYS CG  HG2  sing N N 206 
LYS CG  HG3  sing N N 207 
LYS CD  CE   sing N N 208 
LYS CD  HD2  sing N N 209 
LYS CD  HD3  sing N N 210 
LYS CE  NZ   sing N N 211 
LYS CE  HE2  sing N N 212 
LYS CE  HE3  sing N N 213 
LYS NZ  HZ1  sing N N 214 
LYS NZ  HZ2  sing N N 215 
LYS NZ  HZ3  sing N N 216 
LYS OXT HXT  sing N N 217 
PHE N   CA   sing N N 218 
PHE N   H    sing N N 219 
PHE N   H2   sing N N 220 
PHE CA  C    sing N N 221 
PHE CA  CB   sing N N 222 
PHE CA  HA   sing N N 223 
PHE C   O    doub N N 224 
PHE C   OXT  sing N N 225 
PHE CB  CG   sing N N 226 
PHE CB  HB2  sing N N 227 
PHE CB  HB3  sing N N 228 
PHE CG  CD1  doub Y N 229 
PHE CG  CD2  sing Y N 230 
PHE CD1 CE1  sing Y N 231 
PHE CD1 HD1  sing N N 232 
PHE CD2 CE2  doub Y N 233 
PHE CD2 HD2  sing N N 234 
PHE CE1 CZ   doub Y N 235 
PHE CE1 HE1  sing N N 236 
PHE CE2 CZ   sing Y N 237 
PHE CE2 HE2  sing N N 238 
PHE CZ  HZ   sing N N 239 
PHE OXT HXT  sing N N 240 
PRO N   CA   sing N N 241 
PRO N   CD   sing N N 242 
PRO N   H    sing N N 243 
PRO CA  C    sing N N 244 
PRO CA  CB   sing N N 245 
PRO CA  HA   sing N N 246 
PRO C   O    doub N N 247 
PRO C   OXT  sing N N 248 
PRO CB  CG   sing N N 249 
PRO CB  HB2  sing N N 250 
PRO CB  HB3  sing N N 251 
PRO CG  CD   sing N N 252 
PRO CG  HG2  sing N N 253 
PRO CG  HG3  sing N N 254 
PRO CD  HD2  sing N N 255 
PRO CD  HD3  sing N N 256 
PRO OXT HXT  sing N N 257 
PTR N   CA   sing N N 258 
PTR N   H    sing N N 259 
PTR N   H2   sing N N 260 
PTR CA  C    sing N N 261 
PTR CA  CB   sing N N 262 
PTR CA  HA   sing N N 263 
PTR C   O    doub N N 264 
PTR C   OXT  sing N N 265 
PTR OXT HXT  sing N N 266 
PTR CB  CG   sing N N 267 
PTR CB  HB2  sing N N 268 
PTR CB  HB3  sing N N 269 
PTR CG  CD1  doub Y N 270 
PTR CG  CD2  sing Y N 271 
PTR CD1 CE1  sing Y N 272 
PTR CD1 HD1  sing N N 273 
PTR CD2 CE2  doub Y N 274 
PTR CD2 HD2  sing N N 275 
PTR CE1 CZ   doub Y N 276 
PTR CE1 HE1  sing N N 277 
PTR CE2 CZ   sing Y N 278 
PTR CE2 HE2  sing N N 279 
PTR CZ  OH   sing N N 280 
PTR OH  P    sing N N 281 
PTR P   O1P  doub N N 282 
PTR P   O2P  sing N N 283 
PTR P   O3P  sing N N 284 
PTR O2P HO2P sing N N 285 
PTR O3P HO3P sing N N 286 
SER N   CA   sing N N 287 
SER N   H    sing N N 288 
SER N   H2   sing N N 289 
SER CA  C    sing N N 290 
SER CA  CB   sing N N 291 
SER CA  HA   sing N N 292 
SER C   O    doub N N 293 
SER C   OXT  sing N N 294 
SER CB  OG   sing N N 295 
SER CB  HB2  sing N N 296 
SER CB  HB3  sing N N 297 
SER OG  HG   sing N N 298 
SER OXT HXT  sing N N 299 
THR N   CA   sing N N 300 
THR N   H    sing N N 301 
THR N   H2   sing N N 302 
THR CA  C    sing N N 303 
THR CA  CB   sing N N 304 
THR CA  HA   sing N N 305 
THR C   O    doub N N 306 
THR C   OXT  sing N N 307 
THR CB  OG1  sing N N 308 
THR CB  CG2  sing N N 309 
THR CB  HB   sing N N 310 
THR OG1 HG1  sing N N 311 
THR CG2 HG21 sing N N 312 
THR CG2 HG22 sing N N 313 
THR CG2 HG23 sing N N 314 
THR OXT HXT  sing N N 315 
TRP N   CA   sing N N 316 
TRP N   H    sing N N 317 
TRP N   H2   sing N N 318 
TRP CA  C    sing N N 319 
TRP CA  CB   sing N N 320 
TRP CA  HA   sing N N 321 
TRP C   O    doub N N 322 
TRP C   OXT  sing N N 323 
TRP CB  CG   sing N N 324 
TRP CB  HB2  sing N N 325 
TRP CB  HB3  sing N N 326 
TRP CG  CD1  doub Y N 327 
TRP CG  CD2  sing Y N 328 
TRP CD1 NE1  sing Y N 329 
TRP CD1 HD1  sing N N 330 
TRP CD2 CE2  doub Y N 331 
TRP CD2 CE3  sing Y N 332 
TRP NE1 CE2  sing Y N 333 
TRP NE1 HE1  sing N N 334 
TRP CE2 CZ2  sing Y N 335 
TRP CE3 CZ3  doub Y N 336 
TRP CE3 HE3  sing N N 337 
TRP CZ2 CH2  doub Y N 338 
TRP CZ2 HZ2  sing N N 339 
TRP CZ3 CH2  sing Y N 340 
TRP CZ3 HZ3  sing N N 341 
TRP CH2 HH2  sing N N 342 
TRP OXT HXT  sing N N 343 
TYR N   CA   sing N N 344 
TYR N   H    sing N N 345 
TYR N   H2   sing N N 346 
TYR CA  C    sing N N 347 
TYR CA  CB   sing N N 348 
TYR CA  HA   sing N N 349 
TYR C   O    doub N N 350 
TYR C   OXT  sing N N 351 
TYR CB  CG   sing N N 352 
TYR CB  HB2  sing N N 353 
TYR CB  HB3  sing N N 354 
TYR CG  CD1  doub Y N 355 
TYR CG  CD2  sing Y N 356 
TYR CD1 CE1  sing Y N 357 
TYR CD1 HD1  sing N N 358 
TYR CD2 CE2  doub Y N 359 
TYR CD2 HD2  sing N N 360 
TYR CE1 CZ   doub Y N 361 
TYR CE1 HE1  sing N N 362 
TYR CE2 CZ   sing Y N 363 
TYR CE2 HE2  sing N N 364 
TYR CZ  OH   sing N N 365 
TYR OH  HH   sing N N 366 
TYR OXT HXT  sing N N 367 
VAL N   CA   sing N N 368 
VAL N   H    sing N N 369 
VAL N   H2   sing N N 370 
VAL CA  C    sing N N 371 
VAL CA  CB   sing N N 372 
VAL CA  HA   sing N N 373 
VAL C   O    doub N N 374 
VAL C   OXT  sing N N 375 
VAL CB  CG1  sing N N 376 
VAL CB  CG2  sing N N 377 
VAL CB  HB   sing N N 378 
VAL CG1 HG11 sing N N 379 
VAL CG1 HG12 sing N N 380 
VAL CG1 HG13 sing N N 381 
VAL CG2 HG21 sing N N 382 
VAL CG2 HG22 sing N N 383 
VAL CG2 HG23 sing N N 384 
VAL OXT HXT  sing N N 385 
# 
_atom_sites.entry_id                    1SHB 
_atom_sites.Cartn_transform_axes        ? 
_atom_sites.fract_transf_matrix[1][1]   -0.01123868 
_atom_sites.fract_transf_matrix[1][2]   -0.01133727 
_atom_sites.fract_transf_matrix[1][3]   -0.01345390 
_atom_sites.fract_transf_matrix[2][1]   -0.01732875 
_atom_sites.fract_transf_matrix[2][2]   0.00437242 
_atom_sites.fract_transf_matrix[2][3]   0.01079100 
_atom_sites.fract_transf_matrix[3][1]   -0.00272900 
_atom_sites.fract_transf_matrix[3][2]   0.01522808 
_atom_sites.fract_transf_matrix[3][3]   -0.01055267 
_atom_sites.fract_transf_vector[1]      1.033551 
_atom_sites.fract_transf_vector[2]      -0.516987 
_atom_sites.fract_transf_vector[3]      -0.616065 
# 
loop_
_atom_type.symbol 
C 
N 
O 
P 
S 
# 
loop_
_atom_site.group_PDB 
_atom_site.id 
_atom_site.type_symbol 
_atom_site.label_atom_id 
_atom_site.label_alt_id 
_atom_site.label_comp_id 
_atom_site.label_asym_id 
_atom_site.label_entity_id 
_atom_site.label_seq_id 
_atom_site.pdbx_PDB_ins_code 
_atom_site.Cartn_x 
_atom_site.Cartn_y 
_atom_site.Cartn_z 
_atom_site.occupancy 
_atom_site.B_iso_or_equiv 
_atom_site.pdbx_formal_charge 
_atom_site.auth_seq_id 
_atom_site.auth_comp_id 
_atom_site.auth_asym_id 
_atom_site.auth_atom_id 
_atom_site.pdbx_PDB_model_num 
ATOM   1   N N   . ALA A 1 2   ? 2.023   13.146  -4.201  1.00 79.50  ? 2   ALA A N   1 
ATOM   2   C CA  . ALA A 1 2   ? 0.782   13.790  -4.602  1.00 68.77  ? 2   ALA A CA  1 
ATOM   3   C C   . ALA A 1 2   ? -0.339  13.655  -3.569  1.00 63.44  ? 2   ALA A C   1 
ATOM   4   O O   . ALA A 1 2   ? -1.480  13.328  -3.907  1.00 64.65  ? 2   ALA A O   1 
ATOM   5   C CB  . ALA A 1 2   ? 0.317   13.209  -5.957  1.00 64.59  ? 2   ALA A CB  1 
ATOM   6   N N   . GLU A 1 3   ? 0.041   13.872  -2.291  1.00 52.90  ? 3   GLU A N   1 
ATOM   7   C CA  . GLU A 1 3   ? -0.825  14.024  -1.112  1.00 43.37  ? 3   GLU A CA  1 
ATOM   8   C C   . GLU A 1 3   ? -1.942  13.043  -0.827  1.00 29.57  ? 3   GLU A C   1 
ATOM   9   O O   . GLU A 1 3   ? -1.851  12.249  0.087   1.00 29.64  ? 3   GLU A O   1 
ATOM   10  C CB  . GLU A 1 3   ? -1.479  15.433  -1.113  1.00 50.63  ? 3   GLU A CB  1 
ATOM   11  C CG  . GLU A 1 3   ? -1.831  16.151  0.194   1.00 56.12  ? 3   GLU A CG  1 
ATOM   12  C CD  . GLU A 1 3   ? -0.699  17.060  0.702   1.00 70.60  ? 3   GLU A CD  1 
ATOM   13  O OE1 . GLU A 1 3   ? 0.455   16.628  0.785   1.00 76.37  ? 3   GLU A OE1 1 
ATOM   14  O OE2 . GLU A 1 3   ? -0.959  18.226  1.006   1.00 71.03  ? 3   GLU A OE2 1 
ATOM   15  N N   . GLU A 1 4   ? -3.015  13.127  -1.592  1.00 26.04  ? 4   GLU A N   1 
ATOM   16  C CA  . GLU A 1 4   ? -4.287  12.427  -1.452  1.00 26.50  ? 4   GLU A CA  1 
ATOM   17  C C   . GLU A 1 4   ? -4.371  11.007  -0.896  1.00 29.55  ? 4   GLU A C   1 
ATOM   18  O O   . GLU A 1 4   ? -5.289  10.636  -0.137  1.00 25.04  ? 4   GLU A O   1 
ATOM   19  C CB  . GLU A 1 4   ? -4.849  12.508  -2.801  1.00 26.02  ? 4   GLU A CB  1 
ATOM   20  C CG  . GLU A 1 4   ? -6.221  12.077  -3.123  1.00 33.00  ? 4   GLU A CG  1 
ATOM   21  C CD  . GLU A 1 4   ? -6.379  12.061  -4.621  1.00 36.00  ? 4   GLU A CD  1 
ATOM   22  O OE1 . GLU A 1 4   ? -5.461  11.606  -5.335  1.00 39.59  ? 4   GLU A OE1 1 
ATOM   23  O OE2 . GLU A 1 4   ? -7.435  12.528  -5.051  1.00 41.91  ? 4   GLU A OE2 1 
ATOM   24  N N   . TRP A 1 5   ? -3.377  10.219  -1.346  1.00 26.32  ? 5   TRP A N   1 
ATOM   25  C CA  . TRP A 1 5   ? -3.238  8.815   -0.984  1.00 23.30  ? 5   TRP A CA  1 
ATOM   26  C C   . TRP A 1 5   ? -2.380  8.573   0.245   1.00 20.30  ? 5   TRP A C   1 
ATOM   27  O O   . TRP A 1 5   ? -2.279  7.441   0.705   1.00 23.68  ? 5   TRP A O   1 
ATOM   28  C CB  . TRP A 1 5   ? -2.675  8.059   -2.206  1.00 20.39  ? 5   TRP A CB  1 
ATOM   29  C CG  . TRP A 1 5   ? -1.481  8.738   -2.899  1.00 27.51  ? 5   TRP A CG  1 
ATOM   30  C CD1 . TRP A 1 5   ? -1.690  9.349   -4.104  1.00 26.38  ? 5   TRP A CD1 1 
ATOM   31  C CD2 . TRP A 1 5   ? -0.154  8.842   -2.472  1.00 16.74  ? 5   TRP A CD2 1 
ATOM   32  N NE1 . TRP A 1 5   ? -0.514  9.834   -4.445  1.00 31.75  ? 5   TRP A NE1 1 
ATOM   33  C CE2 . TRP A 1 5   ? 0.421   9.543   -3.511  1.00 22.19  ? 5   TRP A CE2 1 
ATOM   34  C CE3 . TRP A 1 5   ? 0.624   8.437   -1.410  1.00 16.17  ? 5   TRP A CE3 1 
ATOM   35  C CZ2 . TRP A 1 5   ? 1.762   9.875   -3.512  1.00 20.32  ? 5   TRP A CZ2 1 
ATOM   36  C CZ3 . TRP A 1 5   ? 1.963   8.752   -1.396  1.00 27.87  ? 5   TRP A CZ3 1 
ATOM   37  C CH2 . TRP A 1 5   ? 2.529   9.467   -2.445  1.00 30.76  ? 5   TRP A CH2 1 
ATOM   38  N N   . TYR A 1 6   ? -1.714  9.620   0.768   1.00 24.63  ? 6   TYR A N   1 
ATOM   39  C CA  . TYR A 1 6   ? -0.866  9.526   1.951   1.00 24.05  ? 6   TYR A CA  1 
ATOM   40  C C   . TYR A 1 6   ? -1.670  9.970   3.175   1.00 29.79  ? 6   TYR A C   1 
ATOM   41  O O   . TYR A 1 6   ? -2.111  11.114  3.300   1.00 29.67  ? 6   TYR A O   1 
ATOM   42  C CB  . TYR A 1 6   ? 0.330   10.412  1.775   1.00 18.12  ? 6   TYR A CB  1 
ATOM   43  C CG  . TYR A 1 6   ? 1.337   10.248  2.902   1.00 24.58  ? 6   TYR A CG  1 
ATOM   44  C CD1 . TYR A 1 6   ? 2.185   9.168   2.926   1.00 26.02  ? 6   TYR A CD1 1 
ATOM   45  C CD2 . TYR A 1 6   ? 1.402   11.189  3.896   1.00 27.47  ? 6   TYR A CD2 1 
ATOM   46  C CE1 . TYR A 1 6   ? 3.095   9.018   3.943   1.00 24.98  ? 6   TYR A CE1 1 
ATOM   47  C CE2 . TYR A 1 6   ? 2.317   11.056  4.906   1.00 24.45  ? 6   TYR A CE2 1 
ATOM   48  C CZ  . TYR A 1 6   ? 3.150   9.972   4.925   1.00 26.72  ? 6   TYR A CZ  1 
ATOM   49  O OH  . TYR A 1 6   ? 4.056   9.847   5.958   1.00 33.09  ? 6   TYR A OH  1 
ATOM   50  N N   . PHE A 1 7   ? -1.896  9.006   4.060   1.00 24.48  ? 7   PHE A N   1 
ATOM   51  C CA  . PHE A 1 7   ? -2.657  9.203   5.279   1.00 23.77  ? 7   PHE A CA  1 
ATOM   52  C C   . PHE A 1 7   ? -1.746  9.309   6.502   1.00 27.51  ? 7   PHE A C   1 
ATOM   53  O O   . PHE A 1 7   ? -2.241  9.207   7.626   1.00 32.50  ? 7   PHE A O   1 
ATOM   54  C CB  . PHE A 1 7   ? -3.627  8.041   5.425   1.00 24.51  ? 7   PHE A CB  1 
ATOM   55  C CG  . PHE A 1 7   ? -4.828  8.121   4.478   1.00 25.03  ? 7   PHE A CG  1 
ATOM   56  C CD1 . PHE A 1 7   ? -4.675  8.186   3.112   1.00 27.63  ? 7   PHE A CD1 1 
ATOM   57  C CD2 . PHE A 1 7   ? -6.108  8.118   4.999   1.00 28.48  ? 7   PHE A CD2 1 
ATOM   58  C CE1 . PHE A 1 7   ? -5.774  8.257   2.280   1.00 33.75  ? 7   PHE A CE1 1 
ATOM   59  C CE2 . PHE A 1 7   ? -7.204  8.187   4.169   1.00 25.16  ? 7   PHE A CE2 1 
ATOM   60  C CZ  . PHE A 1 7   ? -7.045  8.251   2.806   1.00 33.36  ? 7   PHE A CZ  1 
ATOM   61  N N   . GLY A 1 8   ? -0.414  9.464   6.319   1.00 22.13  ? 8   GLY A N   1 
ATOM   62  C CA  . GLY A 1 8   ? 0.552   9.638   7.403   1.00 26.74  ? 8   GLY A CA  1 
ATOM   63  C C   . GLY A 1 8   ? 0.485   8.668   8.563   1.00 25.85  ? 8   GLY A C   1 
ATOM   64  O O   . GLY A 1 8   ? 0.473   7.463   8.356   1.00 25.28  ? 8   GLY A O   1 
ATOM   65  N N   . LYS A 1 9   ? 0.441   9.193   9.798   1.00 28.62  ? 9   LYS A N   1 
ATOM   66  C CA  . LYS A 1 9   ? 0.369   8.350   10.976  1.00 35.58  ? 9   LYS A CA  1 
ATOM   67  C C   . LYS A 1 9   ? -1.049  7.888   11.334  1.00 35.92  ? 9   LYS A C   1 
ATOM   68  O O   . LYS A 1 9   ? -1.754  8.469   12.169  1.00 37.76  ? 9   LYS A O   1 
ATOM   69  C CB  . LYS A 1 9   ? 0.935   9.054   12.207  1.00 37.87  ? 9   LYS A CB  1 
ATOM   70  C CG  . LYS A 1 9   ? 2.325   9.587   12.131  1.00 49.76  ? 9   LYS A CG  1 
ATOM   71  C CD  . LYS A 1 9   ? 2.622   10.419  13.381  1.00 61.95  ? 9   LYS A CD  1 
ATOM   72  C CE  . LYS A 1 9   ? 3.991   11.102  13.304  1.00 63.26  ? 9   LYS A CE  1 
ATOM   73  N NZ  . LYS A 1 9   ? 5.083   10.136  13.327  1.00 62.86  ? 9   LYS A NZ  1 
ATOM   74  N N   . ILE A 1 10  ? -1.547  6.894   10.595  1.00 36.43  ? 10  ILE A N   1 
ATOM   75  C CA  . ILE A 1 10  ? -2.760  6.213   10.996  1.00 30.03  ? 10  ILE A CA  1 
ATOM   76  C C   . ILE A 1 10  ? -2.302  4.778   11.240  1.00 30.48  ? 10  ILE A C   1 
ATOM   77  O O   . ILE A 1 10  ? -1.284  4.288   10.741  1.00 29.39  ? 10  ILE A O   1 
ATOM   78  C CB  . ILE A 1 10  ? -3.910  6.193   9.939   1.00 31.56  ? 10  ILE A CB  1 
ATOM   79  C CG1 . ILE A 1 10  ? -3.520  5.549   8.603   1.00 32.28  ? 10  ILE A CG1 1 
ATOM   80  C CG2 . ILE A 1 10  ? -4.341  7.629   9.766   1.00 30.56  ? 10  ILE A CG2 1 
ATOM   81  C CD1 . ILE A 1 10  ? -4.823  5.136   7.899   1.00 19.52  ? 10  ILE A CD1 1 
ATOM   82  N N   . THR A 1 11  ? -3.111  4.086   12.024  1.00 29.63  ? 11  THR A N   1 
ATOM   83  C CA  . THR A 1 11  ? -2.782  2.758   12.497  1.00 28.62  ? 11  THR A CA  1 
ATOM   84  C C   . THR A 1 11  ? -3.218  1.675   11.496  1.00 28.56  ? 11  THR A C   1 
ATOM   85  O O   . THR A 1 11  ? -4.153  1.949   10.732  1.00 32.30  ? 11  THR A O   1 
ATOM   86  C CB  . THR A 1 11  ? -3.480  2.792   13.872  1.00 25.93  ? 11  THR A CB  1 
ATOM   87  O OG1 . THR A 1 11  ? -2.567  2.348   14.857  1.00 36.04  ? 11  THR A OG1 1 
ATOM   88  C CG2 . THR A 1 11  ? -4.703  1.975   13.880  1.00 10.04  ? 11  THR A CG2 1 
ATOM   89  N N   . ARG A 1 12  ? -2.610  0.462   11.467  1.00 25.85  ? 12  ARG A N   1 
ATOM   90  C CA  . ARG A 1 12  ? -3.117  -0.653  10.646  1.00 25.30  ? 12  ARG A CA  1 
ATOM   91  C C   . ARG A 1 12  ? -4.626  -0.843  10.798  1.00 21.50  ? 12  ARG A C   1 
ATOM   92  O O   . ARG A 1 12  ? -5.310  -0.982  9.793   1.00 19.75  ? 12  ARG A O   1 
ATOM   93  C CB  . ARG A 1 12  ? -2.447  -1.997  11.015  1.00 21.42  ? 12  ARG A CB  1 
ATOM   94  C CG  . ARG A 1 12  ? -3.070  -3.189  10.272  1.00 21.73  ? 12  ARG A CG  1 
ATOM   95  C CD  . ARG A 1 12  ? -2.393  -4.526  10.521  1.00 22.93  ? 12  ARG A CD  1 
ATOM   96  N NE  . ARG A 1 12  ? -1.067  -4.540  9.944   1.00 23.47  ? 12  ARG A NE  1 
ATOM   97  C CZ  . ARG A 1 12  ? -0.629  -5.540  9.167   1.00 30.68  ? 12  ARG A CZ  1 
ATOM   98  N NH1 . ARG A 1 12  ? -1.405  -6.579  8.889   1.00 33.05  ? 12  ARG A NH1 1 
ATOM   99  N NH2 . ARG A 1 12  ? 0.597   -5.506  8.637   1.00 25.38  ? 12  ARG A NH2 1 
ATOM   100 N N   . ARG A 1 13  ? -5.143  -0.767  12.044  1.00 27.61  ? 13  ARG A N   1 
ATOM   101 C CA  . ARG A 1 13  ? -6.554  -0.944  12.379  1.00 28.90  ? 13  ARG A CA  1 
ATOM   102 C C   . ARG A 1 13  ? -7.407  0.155   11.789  1.00 28.04  ? 13  ARG A C   1 
ATOM   103 O O   . ARG A 1 13  ? -8.464  -0.157  11.235  1.00 24.50  ? 13  ARG A O   1 
ATOM   104 C CB  . ARG A 1 13  ? -6.666  -0.999  13.894  1.00 40.17  ? 13  ARG A CB  1 
ATOM   105 C CG  . ARG A 1 13  ? -8.062  -1.202  14.446  1.00 58.82  ? 13  ARG A CG  1 
ATOM   106 C CD  . ARG A 1 13  ? -8.702  0.102   14.967  1.00 73.21  ? 13  ARG A CD  1 
ATOM   107 N NE  . ARG A 1 13  ? -10.130 0.030   14.718  1.00 87.16  ? 13  ARG A NE  1 
ATOM   108 C CZ  . ARG A 1 13  ? -10.844 1.069   14.281  1.00 91.49  ? 13  ARG A CZ  1 
ATOM   109 N NH1 . ARG A 1 13  ? -10.294 2.263   14.062  1.00 87.77  ? 13  ARG A NH1 1 
ATOM   110 N NH2 . ARG A 1 13  ? -12.124 0.864   13.983  1.00 97.23  ? 13  ARG A NH2 1 
ATOM   111 N N   . GLU A 1 14  ? -6.976  1.428   11.836  1.00 29.10  ? 14  GLU A N   1 
ATOM   112 C CA  . GLU A 1 14  ? -7.748  2.461   11.148  1.00 33.13  ? 14  GLU A CA  1 
ATOM   113 C C   . GLU A 1 14  ? -7.667  2.361   9.630   1.00 27.47  ? 14  GLU A C   1 
ATOM   114 O O   . GLU A 1 14  ? -8.664  2.641   8.965   1.00 24.29  ? 14  GLU A O   1 
ATOM   115 C CB  . GLU A 1 14  ? -7.295  3.867   11.536  1.00 42.27  ? 14  GLU A CB  1 
ATOM   116 C CG  . GLU A 1 14  ? -8.251  4.568   12.530  1.00 63.23  ? 14  GLU A CG  1 
ATOM   117 C CD  . GLU A 1 14  ? -9.679  4.917   12.072  1.00 69.92  ? 14  GLU A CD  1 
ATOM   118 O OE1 . GLU A 1 14  ? -9.864  5.390   10.947  1.00 72.14  ? 14  GLU A OE1 1 
ATOM   119 O OE2 . GLU A 1 14  ? -10.616 4.740   12.859  1.00 71.59  ? 14  GLU A OE2 1 
ATOM   120 N N   . SER A 1 15  ? -6.506  1.934   9.077   1.00 23.60  ? 15  SER A N   1 
ATOM   121 C CA  . SER A 1 15  ? -6.365  1.812   7.633   1.00 24.20  ? 15  SER A CA  1 
ATOM   122 C C   . SER A 1 15  ? -7.300  0.704   7.160   1.00 23.71  ? 15  SER A C   1 
ATOM   123 O O   . SER A 1 15  ? -7.956  0.806   6.127   1.00 22.56  ? 15  SER A O   1 
ATOM   124 C CB  . SER A 1 15  ? -4.887  1.493   7.237   1.00 21.38  ? 15  SER A CB  1 
ATOM   125 O OG  . SER A 1 15  ? -4.388  0.172   7.422   1.00 25.13  ? 15  SER A OG  1 
ATOM   126 N N   . GLU A 1 16  ? -7.436  -0.340  7.967   1.00 24.76  ? 16  GLU A N   1 
ATOM   127 C CA  . GLU A 1 16  ? -8.342  -1.414  7.662   1.00 26.68  ? 16  GLU A CA  1 
ATOM   128 C C   . GLU A 1 16  ? -9.781  -0.989  7.781   1.00 30.58  ? 16  GLU A C   1 
ATOM   129 O O   . GLU A 1 16  ? -10.579 -1.385  6.933   1.00 35.23  ? 16  GLU A O   1 
ATOM   130 C CB  . GLU A 1 16  ? -8.077  -2.548  8.578   1.00 32.24  ? 16  GLU A CB  1 
ATOM   131 C CG  . GLU A 1 16  ? -6.782  -3.195  8.159   1.00 33.60  ? 16  GLU A CG  1 
ATOM   132 C CD  . GLU A 1 16  ? -6.688  -4.640  8.564   1.00 36.96  ? 16  GLU A CD  1 
ATOM   133 O OE1 . GLU A 1 16  ? -7.693  -5.347  8.492   1.00 47.91  ? 16  GLU A OE1 1 
ATOM   134 O OE2 . GLU A 1 16  ? -5.598  -5.057  8.922   1.00 37.30  ? 16  GLU A OE2 1 
ATOM   135 N N   . ARG A 1 17  ? -10.115 -0.150  8.783   1.00 36.46  ? 17  ARG A N   1 
ATOM   136 C CA  . ARG A 1 17  ? -11.454 0.456   8.909   1.00 30.35  ? 17  ARG A CA  1 
ATOM   137 C C   . ARG A 1 17  ? -11.749 1.230   7.634   1.00 26.50  ? 17  ARG A C   1 
ATOM   138 O O   . ARG A 1 17  ? -12.748 0.969   6.957   1.00 25.81  ? 17  ARG A O   1 
ATOM   139 C CB  . ARG A 1 17  ? -11.523 1.434   10.090  1.00 30.28  ? 17  ARG A CB  1 
ATOM   140 C CG  . ARG A 1 17  ? -12.946 1.803   10.404  1.00 37.22  ? 17  ARG A CG  1 
ATOM   141 C CD  . ARG A 1 17  ? -13.051 2.883   11.442  1.00 40.23  ? 17  ARG A CD  1 
ATOM   142 N NE  . ARG A 1 17  ? -12.676 4.176   10.904  1.00 50.10  ? 17  ARG A NE  1 
ATOM   143 C CZ  . ARG A 1 17  ? -13.486 4.910   10.135  1.00 51.05  ? 17  ARG A CZ  1 
ATOM   144 N NH1 . ARG A 1 17  ? -14.709 4.504   9.807   1.00 60.30  ? 17  ARG A NH1 1 
ATOM   145 N NH2 . ARG A 1 17  ? -13.047 6.066   9.664   1.00 49.93  ? 17  ARG A NH2 1 
ATOM   146 N N   . LEU A 1 18  ? -10.817 2.129   7.260   1.00 24.52  ? 18  LEU A N   1 
ATOM   147 C CA  . LEU A 1 18  ? -10.983 2.858   6.013   1.00 21.73  ? 18  LEU A CA  1 
ATOM   148 C C   . LEU A 1 18  ? -11.020 2.030   4.727   1.00 27.16  ? 18  LEU A C   1 
ATOM   149 O O   . LEU A 1 18  ? -11.858 2.271   3.851   1.00 26.23  ? 18  LEU A O   1 
ATOM   150 C CB  . LEU A 1 18  ? -9.889  3.875   5.917   1.00 23.98  ? 18  LEU A CB  1 
ATOM   151 C CG  . LEU A 1 18  ? -9.893  5.013   6.914   1.00 26.34  ? 18  LEU A CG  1 
ATOM   152 C CD1 . LEU A 1 18  ? -8.636  5.789   6.696   1.00 26.51  ? 18  LEU A CD1 1 
ATOM   153 C CD2 . LEU A 1 18  ? -11.095 5.941   6.727   1.00 28.00  ? 18  LEU A CD2 1 
ATOM   154 N N   . LEU A 1 19  ? -10.185 0.998   4.586   1.00 28.48  ? 19  LEU A N   1 
ATOM   155 C CA  . LEU A 1 19  ? -10.151 0.222   3.357   1.00 29.27  ? 19  LEU A CA  1 
ATOM   156 C C   . LEU A 1 19  ? -11.246 -0.807  3.172   1.00 31.56  ? 19  LEU A C   1 
ATOM   157 O O   . LEU A 1 19  ? -11.604 -1.128  2.027   1.00 23.61  ? 19  LEU A O   1 
ATOM   158 C CB  . LEU A 1 19  ? -8.814  -0.505  3.223   1.00 29.93  ? 19  LEU A CB  1 
ATOM   159 C CG  . LEU A 1 19  ? -7.613  0.013   2.396   1.00 33.10  ? 19  LEU A CG  1 
ATOM   160 C CD1 . LEU A 1 19  ? -7.947  1.295   1.678   1.00 24.85  ? 19  LEU A CD1 1 
ATOM   161 C CD2 . LEU A 1 19  ? -6.420  0.142   3.314   1.00 22.33  ? 19  LEU A CD2 1 
ATOM   162 N N   . LEU A 1 20  ? -11.765 -1.325  4.303   1.00 31.25  ? 20  LEU A N   1 
ATOM   163 C CA  . LEU A 1 20  ? -12.796 -2.352  4.247   1.00 30.26  ? 20  LEU A CA  1 
ATOM   164 C C   . LEU A 1 20  ? -14.170 -1.790  3.949   1.00 28.34  ? 20  LEU A C   1 
ATOM   165 O O   . LEU A 1 20  ? -15.163 -2.505  3.961   1.00 33.83  ? 20  LEU A O   1 
ATOM   166 C CB  . LEU A 1 20  ? -12.791 -3.120  5.570   1.00 27.48  ? 20  LEU A CB  1 
ATOM   167 C CG  . LEU A 1 20  ? -12.391 -4.628  5.626   1.00 33.03  ? 20  LEU A CG  1 
ATOM   168 C CD1 . LEU A 1 20  ? -11.804 -5.124  4.307   1.00 22.29  ? 20  LEU A CD1 1 
ATOM   169 C CD2 . LEU A 1 20  ? -11.394 -4.813  6.762   1.00 28.84  ? 20  LEU A CD2 1 
ATOM   170 N N   . ASN A 1 21  ? -14.220 -0.499  3.606   1.00 27.74  ? 21  ASN A N   1 
ATOM   171 C CA  . ASN A 1 21  ? -15.432 0.179   3.220   1.00 30.98  ? 21  ASN A CA  1 
ATOM   172 C C   . ASN A 1 21  ? -15.924 -0.472  1.931   1.00 32.84  ? 21  ASN A C   1 
ATOM   173 O O   . ASN A 1 21  ? -15.237 -0.429  0.914   1.00 35.42  ? 21  ASN A O   1 
ATOM   174 C CB  . ASN A 1 21  ? -15.104 1.677   3.061   1.00 32.39  ? 21  ASN A CB  1 
ATOM   175 C CG  . ASN A 1 21  ? -16.164 2.538   2.380   1.00 40.18  ? 21  ASN A CG  1 
ATOM   176 O OD1 . ASN A 1 21  ? -17.246 2.080   2.022   1.00 45.87  ? 21  ASN A OD1 1 
ATOM   177 N ND2 . ASN A 1 21  ? -15.870 3.811   2.133   1.00 39.39  ? 21  ASN A ND2 1 
ATOM   178 N N   . PRO A 1 22  ? -17.109 -1.117  1.961   1.00 38.52  ? 22  PRO A N   1 
ATOM   179 C CA  . PRO A 1 22  ? -17.617 -1.997  0.904   1.00 37.18  ? 22  PRO A CA  1 
ATOM   180 C C   . PRO A 1 22  ? -17.874 -1.341  -0.469  1.00 38.06  ? 22  PRO A C   1 
ATOM   181 O O   . PRO A 1 22  ? -18.085 -1.985  -1.507  1.00 36.18  ? 22  PRO A O   1 
ATOM   182 C CB  . PRO A 1 22  ? -18.840 -2.582  1.584   1.00 37.80  ? 22  PRO A CB  1 
ATOM   183 C CG  . PRO A 1 22  ? -19.380 -1.460  2.438   1.00 29.29  ? 22  PRO A CG  1 
ATOM   184 C CD  . PRO A 1 22  ? -18.092 -0.990  3.047   1.00 39.47  ? 22  PRO A CD  1 
ATOM   185 N N   . GLU A 1 23  ? -17.843 -0.003  -0.409  1.00 37.27  ? 23  GLU A N   1 
ATOM   186 C CA  . GLU A 1 23  ? -18.000 0.855   -1.553  1.00 35.78  ? 23  GLU A CA  1 
ATOM   187 C C   . GLU A 1 23  ? -16.731 0.907   -2.368  1.00 37.29  ? 23  GLU A C   1 
ATOM   188 O O   . GLU A 1 23  ? -16.792 1.081   -3.583  1.00 41.29  ? 23  GLU A O   1 
ATOM   189 C CB  . GLU A 1 23  ? -18.376 2.216   -1.046  1.00 38.91  ? 23  GLU A CB  1 
ATOM   190 C CG  . GLU A 1 23  ? -19.810 2.158   -0.539  1.00 50.53  ? 23  GLU A CG  1 
ATOM   191 C CD  . GLU A 1 23  ? -20.283 3.416   0.173   1.00 61.62  ? 23  GLU A CD  1 
ATOM   192 O OE1 . GLU A 1 23  ? -20.515 4.435   -0.485  1.00 61.24  ? 23  GLU A OE1 1 
ATOM   193 O OE2 . GLU A 1 23  ? -20.420 3.374   1.401   1.00 71.03  ? 23  GLU A OE2 1 
ATOM   194 N N   . ASN A 1 24  ? -15.587 0.698   -1.705  1.00 33.22  ? 24  ASN A N   1 
ATOM   195 C CA  . ASN A 1 24  ? -14.278 0.738   -2.346  1.00 34.88  ? 24  ASN A CA  1 
ATOM   196 C C   . ASN A 1 24  ? -14.015 -0.381  -3.366  1.00 29.39  ? 24  ASN A C   1 
ATOM   197 O O   . ASN A 1 24  ? -14.015 -1.558  -2.993  1.00 28.69  ? 24  ASN A O   1 
ATOM   198 C CB  . ASN A 1 24  ? -13.171 0.685   -1.279  1.00 32.81  ? 24  ASN A CB  1 
ATOM   199 C CG  . ASN A 1 24  ? -13.095 1.796   -0.246  1.00 32.33  ? 24  ASN A CG  1 
ATOM   200 O OD1 . ASN A 1 24  ? -13.506 2.942   -0.435  1.00 35.22  ? 24  ASN A OD1 1 
ATOM   201 N ND2 . ASN A 1 24  ? -12.513 1.439   0.890   1.00 25.64  ? 24  ASN A ND2 1 
ATOM   202 N N   . PRO A 1 25  ? -13.764 -0.111  -4.657  1.00 25.11  ? 25  PRO A N   1 
ATOM   203 C CA  . PRO A 1 25  ? -13.298 -1.101  -5.606  1.00 23.26  ? 25  PRO A CA  1 
ATOM   204 C C   . PRO A 1 25  ? -12.028 -1.858  -5.185  1.00 28.45  ? 25  PRO A C   1 
ATOM   205 O O   . PRO A 1 25  ? -11.338 -1.522  -4.215  1.00 30.72  ? 25  PRO A O   1 
ATOM   206 C CB  . PRO A 1 25  ? -13.128 -0.306  -6.860  1.00 23.72  ? 25  PRO A CB  1 
ATOM   207 C CG  . PRO A 1 25  ? -12.927 1.100   -6.422  1.00 20.90  ? 25  PRO A CG  1 
ATOM   208 C CD  . PRO A 1 25  ? -13.913 1.188   -5.296  1.00 22.68  ? 25  PRO A CD  1 
ATOM   209 N N   . ARG A 1 26  ? -11.728 -2.903  -5.953  1.00 24.71  ? 26  ARG A N   1 
ATOM   210 C CA  . ARG A 1 26  ? -10.573 -3.749  -5.743  1.00 26.06  ? 26  ARG A CA  1 
ATOM   211 C C   . ARG A 1 26  ? -9.343  -2.967  -6.122  1.00 24.02  ? 26  ARG A C   1 
ATOM   212 O O   . ARG A 1 26  ? -9.392  -2.343  -7.174  1.00 21.21  ? 26  ARG A O   1 
ATOM   213 C CB  . ARG A 1 26  ? -10.719 -4.960  -6.611  1.00 21.52  ? 26  ARG A CB  1 
ATOM   214 C CG  . ARG A 1 26  ? -9.891  -6.065  -6.078  1.00 25.45  ? 26  ARG A CG  1 
ATOM   215 C CD  . ARG A 1 26  ? -10.223 -7.264  -6.916  1.00 25.56  ? 26  ARG A CD  1 
ATOM   216 N NE  . ARG A 1 26  ? -9.158  -8.212  -6.688  1.00 32.27  ? 26  ARG A NE  1 
ATOM   217 C CZ  . ARG A 1 26  ? -9.161  -9.427  -7.224  1.00 37.52  ? 26  ARG A CZ  1 
ATOM   218 N NH1 . ARG A 1 26  ? -10.172 -9.829  -7.990  1.00 55.04  ? 26  ARG A NH1 1 
ATOM   219 N NH2 . ARG A 1 26  ? -8.110  -10.223 -7.042  1.00 35.08  ? 26  ARG A NH2 1 
ATOM   220 N N   . GLY A 1 27  ? -8.274  -2.986  -5.303  1.00 23.42  ? 27  GLY A N   1 
ATOM   221 C CA  . GLY A 1 27  ? -7.064  -2.219  -5.572  1.00 17.47  ? 27  GLY A CA  1 
ATOM   222 C C   . GLY A 1 27  ? -7.071  -0.809  -4.961  1.00 20.23  ? 27  GLY A C   1 
ATOM   223 O O   . GLY A 1 27  ? -6.176  0.006   -5.226  1.00 20.51  ? 27  GLY A O   1 
ATOM   224 N N   . THR A 1 28  ? -8.084  -0.479  -4.127  1.00 22.59  ? 28  THR A N   1 
ATOM   225 C CA  . THR A 1 28  ? -8.187  0.806   -3.426  1.00 20.64  ? 28  THR A CA  1 
ATOM   226 C C   . THR A 1 28  ? -7.064  0.823   -2.384  1.00 15.43  ? 28  THR A C   1 
ATOM   227 O O   . THR A 1 28  ? -6.799  -0.179  -1.724  1.00 14.84  ? 28  THR A O   1 
ATOM   228 C CB  . THR A 1 28  ? -9.593  0.933   -2.753  1.00 26.05  ? 28  THR A CB  1 
ATOM   229 O OG1 . THR A 1 28  ? -10.569 1.044   -3.783  1.00 21.52  ? 28  THR A OG1 1 
ATOM   230 C CG2 . THR A 1 28  ? -9.703  2.153   -1.866  1.00 19.75  ? 28  THR A CG2 1 
ATOM   231 N N   . PHE A 1 29  ? -6.381  1.949   -2.236  1.00 11.91  ? 29  PHE A N   1 
ATOM   232 C CA  . PHE A 1 29  ? -5.180  1.928   -1.443  1.00 14.50  ? 29  PHE A CA  1 
ATOM   233 C C   . PHE A 1 29  ? -4.979  3.219   -0.738  1.00 12.38  ? 29  PHE A C   1 
ATOM   234 O O   . PHE A 1 29  ? -5.587  4.215   -1.079  1.00 18.09  ? 29  PHE A O   1 
ATOM   235 C CB  . PHE A 1 29  ? -3.926  1.655   -2.348  1.00 17.29  ? 29  PHE A CB  1 
ATOM   236 C CG  . PHE A 1 29  ? -3.519  2.817   -3.255  1.00 22.25  ? 29  PHE A CG  1 
ATOM   237 C CD1 . PHE A 1 29  ? -4.218  3.027   -4.447  1.00 21.99  ? 29  PHE A CD1 1 
ATOM   238 C CD2 . PHE A 1 29  ? -2.505  3.692   -2.842  1.00 24.48  ? 29  PHE A CD2 1 
ATOM   239 C CE1 . PHE A 1 29  ? -3.905  4.131   -5.214  1.00 18.53  ? 29  PHE A CE1 1 
ATOM   240 C CE2 . PHE A 1 29  ? -2.202  4.798   -3.625  1.00 19.64  ? 29  PHE A CE2 1 
ATOM   241 C CZ  . PHE A 1 29  ? -2.905  5.007   -4.803  1.00 21.66  ? 29  PHE A CZ  1 
ATOM   242 N N   . LEU A 1 30  ? -3.993  3.159   0.148   1.00 15.65  ? 30  LEU A N   1 
ATOM   243 C CA  . LEU A 1 30  ? -3.462  4.312   0.866   1.00 14.29  ? 30  LEU A CA  1 
ATOM   244 C C   . LEU A 1 30  ? -2.047  3.975   1.285   1.00 15.79  ? 30  LEU A C   1 
ATOM   245 O O   . LEU A 1 30  ? -1.631  2.812   1.381   1.00 18.64  ? 30  LEU A O   1 
ATOM   246 C CB  . LEU A 1 30  ? -4.312  4.637   2.134   1.00 20.00  ? 30  LEU A CB  1 
ATOM   247 C CG  . LEU A 1 30  ? -4.653  3.584   3.216   1.00 15.98  ? 30  LEU A CG  1 
ATOM   248 C CD1 . LEU A 1 30  ? -3.484  3.412   4.154   1.00 18.51  ? 30  LEU A CD1 1 
ATOM   249 C CD2 . LEU A 1 30  ? -5.866  4.021   4.015   1.00 17.05  ? 30  LEU A CD2 1 
ATOM   250 N N   . VAL A 1 31  ? -1.286  5.032   1.517   1.00 15.91  ? 31  VAL A N   1 
ATOM   251 C CA  . VAL A 1 31  ? 0.049   4.902   2.056   1.00 15.66  ? 31  VAL A CA  1 
ATOM   252 C C   . VAL A 1 31  ? 0.054   5.567   3.437   1.00 20.48  ? 31  VAL A C   1 
ATOM   253 O O   . VAL A 1 31  ? -0.505  6.659   3.656   1.00 17.82  ? 31  VAL A O   1 
ATOM   254 C CB  . VAL A 1 31  ? 1.081   5.590   1.135   1.00 18.11  ? 31  VAL A CB  1 
ATOM   255 C CG1 . VAL A 1 31  ? 2.509   5.321   1.616   1.00 16.17  ? 31  VAL A CG1 1 
ATOM   256 C CG2 . VAL A 1 31  ? 0.941   5.023   -0.264  1.00 15.22  ? 31  VAL A CG2 1 
ATOM   257 N N   . ARG A 1 32  ? 0.702   4.860   4.377   1.00 19.51  ? 32  ARG A N   1 
ATOM   258 C CA  . ARG A 1 32  ? 0.832   5.317   5.743   1.00 17.66  ? 32  ARG A CA  1 
ATOM   259 C C   . ARG A 1 32  ? 2.218   4.963   6.223   1.00 19.26  ? 32  ARG A C   1 
ATOM   260 O O   . ARG A 1 32  ? 2.980   4.276   5.532   1.00 17.26  ? 32  ARG A O   1 
ATOM   261 C CB  . ARG A 1 32  ? -0.260  4.642   6.620   1.00 15.09  ? 32  ARG A CB  1 
ATOM   262 C CG  . ARG A 1 32  ? -0.158  3.130   6.710   1.00 15.61  ? 32  ARG A CG  1 
ATOM   263 C CD  . ARG A 1 32  ? -1.190  2.494   7.644   1.00 19.37  ? 32  ARG A CD  1 
ATOM   264 N NE  . ARG A 1 32  ? -1.171  1.035   7.498   1.00 24.32  ? 32  ARG A NE  1 
ATOM   265 C CZ  . ARG A 1 32  ? -0.491  0.198   8.307   1.00 20.80  ? 32  ARG A CZ  1 
ATOM   266 N NH1 . ARG A 1 32  ? 0.214   0.612   9.358   1.00 23.58  ? 32  ARG A NH1 1 
ATOM   267 N NH2 . ARG A 1 32  ? -0.542  -1.114  8.082   1.00 17.81  ? 32  ARG A NH2 1 
ATOM   268 N N   . GLU A 1 33  ? 2.551   5.472   7.420   1.00 25.86  ? 33  GLU A N   1 
ATOM   269 C CA  . GLU A 1 33  ? 3.778   5.099   8.150   1.00 25.85  ? 33  GLU A CA  1 
ATOM   270 C C   . GLU A 1 33  ? 3.663   3.710   8.814   1.00 24.95  ? 33  GLU A C   1 
ATOM   271 O O   . GLU A 1 33  ? 2.564   3.350   9.248   1.00 24.42  ? 33  GLU A O   1 
ATOM   272 C CB  . GLU A 1 33  ? 4.065   6.124   9.251   1.00 29.70  ? 33  GLU A CB  1 
ATOM   273 C CG  . GLU A 1 33  ? 3.948   7.591   8.829   1.00 41.16  ? 33  GLU A CG  1 
ATOM   274 C CD  . GLU A 1 33  ? 4.541   8.657   9.756   1.00 42.19  ? 33  GLU A CD  1 
ATOM   275 O OE1 . GLU A 1 33  ? 5.043   8.327   10.826  1.00 43.16  ? 33  GLU A OE1 1 
ATOM   276 O OE2 . GLU A 1 33  ? 4.502   9.835   9.401   1.00 40.24  ? 33  GLU A OE2 1 
ATOM   277 N N   . SER A 1 34  ? 4.696   2.869   8.936   1.00 20.88  ? 34  SER A N   1 
ATOM   278 C CA  . SER A 1 34  ? 4.564   1.617   9.691   1.00 28.31  ? 34  SER A CA  1 
ATOM   279 C C   . SER A 1 34  ? 4.576   1.833   11.211  1.00 34.91  ? 34  SER A C   1 
ATOM   280 O O   . SER A 1 34  ? 5.359   2.632   11.749  1.00 44.14  ? 34  SER A O   1 
ATOM   281 C CB  . SER A 1 34  ? 5.699   0.649   9.366   1.00 21.61  ? 34  SER A CB  1 
ATOM   282 O OG  . SER A 1 34  ? 5.614   -0.568  10.100  1.00 22.20  ? 34  SER A OG  1 
ATOM   283 N N   . GLU A 1 35  ? 3.705   1.099   11.927  1.00 35.68  ? 35  GLU A N   1 
ATOM   284 C CA  . GLU A 1 35  ? 3.683   1.114   13.389  1.00 33.13  ? 35  GLU A CA  1 
ATOM   285 C C   . GLU A 1 35  ? 4.817   0.267   13.973  1.00 37.62  ? 35  GLU A C   1 
ATOM   286 O O   . GLU A 1 35  ? 5.501   0.630   14.937  1.00 37.50  ? 35  GLU A O   1 
ATOM   287 C CB  . GLU A 1 35  ? 2.454   0.512   13.948  1.00 36.43  ? 35  GLU A CB  1 
ATOM   288 C CG  . GLU A 1 35  ? 1.105   0.920   13.460  1.00 31.64  ? 35  GLU A CG  1 
ATOM   289 C CD  . GLU A 1 35  ? 0.085   0.217   14.343  1.00 44.75  ? 35  GLU A CD  1 
ATOM   290 O OE1 . GLU A 1 35  ? 0.156   0.364   15.572  1.00 46.43  ? 35  GLU A OE1 1 
ATOM   291 O OE2 . GLU A 1 35  ? -0.771  -0.489  13.797  1.00 46.36  ? 35  GLU A OE2 1 
ATOM   292 N N   . THR A 1 36  ? 5.005   -0.912  13.364  1.00 41.38  ? 36  THR A N   1 
ATOM   293 C CA  . THR A 1 36  ? 6.030   -1.843  13.790  1.00 41.10  ? 36  THR A CA  1 
ATOM   294 C C   . THR A 1 36  ? 7.459   -1.497  13.441  1.00 42.65  ? 36  THR A C   1 
ATOM   295 O O   . THR A 1 36  ? 8.386   -1.758  14.211  1.00 44.86  ? 36  THR A O   1 
ATOM   296 C CB  . THR A 1 36  ? 5.717   -3.207  13.233  1.00 37.91  ? 36  THR A CB  1 
ATOM   297 O OG1 . THR A 1 36  ? 5.678   -3.106  11.825  1.00 43.45  ? 36  THR A OG1 1 
ATOM   298 C CG2 . THR A 1 36  ? 4.448   -3.735  13.864  1.00 36.49  ? 36  THR A CG2 1 
ATOM   299 N N   . THR A 1 37  ? 7.640   -0.899  12.274  1.00 47.76  ? 37  THR A N   1 
ATOM   300 C CA  . THR A 1 37  ? 8.974   -0.592  11.810  1.00 48.40  ? 37  THR A CA  1 
ATOM   301 C C   . THR A 1 37  ? 8.985   0.909   11.654  1.00 47.11  ? 37  THR A C   1 
ATOM   302 O O   . THR A 1 37  ? 8.362   1.548   10.810  1.00 47.26  ? 37  THR A O   1 
ATOM   303 C CB  . THR A 1 37  ? 9.242   -1.333  10.475  1.00 50.74  ? 37  THR A CB  1 
ATOM   304 O OG1 . THR A 1 37  ? 8.814   -2.689  10.623  1.00 51.62  ? 37  THR A OG1 1 
ATOM   305 C CG2 . THR A 1 37  ? 10.707  -1.322  10.112  1.00 43.90  ? 37  THR A CG2 1 
ATOM   306 N N   . LYS A 1 38  ? 9.690   1.459   12.618  1.00 50.57  ? 38  LYS A N   1 
ATOM   307 C CA  . LYS A 1 38  ? 9.839   2.892   12.707  1.00 51.74  ? 38  LYS A CA  1 
ATOM   308 C C   . LYS A 1 38  ? 10.873  3.287   11.665  1.00 39.67  ? 38  LYS A C   1 
ATOM   309 O O   . LYS A 1 38  ? 11.873  2.605   11.430  1.00 37.01  ? 38  LYS A O   1 
ATOM   310 C CB  . LYS A 1 38  ? 10.203  3.164   14.179  1.00 66.74  ? 38  LYS A CB  1 
ATOM   311 C CG  . LYS A 1 38  ? 9.048   2.595   15.053  1.00 78.48  ? 38  LYS A CG  1 
ATOM   312 C CD  . LYS A 1 38  ? 9.327   2.505   16.549  1.00 91.07  ? 38  LYS A CD  1 
ATOM   313 C CE  . LYS A 1 38  ? 8.271   1.627   17.218  1.00 94.94  ? 38  LYS A CE  1 
ATOM   314 N NZ  . LYS A 1 38  ? 8.510   1.543   18.648  1.00 101.39 ? 38  LYS A NZ  1 
ATOM   315 N N   . GLY A 1 39  ? 10.537  4.341   10.927  1.00 34.42  ? 39  GLY A N   1 
ATOM   316 C CA  . GLY A 1 39  ? 11.346  4.741   9.792   1.00 27.62  ? 39  GLY A CA  1 
ATOM   317 C C   . GLY A 1 39  ? 10.895  4.058   8.495   1.00 34.68  ? 39  GLY A C   1 
ATOM   318 O O   . GLY A 1 39  ? 11.443  4.371   7.435   1.00 36.06  ? 39  GLY A O   1 
ATOM   319 N N   . ALA A 1 40  ? 9.928   3.111   8.512   1.00 27.79  ? 40  ALA A N   1 
ATOM   320 C CA  . ALA A 1 40  ? 9.404   2.516   7.280   1.00 24.78  ? 40  ALA A CA  1 
ATOM   321 C C   . ALA A 1 40  ? 7.947   2.926   6.994   1.00 23.70  ? 40  ALA A C   1 
ATOM   322 O O   . ALA A 1 40  ? 7.226   3.485   7.843   1.00 23.47  ? 40  ALA A O   1 
ATOM   323 C CB  . ALA A 1 40  ? 9.502   1.000   7.384   1.00 13.08  ? 40  ALA A CB  1 
ATOM   324 N N   . TYR A 1 41  ? 7.500   2.688   5.748   1.00 26.47  ? 41  TYR A N   1 
ATOM   325 C CA  . TYR A 1 41  ? 6.116   2.970   5.334   1.00 25.03  ? 41  TYR A CA  1 
ATOM   326 C C   . TYR A 1 41  ? 5.267   1.728   5.054   1.00 21.16  ? 41  TYR A C   1 
ATOM   327 O O   . TYR A 1 41  ? 5.770   0.602   5.100   1.00 20.16  ? 41  TYR A O   1 
ATOM   328 C CB  . TYR A 1 41  ? 6.136   3.870   4.077   1.00 30.02  ? 41  TYR A CB  1 
ATOM   329 C CG  . TYR A 1 41  ? 6.690   5.243   4.425   1.00 35.46  ? 41  TYR A CG  1 
ATOM   330 C CD1 . TYR A 1 41  ? 8.071   5.447   4.364   1.00 28.62  ? 41  TYR A CD1 1 
ATOM   331 C CD2 . TYR A 1 41  ? 5.818   6.241   4.871   1.00 32.09  ? 41  TYR A CD2 1 
ATOM   332 C CE1 . TYR A 1 41  ? 8.599   6.643   4.793   1.00 25.53  ? 41  TYR A CE1 1 
ATOM   333 C CE2 . TYR A 1 41  ? 6.346   7.441   5.300   1.00 29.85  ? 41  TYR A CE2 1 
ATOM   334 C CZ  . TYR A 1 41  ? 7.724   7.620   5.247   1.00 36.95  ? 41  TYR A CZ  1 
ATOM   335 O OH  . TYR A 1 41  ? 8.257   8.796   5.724   1.00 41.88  ? 41  TYR A OH  1 
ATOM   336 N N   . CYS A 1 42  ? 3.955   1.884   4.825   1.00 21.72  ? 42  CYS A N   1 
ATOM   337 C CA  . CYS A 1 42  ? 3.144   0.742   4.417   1.00 22.23  ? 42  CYS A CA  1 
ATOM   338 C C   . CYS A 1 42  ? 2.154   1.058   3.288   1.00 17.67  ? 42  CYS A C   1 
ATOM   339 O O   . CYS A 1 42  ? 1.522   2.113   3.272   1.00 20.66  ? 42  CYS A O   1 
ATOM   340 C CB  . CYS A 1 42  ? 2.399   0.206   5.639   1.00 23.10  ? 42  CYS A CB  1 
ATOM   341 S SG  . CYS A 1 42  ? 1.281   -1.147  5.140   1.00 31.72  ? 42  CYS A SG  1 
ATOM   342 N N   . LEU A 1 43  ? 2.065   0.160   2.293   1.00 14.61  ? 43  LEU A N   1 
ATOM   343 C CA  . LEU A 1 43  ? 1.106   0.239   1.201   1.00 16.07  ? 43  LEU A CA  1 
ATOM   344 C C   . LEU A 1 43  ? -0.021  -0.693  1.562   1.00 14.35  ? 43  LEU A C   1 
ATOM   345 O O   . LEU A 1 43  ? 0.185   -1.906  1.574   1.00 15.27  ? 43  LEU A O   1 
ATOM   346 C CB  . LEU A 1 43  ? 1.725   -0.231  -0.119  1.00 13.50  ? 43  LEU A CB  1 
ATOM   347 C CG  . LEU A 1 43  ? 0.861   -0.170  -1.368  1.00 11.89  ? 43  LEU A CG  1 
ATOM   348 C CD1 . LEU A 1 43  ? 0.384   1.255   -1.615  1.00 14.61  ? 43  LEU A CD1 1 
ATOM   349 C CD2 . LEU A 1 43  ? 1.691   -0.609  -2.581  1.00 10.97  ? 43  LEU A CD2 1 
ATOM   350 N N   . SER A 1 44  ? -1.212  -0.142  1.830   1.00 15.63  ? 44  SER A N   1 
ATOM   351 C CA  . SER A 1 44  ? -2.365  -0.913  2.287   1.00 18.60  ? 44  SER A CA  1 
ATOM   352 C C   . SER A 1 44  ? -3.392  -0.943  1.173   1.00 19.66  ? 44  SER A C   1 
ATOM   353 O O   . SER A 1 44  ? -3.742  0.128   0.704   1.00 17.02  ? 44  SER A O   1 
ATOM   354 C CB  . SER A 1 44  ? -2.876  -0.228  3.533   1.00 19.28  ? 44  SER A CB  1 
ATOM   355 O OG  . SER A 1 44  ? -1.928  -0.314  4.589   1.00 20.33  ? 44  SER A OG  1 
ATOM   356 N N   . VAL A 1 45  ? -3.880  -2.124  0.718   1.00 15.41  ? 45  VAL A N   1 
ATOM   357 C CA  . VAL A 1 45  ? -4.652  -2.212  -0.507  1.00 15.30  ? 45  VAL A CA  1 
ATOM   358 C C   . VAL A 1 45  ? -5.839  -3.151  -0.296  1.00 18.41  ? 45  VAL A C   1 
ATOM   359 O O   . VAL A 1 45  ? -5.708  -4.227  0.286   1.00 18.17  ? 45  VAL A O   1 
ATOM   360 C CB  . VAL A 1 45  ? -3.738  -2.767  -1.694  1.00 20.55  ? 45  VAL A CB  1 
ATOM   361 C CG1 . VAL A 1 45  ? -4.425  -2.580  -3.034  1.00 18.31  ? 45  VAL A CG1 1 
ATOM   362 C CG2 . VAL A 1 45  ? -2.410  -2.021  -1.798  1.00 22.65  ? 45  VAL A CG2 1 
ATOM   363 N N   . SER A 1 46  ? -7.035  -2.778  -0.777  1.00 19.91  ? 46  SER A N   1 
ATOM   364 C CA  . SER A 1 46  ? -8.172  -3.667  -0.648  1.00 18.37  ? 46  SER A CA  1 
ATOM   365 C C   . SER A 1 46  ? -8.133  -4.726  -1.750  1.00 23.67  ? 46  SER A C   1 
ATOM   366 O O   . SER A 1 46  ? -7.639  -4.546  -2.881  1.00 17.82  ? 46  SER A O   1 
ATOM   367 C CB  . SER A 1 46  ? -9.467  -2.875  -0.751  1.00 17.95  ? 46  SER A CB  1 
ATOM   368 O OG  . SER A 1 46  ? -9.559  -2.248  -2.026  1.00 18.43  ? 46  SER A OG  1 
ATOM   369 N N   . ASP A 1 47  ? -8.700  -5.876  -1.385  1.00 23.27  ? 47  ASP A N   1 
ATOM   370 C CA  . ASP A 1 47  ? -8.796  -6.981  -2.307  1.00 18.75  ? 47  ASP A CA  1 
ATOM   371 C C   . ASP A 1 47  ? -10.084 -7.746  -2.056  1.00 23.06  ? 47  ASP A C   1 
ATOM   372 O O   . ASP A 1 47  ? -10.857 -7.394  -1.151  1.00 22.83  ? 47  ASP A O   1 
ATOM   373 C CB  . ASP A 1 47  ? -7.547  -7.842  -2.105  1.00 20.00  ? 47  ASP A CB  1 
ATOM   374 C CG  . ASP A 1 47  ? -7.132  -8.629  -3.335  1.00 21.29  ? 47  ASP A CG  1 
ATOM   375 O OD1 . ASP A 1 47  ? -7.817  -8.605  -4.353  1.00 30.47  ? 47  ASP A OD1 1 
ATOM   376 O OD2 . ASP A 1 47  ? -6.113  -9.288  -3.249  1.00 24.07  ? 47  ASP A OD2 1 
ATOM   377 N N   . PHE A 1 48  ? -10.310 -8.786  -2.871  1.00 20.70  ? 48  PHE A N   1 
ATOM   378 C CA  . PHE A 1 48  ? -11.514 -9.594  -2.788  1.00 24.27  ? 48  PHE A CA  1 
ATOM   379 C C   . PHE A 1 48  ? -11.235 -11.028 -3.165  1.00 28.72  ? 48  PHE A C   1 
ATOM   380 O O   . PHE A 1 48  ? -10.431 -11.304 -4.055  1.00 32.67  ? 48  PHE A O   1 
ATOM   381 C CB  . PHE A 1 48  ? -12.612 -9.036  -3.730  1.00 30.08  ? 48  PHE A CB  1 
ATOM   382 C CG  . PHE A 1 48  ? -14.054 -9.504  -3.464  1.00 29.88  ? 48  PHE A CG  1 
ATOM   383 C CD1 . PHE A 1 48  ? -14.850 -8.838  -2.555  1.00 35.20  ? 48  PHE A CD1 1 
ATOM   384 C CD2 . PHE A 1 48  ? -14.575 -10.585 -4.138  1.00 36.50  ? 48  PHE A CD2 1 
ATOM   385 C CE1 . PHE A 1 48  ? -16.140 -9.248  -2.282  1.00 32.71  ? 48  PHE A CE1 1 
ATOM   386 C CE2 . PHE A 1 48  ? -15.860 -11.000 -3.870  1.00 39.73  ? 48  PHE A CE2 1 
ATOM   387 C CZ  . PHE A 1 48  ? -16.643 -10.329 -2.954  1.00 40.27  ? 48  PHE A CZ  1 
ATOM   388 N N   . ASP A 1 49  ? -11.841 -11.942 -2.400  1.00 30.02  ? 49  ASP A N   1 
ATOM   389 C CA  . ASP A 1 49  ? -11.859 -13.370 -2.700  1.00 31.02  ? 49  ASP A CA  1 
ATOM   390 C C   . ASP A 1 49  ? -13.323 -13.691 -2.908  1.00 31.69  ? 49  ASP A C   1 
ATOM   391 O O   . ASP A 1 49  ? -14.154 -13.256 -2.115  1.00 28.23  ? 49  ASP A O   1 
ATOM   392 C CB  . ASP A 1 49  ? -11.361 -14.249 -1.545  1.00 34.59  ? 49  ASP A CB  1 
ATOM   393 C CG  . ASP A 1 49  ? -11.213 -15.744 -1.854  1.00 37.07  ? 49  ASP A CG  1 
ATOM   394 O OD1 . ASP A 1 49  ? -11.290 -16.160 -3.004  1.00 48.59  ? 49  ASP A OD1 1 
ATOM   395 O OD2 . ASP A 1 49  ? -11.001 -16.523 -0.935  1.00 52.09  ? 49  ASP A OD2 1 
ATOM   396 N N   . ASN A 1 50  ? -13.678 -14.446 -3.957  1.00 37.62  ? 50  ASN A N   1 
ATOM   397 C CA  . ASN A 1 50  ? -15.075 -14.767 -4.223  1.00 38.49  ? 50  ASN A CA  1 
ATOM   398 C C   . ASN A 1 50  ? -15.697 -15.496 -3.055  1.00 35.91  ? 50  ASN A C   1 
ATOM   399 O O   . ASN A 1 50  ? -16.843 -15.223 -2.729  1.00 38.43  ? 50  ASN A O   1 
ATOM   400 C CB  . ASN A 1 50  ? -15.289 -15.675 -5.427  1.00 40.07  ? 50  ASN A CB  1 
ATOM   401 C CG  . ASN A 1 50  ? -16.785 -15.809 -5.737  1.00 44.11  ? 50  ASN A CG  1 
ATOM   402 O OD1 . ASN A 1 50  ? -17.391 -14.846 -6.204  1.00 47.58  ? 50  ASN A OD1 1 
ATOM   403 N ND2 . ASN A 1 50  ? -17.449 -16.946 -5.473  1.00 41.28  ? 50  ASN A ND2 1 
ATOM   404 N N   . ALA A 1 51  ? -14.964 -16.386 -2.398  1.00 29.24  ? 51  ALA A N   1 
ATOM   405 C CA  . ALA A 1 51  ? -15.552 -17.102 -1.300  1.00 25.85  ? 51  ALA A CA  1 
ATOM   406 C C   . ALA A 1 51  ? -15.549 -16.384 0.025   1.00 28.12  ? 51  ALA A C   1 
ATOM   407 O O   . ALA A 1 51  ? -16.456 -16.579 0.839   1.00 24.05  ? 51  ALA A O   1 
ATOM   408 C CB  . ALA A 1 51  ? -14.846 -18.436 -1.111  1.00 24.62  ? 51  ALA A CB  1 
ATOM   409 N N   . LYS A 1 52  ? -14.535 -15.535 0.231   1.00 26.42  ? 52  LYS A N   1 
ATOM   410 C CA  . LYS A 1 52  ? -14.378 -14.957 1.540   1.00 22.57  ? 52  LYS A CA  1 
ATOM   411 C C   . LYS A 1 52  ? -14.753 -13.501 1.645   1.00 22.11  ? 52  LYS A C   1 
ATOM   412 O O   . LYS A 1 52  ? -14.995 -12.987 2.737   1.00 19.72  ? 52  LYS A O   1 
ATOM   413 C CB  . LYS A 1 52  ? -12.950 -15.146 1.978   1.00 24.87  ? 52  LYS A CB  1 
ATOM   414 C CG  . LYS A 1 52  ? -12.515 -16.588 2.135   1.00 40.54  ? 52  LYS A CG  1 
ATOM   415 C CD  . LYS A 1 52  ? -13.218 -17.253 3.307   1.00 60.84  ? 52  LYS A CD  1 
ATOM   416 C CE  . LYS A 1 52  ? -12.565 -18.601 3.644   1.00 71.14  ? 52  LYS A CE  1 
ATOM   417 N NZ  . LYS A 1 52  ? -13.293 -19.306 4.692   1.00 76.25  ? 52  LYS A NZ  1 
ATOM   418 N N   . GLY A 1 53  ? -14.807 -12.857 0.485   1.00 23.75  ? 53  GLY A N   1 
ATOM   419 C CA  . GLY A 1 53  ? -15.068 -11.440 0.386   1.00 22.31  ? 53  GLY A CA  1 
ATOM   420 C C   . GLY A 1 53  ? -13.837 -10.552 0.559   1.00 18.52  ? 53  GLY A C   1 
ATOM   421 O O   . GLY A 1 53  ? -12.705 -10.927 0.309   1.00 21.49  ? 53  GLY A O   1 
ATOM   422 N N   . LEU A 1 54  ? -14.158 -9.312  0.927   1.00 17.85  ? 54  LEU A N   1 
ATOM   423 C CA  . LEU A 1 54  ? -13.284 -8.198  1.238   1.00 18.83  ? 54  LEU A CA  1 
ATOM   424 C C   . LEU A 1 54  ? -12.137 -8.523  2.157   1.00 24.76  ? 54  LEU A C   1 
ATOM   425 O O   . LEU A 1 54  ? -12.332 -9.184  3.176   1.00 25.51  ? 54  LEU A O   1 
ATOM   426 C CB  . LEU A 1 54  ? -14.085 -7.137  1.896   1.00 18.56  ? 54  LEU A CB  1 
ATOM   427 C CG  . LEU A 1 54  ? -14.537 -5.902  1.189   1.00 27.17  ? 54  LEU A CG  1 
ATOM   428 C CD1 . LEU A 1 54  ? -15.038 -6.159  -0.205  1.00 31.20  ? 54  LEU A CD1 1 
ATOM   429 C CD2 . LEU A 1 54  ? -15.668 -5.335  2.027   1.00 30.39  ? 54  LEU A CD2 1 
ATOM   430 N N   . ASN A 1 55  ? -10.938 -8.082  1.797   1.00 23.78  ? 55  ASN A N   1 
ATOM   431 C CA  . ASN A 1 55  ? -9.786  -8.238  2.674   1.00 24.79  ? 55  ASN A CA  1 
ATOM   432 C C   . ASN A 1 55  ? -8.765  -7.193  2.305   1.00 20.66  ? 55  ASN A C   1 
ATOM   433 O O   . ASN A 1 55  ? -8.910  -6.584  1.248   1.00 17.23  ? 55  ASN A O   1 
ATOM   434 C CB  . ASN A 1 55  ? -9.175  -9.657  2.561   1.00 27.38  ? 55  ASN A CB  1 
ATOM   435 C CG  . ASN A 1 55  ? -8.608  -10.051 1.214   1.00 30.20  ? 55  ASN A CG  1 
ATOM   436 O OD1 . ASN A 1 55  ? -7.469  -9.706  0.930   1.00 32.67  ? 55  ASN A OD1 1 
ATOM   437 N ND2 . ASN A 1 55  ? -9.357  -10.765 0.366   1.00 32.10  ? 55  ASN A ND2 1 
ATOM   438 N N   . VAL A 1 56  ? -7.786  -6.931  3.193   1.00 20.61  ? 56  VAL A N   1 
ATOM   439 C CA  . VAL A 1 56  ? -6.753  -5.892  2.985   1.00 25.55  ? 56  VAL A CA  1 
ATOM   440 C C   . VAL A 1 56  ? -5.344  -6.498  2.972   1.00 24.07  ? 56  VAL A C   1 
ATOM   441 O O   . VAL A 1 56  ? -4.977  -7.255  3.881   1.00 23.32  ? 56  VAL A O   1 
ATOM   442 C CB  . VAL A 1 56  ? -6.804  -4.770  4.120   1.00 23.29  ? 56  VAL A CB  1 
ATOM   443 C CG1 . VAL A 1 56  ? -5.828  -3.636  3.806   1.00 19.15  ? 56  VAL A CG1 1 
ATOM   444 C CG2 . VAL A 1 56  ? -8.210  -4.157  4.225   1.00 21.04  ? 56  VAL A CG2 1 
ATOM   445 N N   . LYS A 1 57  ? -4.541  -6.192  1.937   1.00 21.54  ? 57  LYS A N   1 
ATOM   446 C CA  . LYS A 1 57  ? -3.145  -6.631  1.894   1.00 19.76  ? 57  LYS A CA  1 
ATOM   447 C C   . LYS A 1 57  ? -2.256  -5.474  2.359   1.00 17.59  ? 57  LYS A C   1 
ATOM   448 O O   . LYS A 1 57  ? -2.508  -4.308  2.038   1.00 21.12  ? 57  LYS A O   1 
ATOM   449 C CB  . LYS A 1 57  ? -2.792  -7.027  0.496   1.00 16.83  ? 57  LYS A CB  1 
ATOM   450 C CG  . LYS A 1 57  ? -3.649  -8.165  -0.046  1.00 25.32  ? 57  LYS A CG  1 
ATOM   451 C CD  . LYS A 1 57  ? -3.681  -9.371  0.888   1.00 26.05  ? 57  LYS A CD  1 
ATOM   452 C CE  . LYS A 1 57  ? -4.116  -10.692 0.237   1.00 37.02  ? 57  LYS A CE  1 
ATOM   453 N NZ  . LYS A 1 57  ? -5.343  -10.583 -0.529  1.00 33.92  ? 57  LYS A NZ  1 
ATOM   454 N N   . HIS A 1 58  ? -1.266  -5.749  3.221   1.00 21.85  ? 58  HIS A N   1 
ATOM   455 C CA  . HIS A 1 58  ? -0.328  -4.732  3.735   1.00 18.57  ? 58  HIS A CA  1 
ATOM   456 C C   . HIS A 1 58  ? 1.083   -5.061  3.253   1.00 16.92  ? 58  HIS A C   1 
ATOM   457 O O   . HIS A 1 58  ? 1.581   -6.186  3.342   1.00 14.79  ? 58  HIS A O   1 
ATOM   458 C CB  . HIS A 1 58  ? -0.320  -4.696  5.262   1.00 7.56   ? 58  HIS A CB  1 
ATOM   459 C CG  . HIS A 1 58  ? -1.633  -4.197  5.827   1.00 13.94  ? 58  HIS A CG  1 
ATOM   460 N ND1 . HIS A 1 58  ? -2.061  -2.932  5.887   1.00 14.48  ? 58  HIS A ND1 1 
ATOM   461 C CD2 . HIS A 1 58  ? -2.621  -5.001  6.348   1.00 17.61  ? 58  HIS A CD2 1 
ATOM   462 C CE1 . HIS A 1 58  ? -3.275  -2.963  6.419   1.00 13.27  ? 58  HIS A CE1 1 
ATOM   463 N NE2 . HIS A 1 58  ? -3.611  -4.202  6.696   1.00 18.80  ? 58  HIS A NE2 1 
ATOM   464 N N   . TYR A 1 59  ? 1.697   -4.065  2.633   1.00 13.43  ? 59  TYR A N   1 
ATOM   465 C CA  . TYR A 1 59  ? 3.028   -4.237  2.119   1.00 13.65  ? 59  TYR A CA  1 
ATOM   466 C C   . TYR A 1 59  ? 3.889   -3.185  2.806   1.00 17.96  ? 59  TYR A C   1 
ATOM   467 O O   . TYR A 1 59  ? 3.550   -1.997  2.864   1.00 17.57  ? 59  TYR A O   1 
ATOM   468 C CB  . TYR A 1 59  ? 3.032   -4.042  0.580   1.00 13.58  ? 59  TYR A CB  1 
ATOM   469 C CG  . TYR A 1 59  ? 2.106   -4.941  -0.225  1.00 14.48  ? 59  TYR A CG  1 
ATOM   470 C CD1 . TYR A 1 59  ? 2.560   -6.211  -0.550  1.00 16.48  ? 59  TYR A CD1 1 
ATOM   471 C CD2 . TYR A 1 59  ? 0.834   -4.510  -0.599  1.00 11.21  ? 59  TYR A CD2 1 
ATOM   472 C CE1 . TYR A 1 59  ? 1.740   -7.050  -1.261  1.00 18.86  ? 59  TYR A CE1 1 
ATOM   473 C CE2 . TYR A 1 59  ? 0.014   -5.349  -1.304  1.00 15.79  ? 59  TYR A CE2 1 
ATOM   474 C CZ  . TYR A 1 59  ? 0.488   -6.610  -1.624  1.00 21.39  ? 59  TYR A CZ  1 
ATOM   475 O OH  . TYR A 1 59  ? -0.280  -7.465  -2.373  1.00 21.27  ? 59  TYR A OH  1 
ATOM   476 N N   . LYS A 1 60  ? 5.012   -3.639  3.374   1.00 18.81  ? 60  LYS A N   1 
ATOM   477 C CA  . LYS A 1 60  ? 5.956   -2.743  4.024   1.00 15.28  ? 60  LYS A CA  1 
ATOM   478 C C   . LYS A 1 60  ? 6.805   -2.074  2.963   1.00 14.35  ? 60  LYS A C   1 
ATOM   479 O O   . LYS A 1 60  ? 7.320   -2.714  2.064   1.00 14.08  ? 60  LYS A O   1 
ATOM   480 C CB  . LYS A 1 60  ? 6.855   -3.521  4.997   1.00 18.73  ? 60  LYS A CB  1 
ATOM   481 C CG  . LYS A 1 60  ? 7.468   -2.547  5.989   1.00 23.48  ? 60  LYS A CG  1 
ATOM   482 C CD  . LYS A 1 60  ? 8.348   -3.275  6.963   1.00 34.72  ? 60  LYS A CD  1 
ATOM   483 C CE  . LYS A 1 60  ? 7.509   -4.086  7.930   1.00 39.95  ? 60  LYS A CE  1 
ATOM   484 N NZ  . LYS A 1 60  ? 8.320   -4.966  8.762   1.00 43.89  ? 60  LYS A NZ  1 
ATOM   485 N N   . ILE A 1 61  ? 6.911   -0.756  2.997   1.00 15.71  ? 61  ILE A N   1 
ATOM   486 C CA  . ILE A 1 61  ? 7.732   -0.017  2.049   1.00 19.57  ? 61  ILE A CA  1 
ATOM   487 C C   . ILE A 1 61  ? 8.993   0.265   2.865   1.00 25.54  ? 61  ILE A C   1 
ATOM   488 O O   . ILE A 1 61  ? 8.940   0.963   3.884   1.00 18.76  ? 61  ILE A O   1 
ATOM   489 C CB  . ILE A 1 61  ? 7.020   1.300   1.650   1.00 20.07  ? 61  ILE A CB  1 
ATOM   490 C CG1 . ILE A 1 61  ? 5.723   0.979   0.936   1.00 16.65  ? 61  ILE A CG1 1 
ATOM   491 C CG2 . ILE A 1 61  ? 7.925   2.148   0.779   1.00 18.74  ? 61  ILE A CG2 1 
ATOM   492 C CD1 . ILE A 1 61  ? 4.822   2.228   0.785   1.00 17.49  ? 61  ILE A CD1 1 
ATOM   493 N N   . ARG A 1 62  ? 10.135  -0.315  2.482   1.00 29.23  ? 62  ARG A N   1 
ATOM   494 C CA  . ARG A 1 62  ? 11.352  -0.070  3.244   1.00 30.09  ? 62  ARG A CA  1 
ATOM   495 C C   . ARG A 1 62  ? 12.159  1.070   2.624   1.00 29.36  ? 62  ARG A C   1 
ATOM   496 O O   . ARG A 1 62  ? 12.022  1.412   1.446   1.00 22.53  ? 62  ARG A O   1 
ATOM   497 C CB  . ARG A 1 62  ? 12.100  -1.378  3.287   1.00 31.05  ? 62  ARG A CB  1 
ATOM   498 C CG  . ARG A 1 62  ? 11.240  -2.435  3.982   1.00 40.68  ? 62  ARG A CG  1 
ATOM   499 C CD  . ARG A 1 62  ? 11.803  -3.819  3.750   1.00 55.61  ? 62  ARG A CD  1 
ATOM   500 N NE  . ARG A 1 62  ? 10.858  -4.915  3.957   1.00 66.58  ? 62  ARG A NE  1 
ATOM   501 C CZ  . ARG A 1 62  ? 10.708  -5.584  5.113   1.00 73.37  ? 62  ARG A CZ  1 
ATOM   502 N NH1 . ARG A 1 62  ? 11.419  -5.290  6.218   1.00 74.11  ? 62  ARG A NH1 1 
ATOM   503 N NH2 . ARG A 1 62  ? 9.849   -6.611  5.136   1.00 77.02  ? 62  ARG A NH2 1 
ATOM   504 N N   . LYS A 1 63  ? 12.908  1.771   3.470   1.00 34.80  ? 63  LYS A N   1 
ATOM   505 C CA  . LYS A 1 63  ? 13.730  2.895   3.014   1.00 46.70  ? 63  LYS A CA  1 
ATOM   506 C C   . LYS A 1 63  ? 15.213  2.584   3.167   1.00 45.63  ? 63  LYS A C   1 
ATOM   507 O O   . LYS A 1 63  ? 15.654  2.308   4.283   1.00 53.06  ? 63  LYS A O   1 
ATOM   508 C CB  . LYS A 1 63  ? 13.467  4.199   3.808   1.00 42.59  ? 63  LYS A CB  1 
ATOM   509 C CG  . LYS A 1 63  ? 14.020  5.397   3.021   1.00 54.76  ? 63  LYS A CG  1 
ATOM   510 C CD  . LYS A 1 63  ? 14.190  6.706   3.796   1.00 58.87  ? 63  LYS A CD  1 
ATOM   511 C CE  . LYS A 1 63  ? 15.526  6.766   4.565   1.00 66.43  ? 63  LYS A CE  1 
ATOM   512 N NZ  . LYS A 1 63  ? 16.687  7.068   3.731   1.00 53.79  ? 63  LYS A NZ  1 
ATOM   513 N N   . LEU A 1 64  ? 16.013  2.609   2.097   1.00 41.73  ? 64  LEU A N   1 
ATOM   514 C CA  . LEU A 1 64  ? 17.454  2.429   2.219   1.00 36.85  ? 64  LEU A CA  1 
ATOM   515 C C   . LEU A 1 64  ? 18.076  3.643   2.877   1.00 36.14  ? 64  LEU A C   1 
ATOM   516 O O   . LEU A 1 64  ? 17.460  4.709   2.882   1.00 35.40  ? 64  LEU A O   1 
ATOM   517 C CB  . LEU A 1 64  ? 18.138  2.289   0.876   1.00 43.77  ? 64  LEU A CB  1 
ATOM   518 C CG  . LEU A 1 64  ? 17.840  1.179   -0.108  1.00 41.34  ? 64  LEU A CG  1 
ATOM   519 C CD1 . LEU A 1 64  ? 17.691  -0.095  0.693   1.00 43.07  ? 64  LEU A CD1 1 
ATOM   520 C CD2 . LEU A 1 64  ? 16.635  1.510   -0.952  1.00 39.14  ? 64  LEU A CD2 1 
ATOM   521 N N   . ASP A 1 65  ? 19.300  3.506   3.424   1.00 44.48  ? 65  ASP A N   1 
ATOM   522 C CA  . ASP A 1 65  ? 20.069  4.604   4.029   1.00 44.91  ? 65  ASP A CA  1 
ATOM   523 C C   . ASP A 1 65  ? 20.397  5.719   3.041   1.00 42.31  ? 65  ASP A C   1 
ATOM   524 O O   . ASP A 1 65  ? 20.320  6.911   3.367   1.00 42.31  ? 65  ASP A O   1 
ATOM   525 C CB  . ASP A 1 65  ? 21.378  4.073   4.599   1.00 55.98  ? 65  ASP A CB  1 
ATOM   526 C CG  . ASP A 1 65  ? 21.186  3.163   5.810   1.00 67.15  ? 65  ASP A CG  1 
ATOM   527 O OD1 . ASP A 1 65  ? 20.903  3.657   6.909   1.00 67.58  ? 65  ASP A OD1 1 
ATOM   528 O OD2 . ASP A 1 65  ? 21.326  1.950   5.643   1.00 73.72  ? 65  ASP A OD2 1 
ATOM   529 N N   . SER A 1 66  ? 20.720  5.265   1.811   1.00 43.38  ? 66  SER A N   1 
ATOM   530 C CA  . SER A 1 66  ? 20.957  6.072   0.612   1.00 37.19  ? 66  SER A CA  1 
ATOM   531 C C   . SER A 1 66  ? 19.803  6.993   0.249   1.00 34.56  ? 66  SER A C   1 
ATOM   532 O O   . SER A 1 66  ? 20.028  8.005   -0.420  1.00 32.86  ? 66  SER A O   1 
ATOM   533 C CB  . SER A 1 66  ? 21.224  5.159   -0.561  1.00 40.06  ? 66  SER A CB  1 
ATOM   534 O OG  . SER A 1 66  ? 20.109  4.310   -0.846  1.00 35.83  ? 66  SER A OG  1 
ATOM   535 N N   . GLY A 1 67  ? 18.571  6.634   0.667   1.00 31.87  ? 67  GLY A N   1 
ATOM   536 C CA  . GLY A 1 67  ? 17.381  7.435   0.408   1.00 30.99  ? 67  GLY A CA  1 
ATOM   537 C C   . GLY A 1 67  ? 16.265  6.717   -0.361  1.00 32.44  ? 67  GLY A C   1 
ATOM   538 O O   . GLY A 1 67  ? 15.112  7.128   -0.255  1.00 40.54  ? 67  GLY A O   1 
ATOM   539 N N   . GLY A 1 68  ? 16.515  5.626   -1.089  1.00 29.25  ? 68  GLY A N   1 
ATOM   540 C CA  . GLY A 1 68  ? 15.473  4.967   -1.887  1.00 30.08  ? 68  GLY A CA  1 
ATOM   541 C C   . GLY A 1 68  ? 14.395  4.218   -1.098  1.00 31.03  ? 68  GLY A C   1 
ATOM   542 O O   . GLY A 1 68  ? 14.531  3.997   0.107   1.00 34.46  ? 68  GLY A O   1 
ATOM   543 N N   . PHE A 1 69  ? 13.301  3.829   -1.792  1.00 23.02  ? 69  PHE A N   1 
ATOM   544 C CA  . PHE A 1 69  ? 12.171  3.092   -1.243  1.00 19.30  ? 69  PHE A CA  1 
ATOM   545 C C   . PHE A 1 69  ? 11.957  1.808   -2.026  1.00 20.41  ? 69  PHE A C   1 
ATOM   546 O O   . PHE A 1 69  ? 12.202  1.771   -3.224  1.00 24.92  ? 69  PHE A O   1 
ATOM   547 C CB  . PHE A 1 69  ? 10.889  3.875   -1.348  1.00 15.90  ? 69  PHE A CB  1 
ATOM   548 C CG  . PHE A 1 69  ? 10.956  5.109   -0.493  1.00 20.51  ? 69  PHE A CG  1 
ATOM   549 C CD1 . PHE A 1 69  ? 11.474  6.269   -1.021  1.00 23.15  ? 69  PHE A CD1 1 
ATOM   550 C CD2 . PHE A 1 69  ? 10.451  5.092   0.787   1.00 25.26  ? 69  PHE A CD2 1 
ATOM   551 C CE1 . PHE A 1 69  ? 11.510  7.415   -0.270  1.00 25.31  ? 69  PHE A CE1 1 
ATOM   552 C CE2 . PHE A 1 69  ? 10.485  6.247   1.553   1.00 25.68  ? 69  PHE A CE2 1 
ATOM   553 C CZ  . PHE A 1 69  ? 11.001  7.404   1.012   1.00 27.15  ? 69  PHE A CZ  1 
ATOM   554 N N   . TYR A 1 70  ? 11.496  0.718   -1.404  1.00 26.19  ? 70  TYR A N   1 
ATOM   555 C CA  . TYR A 1 70  ? 11.168  -0.518  -2.109  1.00 16.37  ? 70  TYR A CA  1 
ATOM   556 C C   . TYR A 1 70  ? 10.274  -1.424  -1.243  1.00 19.89  ? 70  TYR A C   1 
ATOM   557 O O   . TYR A 1 70  ? 10.318  -1.516  0.004   1.00 22.06  ? 70  TYR A O   1 
ATOM   558 C CB  . TYR A 1 70  ? 12.486  -1.260  -2.520  1.00 12.64  ? 70  TYR A CB  1 
ATOM   559 C CG  . TYR A 1 70  ? 13.275  -1.863  -1.362  1.00 18.89  ? 70  TYR A CG  1 
ATOM   560 C CD1 . TYR A 1 70  ? 14.193  -1.100  -0.702  1.00 23.58  ? 70  TYR A CD1 1 
ATOM   561 C CD2 . TYR A 1 70  ? 13.025  -3.152  -0.905  1.00 24.35  ? 70  TYR A CD2 1 
ATOM   562 C CE1 . TYR A 1 70  ? 14.826  -1.599  0.413   1.00 32.65  ? 70  TYR A CE1 1 
ATOM   563 C CE2 . TYR A 1 70  ? 13.650  -3.664  0.204   1.00 32.63  ? 70  TYR A CE2 1 
ATOM   564 C CZ  . TYR A 1 70  ? 14.567  -2.871  0.870   1.00 39.94  ? 70  TYR A CZ  1 
ATOM   565 O OH  . TYR A 1 70  ? 15.199  -3.308  2.036   1.00 38.68  ? 70  TYR A OH  1 
ATOM   566 N N   . ILE A 1 71  ? 9.384   -2.091  -1.976  1.00 20.49  ? 71  ILE A N   1 
ATOM   567 C CA  . ILE A 1 71  ? 8.613   -3.160  -1.403  1.00 17.72  ? 71  ILE A CA  1 
ATOM   568 C C   . ILE A 1 71  ? 9.475   -4.392  -1.657  1.00 24.32  ? 71  ILE A C   1 
ATOM   569 O O   . ILE A 1 71  ? 9.732   -5.169  -0.729  1.00 27.41  ? 71  ILE A O   1 
ATOM   570 C CB  . ILE A 1 71  ? 7.244   -3.256  -2.104  1.00 16.61  ? 71  ILE A CB  1 
ATOM   571 C CG1 . ILE A 1 71  ? 6.427   -2.038  -1.679  1.00 21.91  ? 71  ILE A CG1 1 
ATOM   572 C CG2 . ILE A 1 71  ? 6.508   -4.553  -1.716  1.00 19.77  ? 71  ILE A CG2 1 
ATOM   573 C CD1 . ILE A 1 71  ? 5.022   -1.904  -2.264  1.00 22.38  ? 71  ILE A CD1 1 
ATOM   574 N N   . THR A 1 72  ? 9.953   -4.573  -2.903  1.00 22.12  ? 72  THR A N   1 
ATOM   575 C CA  . THR A 1 72  ? 10.858  -5.681  -3.221  1.00 28.94  ? 72  THR A CA  1 
ATOM   576 C C   . THR A 1 72  ? 12.147  -5.016  -3.635  1.00 27.57  ? 72  THR A C   1 
ATOM   577 O O   . THR A 1 72  ? 12.078  -4.003  -4.342  1.00 24.21  ? 72  THR A O   1 
ATOM   578 C CB  . THR A 1 72  ? 10.374  -6.550  -4.402  1.00 31.85  ? 72  THR A CB  1 
ATOM   579 O OG1 . THR A 1 72  ? 10.460  -5.876  -5.644  1.00 43.27  ? 72  THR A OG1 1 
ATOM   580 C CG2 . THR A 1 72  ? 8.908   -6.747  -4.282  1.00 42.11  ? 72  THR A CG2 1 
ATOM   581 N N   . SER A 1 73  ? 13.307  -5.544  -3.219  1.00 27.64  ? 73  SER A N   1 
ATOM   582 C CA  . SER A 1 73  ? 14.599  -4.971  -3.631  1.00 34.56  ? 73  SER A CA  1 
ATOM   583 C C   . SER A 1 73  ? 14.825  -4.970  -5.147  1.00 27.50  ? 73  SER A C   1 
ATOM   584 O O   . SER A 1 73  ? 15.628  -4.188  -5.626  1.00 25.38  ? 73  SER A O   1 
ATOM   585 C CB  . SER A 1 73  ? 15.741  -5.734  -2.944  1.00 36.12  ? 73  SER A CB  1 
ATOM   586 O OG  . SER A 1 73  ? 15.659  -7.113  -3.305  1.00 49.45  ? 73  SER A OG  1 
ATOM   587 N N   . ARG A 1 74  ? 14.128  -5.818  -5.916  1.00 26.59  ? 74  ARG A N   1 
ATOM   588 C CA  . ARG A 1 74  ? 14.075  -5.783  -7.378  1.00 25.19  ? 74  ARG A CA  1 
ATOM   589 C C   . ARG A 1 74  ? 13.671  -4.467  -7.996  1.00 27.29  ? 74  ARG A C   1 
ATOM   590 O O   . ARG A 1 74  ? 14.021  -4.206  -9.143  1.00 36.70  ? 74  ARG A O   1 
ATOM   591 C CB  . ARG A 1 74  ? 13.058  -6.709  -7.984  1.00 24.25  ? 74  ARG A CB  1 
ATOM   592 C CG  . ARG A 1 74  ? 13.350  -8.173  -8.028  1.00 27.32  ? 74  ARG A CG  1 
ATOM   593 C CD  . ARG A 1 74  ? 12.027  -8.897  -7.891  1.00 33.00  ? 74  ARG A CD  1 
ATOM   594 N NE  . ARG A 1 74  ? 11.189  -8.588  -9.015  1.00 37.99  ? 74  ARG A NE  1 
ATOM   595 C CZ  . ARG A 1 74  ? 9.880   -8.419  -8.968  1.00 24.25  ? 74  ARG A CZ  1 
ATOM   596 N NH1 . ARG A 1 74  ? 9.136   -8.511  -7.876  1.00 39.52  ? 74  ARG A NH1 1 
ATOM   597 N NH2 . ARG A 1 74  ? 9.312   -8.152  -10.115 1.00 42.42  ? 74  ARG A NH2 1 
ATOM   598 N N   . THR A 1 75  ? 12.888  -3.621  -7.334  1.00 27.07  ? 75  THR A N   1 
ATOM   599 C CA  . THR A 1 75  ? 12.335  -2.423  -7.977  1.00 22.16  ? 75  THR A CA  1 
ATOM   600 C C   . THR A 1 75  ? 12.414  -1.340  -6.917  1.00 21.65  ? 75  THR A C   1 
ATOM   601 O O   . THR A 1 75  ? 11.639  -1.299  -5.944  1.00 20.85  ? 75  THR A O   1 
ATOM   602 C CB  . THR A 1 75  ? 10.842  -2.702  -8.414  1.00 24.71  ? 75  THR A CB  1 
ATOM   603 O OG1 . THR A 1 75  ? 10.800  -3.967  -9.093  1.00 23.33  ? 75  THR A OG1 1 
ATOM   604 C CG2 . THR A 1 75  ? 10.287  -1.606  -9.297  1.00 23.41  ? 75  THR A CG2 1 
ATOM   605 N N   . GLN A 1 76  ? 13.400  -0.471  -7.088  1.00 17.65  ? 76  GLN A N   1 
ATOM   606 C CA  . GLN A 1 76  ? 13.618  0.576   -6.094  1.00 21.64  ? 76  GLN A CA  1 
ATOM   607 C C   . GLN A 1 76  ? 13.235  1.921   -6.637  1.00 19.68  ? 76  GLN A C   1 
ATOM   608 O O   . GLN A 1 76  ? 13.299  2.134   -7.842  1.00 22.27  ? 76  GLN A O   1 
ATOM   609 C CB  . GLN A 1 76  ? 15.066  0.603   -5.677  1.00 19.44  ? 76  GLN A CB  1 
ATOM   610 C CG  . GLN A 1 76  ? 15.485  -0.759  -5.178  1.00 18.36  ? 76  GLN A CG  1 
ATOM   611 C CD  . GLN A 1 76  ? 16.883  -0.856  -4.631  1.00 27.01  ? 76  GLN A CD  1 
ATOM   612 O OE1 . GLN A 1 76  ? 17.704  0.045   -4.781  1.00 32.41  ? 76  GLN A OE1 1 
ATOM   613 N NE2 . GLN A 1 76  ? 17.155  -1.978  -3.965  1.00 33.29  ? 76  GLN A NE2 1 
ATOM   614 N N   . PHE A 1 77  ? 12.803  2.828   -5.761  1.00 20.79  ? 77  PHE A N   1 
ATOM   615 C CA  . PHE A 1 77  ? 12.292  4.142   -6.172  1.00 22.80  ? 77  PHE A CA  1 
ATOM   616 C C   . PHE A 1 77  ? 12.904  5.289   -5.357  1.00 20.83  ? 77  PHE A C   1 
ATOM   617 O O   . PHE A 1 77  ? 13.254  5.131   -4.189  1.00 19.16  ? 77  PHE A O   1 
ATOM   618 C CB  . PHE A 1 77  ? 10.756  4.201   -6.003  1.00 19.31  ? 77  PHE A CB  1 
ATOM   619 C CG  . PHE A 1 77  ? 10.012  3.040   -6.670  1.00 18.41  ? 77  PHE A CG  1 
ATOM   620 C CD1 . PHE A 1 77  ? 9.603   3.136   -7.981  1.00 21.32  ? 77  PHE A CD1 1 
ATOM   621 C CD2 . PHE A 1 77  ? 9.752   1.889   -5.947  1.00 14.86  ? 77  PHE A CD2 1 
ATOM   622 C CE1 . PHE A 1 77  ? 8.922   2.083   -8.577  1.00 23.86  ? 77  PHE A CE1 1 
ATOM   623 C CE2 . PHE A 1 77  ? 9.075   0.839   -6.542  1.00 24.87  ? 77  PHE A CE2 1 
ATOM   624 C CZ  . PHE A 1 77  ? 8.658   0.936   -7.862  1.00 26.08  ? 77  PHE A CZ  1 
ATOM   625 N N   . SER A 1 78  ? 13.021  6.475   -5.953  1.00 18.99  ? 78  SER A N   1 
ATOM   626 C CA  . SER A 1 78  ? 13.570  7.626   -5.269  1.00 20.72  ? 78  SER A CA  1 
ATOM   627 C C   . SER A 1 78  ? 12.533  8.389   -4.445  1.00 27.08  ? 78  SER A C   1 
ATOM   628 O O   . SER A 1 78  ? 12.878  9.259   -3.646  1.00 26.84  ? 78  SER A O   1 
ATOM   629 C CB  . SER A 1 78  ? 14.191  8.539   -6.298  1.00 22.68  ? 78  SER A CB  1 
ATOM   630 O OG  . SER A 1 78  ? 13.247  8.995   -7.247  1.00 28.74  ? 78  SER A OG  1 
ATOM   631 N N   . SER A 1 79  ? 11.237  8.118   -4.622  1.00 25.01  ? 79  SER A N   1 
ATOM   632 C CA  . SER A 1 79  ? 10.212  8.789   -3.841  1.00 18.46  ? 79  SER A CA  1 
ATOM   633 C C   . SER A 1 79  ? 9.007   7.897   -3.738  1.00 22.06  ? 79  SER A C   1 
ATOM   634 O O   . SER A 1 79  ? 8.854   7.018   -4.587  1.00 18.80  ? 79  SER A O   1 
ATOM   635 C CB  . SER A 1 79  ? 9.802   10.062  -4.494  1.00 15.33  ? 79  SER A CB  1 
ATOM   636 O OG  . SER A 1 79  ? 9.101   9.785   -5.687  1.00 17.08  ? 79  SER A OG  1 
ATOM   637 N N   . LEU A 1 80  ? 8.166   8.124   -2.711  1.00 20.69  ? 80  LEU A N   1 
ATOM   638 C CA  . LEU A 1 80  ? 6.938   7.373   -2.570  1.00 20.00  ? 80  LEU A CA  1 
ATOM   639 C C   . LEU A 1 80  ? 5.990   7.701   -3.705  1.00 17.78  ? 80  LEU A C   1 
ATOM   640 O O   . LEU A 1 80  ? 5.297   6.805   -4.159  1.00 19.83  ? 80  LEU A O   1 
ATOM   641 C CB  . LEU A 1 80  ? 6.252   7.677   -1.244  1.00 20.98  ? 80  LEU A CB  1 
ATOM   642 C CG  . LEU A 1 80  ? 6.947   7.144   0.028   1.00 24.73  ? 80  LEU A CG  1 
ATOM   643 C CD1 . LEU A 1 80  ? 6.370   7.866   1.237   1.00 22.03  ? 80  LEU A CD1 1 
ATOM   644 C CD2 . LEU A 1 80  ? 6.737   5.640   0.165   1.00 20.81  ? 80  LEU A CD2 1 
ATOM   645 N N   . GLN A 1 81  ? 5.925   8.908   -4.254  1.00 19.96  ? 81  GLN A N   1 
ATOM   646 C CA  . GLN A 1 81  ? 5.003   9.195   -5.351  1.00 23.24  ? 81  GLN A CA  1 
ATOM   647 C C   . GLN A 1 81  ? 5.339   8.394   -6.596  1.00 19.67  ? 81  GLN A C   1 
ATOM   648 O O   . GLN A 1 81  ? 4.434   7.983   -7.302  1.00 18.99  ? 81  GLN A O   1 
ATOM   649 C CB  . GLN A 1 81  ? 5.000   10.713  -5.679  1.00 30.12  ? 81  GLN A CB  1 
ATOM   650 C CG  . GLN A 1 81  ? 6.244   11.554  -5.368  1.00 45.84  ? 81  GLN A CG  1 
ATOM   651 C CD  . GLN A 1 81  ? 6.519   11.977  -3.907  1.00 57.24  ? 81  GLN A CD  1 
ATOM   652 O OE1 . GLN A 1 81  ? 6.504   11.201  -2.947  1.00 52.66  ? 81  GLN A OE1 1 
ATOM   653 N NE2 . GLN A 1 81  ? 6.837   13.257  -3.682  1.00 67.99  ? 81  GLN A NE2 1 
ATOM   654 N N   . GLN A 1 82  ? 6.612   8.066   -6.825  1.00 19.37  ? 82  GLN A N   1 
ATOM   655 C CA  . GLN A 1 82  ? 7.021   7.276   -7.970  1.00 21.83  ? 82  GLN A CA  1 
ATOM   656 C C   . GLN A 1 82  ? 6.660   5.806   -7.763  1.00 18.23  ? 82  GLN A C   1 
ATOM   657 O O   . GLN A 1 82  ? 6.217   5.143   -8.705  1.00 17.61  ? 82  GLN A O   1 
ATOM   658 C CB  . GLN A 1 82  ? 8.511   7.525   -8.138  1.00 24.13  ? 82  GLN A CB  1 
ATOM   659 C CG  . GLN A 1 82  ? 9.221   6.839   -9.272  1.00 35.64  ? 82  GLN A CG  1 
ATOM   660 C CD  . GLN A 1 82  ? 10.711  7.055   -9.105  1.00 46.34  ? 82  GLN A CD  1 
ATOM   661 O OE1 . GLN A 1 82  ? 11.503  6.196   -8.695  1.00 41.19  ? 82  GLN A OE1 1 
ATOM   662 N NE2 . GLN A 1 82  ? 11.077  8.294   -9.420  1.00 55.51  ? 82  GLN A NE2 1 
ATOM   663 N N   . LEU A 1 83  ? 6.787   5.308   -6.513  1.00 17.70  ? 83  LEU A N   1 
ATOM   664 C CA  . LEU A 1 83  ? 6.354   3.976   -6.149  1.00 13.33  ? 83  LEU A CA  1 
ATOM   665 C C   . LEU A 1 83  ? 4.854   3.813   -6.393  1.00 19.67  ? 83  LEU A C   1 
ATOM   666 O O   . LEU A 1 83  ? 4.454   2.788   -6.946  1.00 18.33  ? 83  LEU A O   1 
ATOM   667 C CB  . LEU A 1 83  ? 6.675   3.701   -4.678  1.00 14.30  ? 83  LEU A CB  1 
ATOM   668 C CG  . LEU A 1 83  ? 6.282   2.330   -4.051  1.00 19.67  ? 83  LEU A CG  1 
ATOM   669 C CD1 . LEU A 1 83  ? 7.236   2.042   -2.918  1.00 20.40  ? 83  LEU A CD1 1 
ATOM   670 C CD2 . LEU A 1 83  ? 4.857   2.303   -3.518  1.00 14.21  ? 83  LEU A CD2 1 
ATOM   671 N N   . VAL A 1 84  ? 3.984   4.773   -5.999  1.00 19.44  ? 84  VAL A N   1 
ATOM   672 C CA  . VAL A 1 84  ? 2.539   4.723   -6.198  1.00 14.52  ? 84  VAL A CA  1 
ATOM   673 C C   . VAL A 1 84  ? 2.261   4.770   -7.705  1.00 15.16  ? 84  VAL A C   1 
ATOM   674 O O   . VAL A 1 84  ? 1.529   3.953   -8.246  1.00 16.76  ? 84  VAL A O   1 
ATOM   675 C CB  . VAL A 1 84  ? 1.928   5.918   -5.432  1.00 14.96  ? 84  VAL A CB  1 
ATOM   676 C CG1 . VAL A 1 84  ? 0.455   6.136   -5.754  1.00 13.43  ? 84  VAL A CG1 1 
ATOM   677 C CG2 . VAL A 1 84  ? 1.985   5.623   -3.955  1.00 17.55  ? 84  VAL A CG2 1 
ATOM   678 N N   . ALA A 1 85  ? 2.847   5.679   -8.463  1.00 16.30  ? 85  ALA A N   1 
ATOM   679 C CA  . ALA A 1 85  ? 2.613   5.744   -9.894  1.00 15.62  ? 85  ALA A CA  1 
ATOM   680 C C   . ALA A 1 85  ? 3.029   4.441   -10.620 1.00 16.98  ? 85  ALA A C   1 
ATOM   681 O O   . ALA A 1 85  ? 2.376   4.049   -11.581 1.00 21.66  ? 85  ALA A O   1 
ATOM   682 C CB  . ALA A 1 85  ? 3.403   6.946   -10.427 1.00 12.99  ? 85  ALA A CB  1 
ATOM   683 N N   . TYR A 1 86  ? 4.109   3.736   -10.216 1.00 20.04  ? 86  TYR A N   1 
ATOM   684 C CA  . TYR A 1 86  ? 4.524   2.480   -10.818 1.00 15.73  ? 86  TYR A CA  1 
ATOM   685 C C   . TYR A 1 86  ? 3.497   1.373   -10.570 1.00 19.91  ? 86  TYR A C   1 
ATOM   686 O O   . TYR A 1 86  ? 3.076   0.710   -11.509 1.00 21.69  ? 86  TYR A O   1 
ATOM   687 C CB  . TYR A 1 86  ? 5.847   2.095   -10.228 1.00 18.06  ? 86  TYR A CB  1 
ATOM   688 C CG  . TYR A 1 86  ? 6.366   0.783   -10.760 1.00 19.52  ? 86  TYR A CG  1 
ATOM   689 C CD1 . TYR A 1 86  ? 7.079   0.774   -11.951 1.00 23.90  ? 86  TYR A CD1 1 
ATOM   690 C CD2 . TYR A 1 86  ? 6.132   -0.394  -10.079 1.00 24.73  ? 86  TYR A CD2 1 
ATOM   691 C CE1 . TYR A 1 86  ? 7.569   -0.405  -12.484 1.00 13.76  ? 86  TYR A CE1 1 
ATOM   692 C CE2 . TYR A 1 86  ? 6.615   -1.578  -10.607 1.00 27.61  ? 86  TYR A CE2 1 
ATOM   693 C CZ  . TYR A 1 86  ? 7.321   -1.558  -11.800 1.00 20.37  ? 86  TYR A CZ  1 
ATOM   694 O OH  . TYR A 1 86  ? 7.774   -2.728  -12.332 1.00 22.78  ? 86  TYR A OH  1 
ATOM   695 N N   . TYR A 1 87  ? 3.053   1.150   -9.318  1.00 17.75  ? 87  TYR A N   1 
ATOM   696 C CA  . TYR A 1 87  ? 2.111   0.084   -8.996  1.00 12.94  ? 87  TYR A CA  1 
ATOM   697 C C   . TYR A 1 87  ? 0.667   0.402   -9.423  1.00 14.19  ? 87  TYR A C   1 
ATOM   698 O O   . TYR A 1 87  ? -0.200  -0.459  -9.410  1.00 14.62  ? 87  TYR A O   1 
ATOM   699 C CB  . TYR A 1 87  ? 2.245   -0.224  -7.480  1.00 8.37   ? 87  TYR A CB  1 
ATOM   700 C CG  . TYR A 1 87  ? 3.550   -0.946  -7.121  1.00 14.81  ? 87  TYR A CG  1 
ATOM   701 C CD1 . TYR A 1 87  ? 3.846   -2.155  -7.731  1.00 19.16  ? 87  TYR A CD1 1 
ATOM   702 C CD2 . TYR A 1 87  ? 4.470   -0.375  -6.250  1.00 15.04  ? 87  TYR A CD2 1 
ATOM   703 C CE1 . TYR A 1 87  ? 5.035   -2.803  -7.502  1.00 16.00  ? 87  TYR A CE1 1 
ATOM   704 C CE2 . TYR A 1 87  ? 5.669   -1.012  -6.011  1.00 15.62  ? 87  TYR A CE2 1 
ATOM   705 C CZ  . TYR A 1 87  ? 5.938   -2.218  -6.644  1.00 20.18  ? 87  TYR A CZ  1 
ATOM   706 O OH  . TYR A 1 87  ? 7.128   -2.868  -6.412  1.00 17.73  ? 87  TYR A OH  1 
ATOM   707 N N   . SER A 1 88  ? 0.355   1.626   -9.840  1.00 14.52  ? 88  SER A N   1 
ATOM   708 C CA  . SER A 1 88  ? -0.902  1.951   -10.499 1.00 15.74  ? 88  SER A CA  1 
ATOM   709 C C   . SER A 1 88  ? -1.016  1.383   -11.935 1.00 25.85  ? 88  SER A C   1 
ATOM   710 O O   . SER A 1 88  ? -2.102  1.265   -12.540 1.00 21.59  ? 88  SER A O   1 
ATOM   711 C CB  . SER A 1 88  ? -1.019  3.427   -10.582 1.00 9.23   ? 88  SER A CB  1 
ATOM   712 O OG  . SER A 1 88  ? -0.986  3.796   -9.226  1.00 19.26  ? 88  SER A OG  1 
ATOM   713 N N   . LYS A 1 89  ? 0.166   1.086   -12.509 1.00 26.45  ? 89  LYS A N   1 
ATOM   714 C CA  . LYS A 1 89  ? 0.292   0.626   -13.886 1.00 25.53  ? 89  LYS A CA  1 
ATOM   715 C C   . LYS A 1 89  ? 0.769   -0.790  -14.000 1.00 20.69  ? 89  LYS A C   1 
ATOM   716 O O   . LYS A 1 89  ? 0.596   -1.412  -15.045 1.00 16.98  ? 89  LYS A O   1 
ATOM   717 C CB  . LYS A 1 89  ? 1.276   1.492   -14.675 1.00 25.48  ? 89  LYS A CB  1 
ATOM   718 C CG  . LYS A 1 89  ? 0.820   2.908   -14.977 1.00 31.91  ? 89  LYS A CG  1 
ATOM   719 C CD  . LYS A 1 89  ? -0.009  3.020   -16.244 1.00 42.38  ? 89  LYS A CD  1 
ATOM   720 C CE  . LYS A 1 89  ? -1.469  2.633   -16.060 1.00 56.93  ? 89  LYS A CE  1 
ATOM   721 N NZ  . LYS A 1 89  ? -2.083  2.334   -17.343 1.00 63.78  ? 89  LYS A NZ  1 
ATOM   722 N N   . HIS A 1 90  ? 1.427   -1.246  -12.934 1.00 17.12  ? 90  HIS A N   1 
ATOM   723 C CA  . HIS A 1 90  ? 2.018   -2.562  -12.921 1.00 22.99  ? 90  HIS A CA  1 
ATOM   724 C C   . HIS A 1 90  ? 1.731   -3.182  -11.575 1.00 25.77  ? 90  HIS A C   1 
ATOM   725 O O   . HIS A 1 90  ? 2.103   -2.560  -10.588 1.00 27.26  ? 90  HIS A O   1 
ATOM   726 C CB  . HIS A 1 90  ? 3.550   -2.545  -13.052 1.00 24.75  ? 90  HIS A CB  1 
ATOM   727 C CG  . HIS A 1 90  ? 4.144   -1.735  -14.198 1.00 31.94  ? 90  HIS A CG  1 
ATOM   728 N ND1 . HIS A 1 90  ? 4.489   -2.172  -15.402 1.00 30.59  ? 90  HIS A ND1 1 
ATOM   729 C CD2 . HIS A 1 90  ? 4.418   -0.384  -14.135 1.00 34.17  ? 90  HIS A CD2 1 
ATOM   730 C CE1 . HIS A 1 90  ? 4.952   -1.125  -16.044 1.00 33.38  ? 90  HIS A CE1 1 
ATOM   731 N NE2 . HIS A 1 90  ? 4.914   -0.047  -15.297 1.00 36.61  ? 90  HIS A NE2 1 
ATOM   732 N N   . ALA A 1 91  ? 1.100   -4.365  -11.464 1.00 23.92  ? 91  ALA A N   1 
ATOM   733 C CA  . ALA A 1 91  ? 0.990   -5.050  -10.173 1.00 18.38  ? 91  ALA A CA  1 
ATOM   734 C C   . ALA A 1 91  ? 2.382   -5.592  -9.777  1.00 19.39  ? 91  ALA A C   1 
ATOM   735 O O   . ALA A 1 91  ? 2.776   -5.497  -8.616  1.00 18.00  ? 91  ALA A O   1 
ATOM   736 C CB  . ALA A 1 91  ? 0.044   -6.225  -10.264 1.00 14.60  ? 91  ALA A CB  1 
ATOM   737 N N   . ASP A 1 92  ? 3.166   -6.125  -10.734 1.00 20.94  ? 92  ASP A N   1 
ATOM   738 C CA  . ASP A 1 92  ? 4.524   -6.660  -10.578 1.00 19.02  ? 92  ASP A CA  1 
ATOM   739 C C   . ASP A 1 92  ? 4.902   -7.223  -9.198  1.00 22.37  ? 92  ASP A C   1 
ATOM   740 O O   . ASP A 1 92  ? 5.790   -6.758  -8.470  1.00 23.28  ? 92  ASP A O   1 
ATOM   741 C CB  . ASP A 1 92  ? 5.496   -5.537  -11.022 1.00 20.59  ? 92  ASP A CB  1 
ATOM   742 C CG  . ASP A 1 92  ? 6.957   -5.942  -11.154 1.00 23.75  ? 92  ASP A CG  1 
ATOM   743 O OD1 . ASP A 1 92  ? 7.247   -7.106  -11.383 1.00 33.03  ? 92  ASP A OD1 1 
ATOM   744 O OD2 . ASP A 1 92  ? 7.826   -5.099  -11.008 1.00 24.13  ? 92  ASP A OD2 1 
ATOM   745 N N   . GLY A 1 93  ? 4.097   -8.210  -8.786  1.00 19.40  ? 93  GLY A N   1 
ATOM   746 C CA  . GLY A 1 93  ? 4.326   -8.860  -7.509  1.00 21.62  ? 93  GLY A CA  1 
ATOM   747 C C   . GLY A 1 93  ? 3.260   -8.632  -6.447  1.00 26.94  ? 93  GLY A C   1 
ATOM   748 O O   . GLY A 1 93  ? 3.119   -9.486  -5.575  1.00 25.15  ? 93  GLY A O   1 
ATOM   749 N N   . LEU A 1 94  ? 2.575   -7.470  -6.460  1.00 27.14  ? 94  LEU A N   1 
ATOM   750 C CA  . LEU A 1 94  ? 1.458   -7.131  -5.581  1.00 20.40  ? 94  LEU A CA  1 
ATOM   751 C C   . LEU A 1 94  ? 0.262   -7.975  -5.985  1.00 24.95  ? 94  LEU A C   1 
ATOM   752 O O   . LEU A 1 94  ? 0.184   -8.485  -7.105  1.00 24.96  ? 94  LEU A O   1 
ATOM   753 C CB  . LEU A 1 94  ? 1.109   -5.645  -5.721  1.00 17.85  ? 94  LEU A CB  1 
ATOM   754 C CG  . LEU A 1 94  ? 1.726   -4.575  -4.813  1.00 25.73  ? 94  LEU A CG  1 
ATOM   755 C CD1 . LEU A 1 94  ? 3.178   -4.824  -4.499  1.00 23.93  ? 94  LEU A CD1 1 
ATOM   756 C CD2 . LEU A 1 94  ? 1.515   -3.268  -5.493  1.00 20.86  ? 94  LEU A CD2 1 
ATOM   757 N N   . CYS A 1 95  ? -0.654  -8.148  -5.030  1.00 27.03  ? 95  CYS A N   1 
ATOM   758 C CA  . CYS A 1 95  ? -1.898  -8.871  -5.202  1.00 27.06  ? 95  CYS A CA  1 
ATOM   759 C C   . CYS A 1 95  ? -2.699  -8.343  -6.379  1.00 31.93  ? 95  CYS A C   1 
ATOM   760 O O   . CYS A 1 95  ? -3.362  -9.099  -7.097  1.00 31.77  ? 95  CYS A O   1 
ATOM   761 C CB  . CYS A 1 95  ? -2.768  -8.741  -3.964  1.00 26.00  ? 95  CYS A CB  1 
ATOM   762 S SG  . CYS A 1 95  ? -3.262  -7.064  -3.480  1.00 41.56  ? 95  CYS A SG  1 
ATOM   763 N N   . HIS A 1 96  ? -2.601  -7.018  -6.570  1.00 24.14  ? 96  HIS A N   1 
ATOM   764 C CA  . HIS A 1 96  ? -3.402  -6.356  -7.579  1.00 19.53  ? 96  HIS A CA  1 
ATOM   765 C C   . HIS A 1 96  ? -2.781  -4.988  -7.725  1.00 21.46  ? 96  HIS A C   1 
ATOM   766 O O   . HIS A 1 96  ? -2.065  -4.488  -6.869  1.00 24.40  ? 96  HIS A O   1 
ATOM   767 C CB  . HIS A 1 96  ? -4.837  -6.275  -7.077  1.00 16.01  ? 96  HIS A CB  1 
ATOM   768 C CG  . HIS A 1 96  ? -5.919  -5.913  -8.073  1.00 14.79  ? 96  HIS A CG  1 
ATOM   769 N ND1 . HIS A 1 96  ? -6.805  -6.728  -8.636  1.00 17.08  ? 96  HIS A ND1 1 
ATOM   770 C CD2 . HIS A 1 96  ? -6.167  -4.646  -8.518  1.00 12.37  ? 96  HIS A CD2 1 
ATOM   771 C CE1 . HIS A 1 96  ? -7.563  -5.973  -9.389  1.00 12.67  ? 96  HIS A CE1 1 
ATOM   772 N NE2 . HIS A 1 96  ? -7.188  -4.726  -9.325  1.00 19.61  ? 96  HIS A NE2 1 
ATOM   773 N N   . ARG A 1 97  ? -3.007  -4.445  -8.913  1.00 20.11  ? 97  ARG A N   1 
ATOM   774 C CA  . ARG A 1 97  ? -2.596  -3.134  -9.364  1.00 21.46  ? 97  ARG A CA  1 
ATOM   775 C C   . ARG A 1 97  ? -3.362  -2.097  -8.525  1.00 21.79  ? 97  ARG A C   1 
ATOM   776 O O   . ARG A 1 97  ? -4.470  -2.400  -8.059  1.00 16.82  ? 97  ARG A O   1 
ATOM   777 C CB  . ARG A 1 97  ? -2.935  -3.172  -10.846 1.00 25.33  ? 97  ARG A CB  1 
ATOM   778 C CG  . ARG A 1 97  ? -2.845  -1.953  -11.665 1.00 24.56  ? 97  ARG A CG  1 
ATOM   779 C CD  . ARG A 1 97  ? -4.090  -1.920  -12.507 1.00 28.50  ? 97  ARG A CD  1 
ATOM   780 N NE  . ARG A 1 97  ? -4.469  -0.530  -12.581 1.00 41.60  ? 97  ARG A NE  1 
ATOM   781 C CZ  . ARG A 1 97  ? -5.660  -0.063  -12.894 1.00 31.75  ? 97  ARG A CZ  1 
ATOM   782 N NH1 . ARG A 1 97  ? -6.662  -0.859  -13.200 1.00 30.41  ? 97  ARG A NH1 1 
ATOM   783 N NH2 . ARG A 1 97  ? -5.834  1.251   -12.815 1.00 43.69  ? 97  ARG A NH2 1 
ATOM   784 N N   . LEU A 1 98  ? -2.783  -0.889  -8.289  1.00 17.07  ? 98  LEU A N   1 
ATOM   785 C CA  . LEU A 1 98  ? -3.413  0.140   -7.463  1.00 16.68  ? 98  LEU A CA  1 
ATOM   786 C C   . LEU A 1 98  ? -4.385  0.888   -8.344  1.00 20.97  ? 98  LEU A C   1 
ATOM   787 O O   . LEU A 1 98  ? -4.012  1.360   -9.417  1.00 19.95  ? 98  LEU A O   1 
ATOM   788 C CB  . LEU A 1 98  ? -2.361  1.083   -6.926  1.00 17.96  ? 98  LEU A CB  1 
ATOM   789 C CG  . LEU A 1 98  ? -1.138  0.489   -6.217  1.00 19.70  ? 98  LEU A CG  1 
ATOM   790 C CD1 . LEU A 1 98  ? -0.246  1.632   -5.689  1.00 12.16  ? 98  LEU A CD1 1 
ATOM   791 C CD2 . LEU A 1 98  ? -1.592  -0.431  -5.115  1.00 19.20  ? 98  LEU A CD2 1 
ATOM   792 N N   . THR A 1 99  ? -5.670  0.906   -7.953  1.00 23.75  ? 99  THR A N   1 
ATOM   793 C CA  . THR A 1 99  ? -6.714  1.491   -8.783  1.00 24.58  ? 99  THR A CA  1 
ATOM   794 C C   . THR A 1 99  ? -7.215  2.753   -8.102  1.00 26.43  ? 99  THR A C   1 
ATOM   795 O O   . THR A 1 99  ? -6.784  3.853   -8.417  1.00 36.48  ? 99  THR A O   1 
ATOM   796 C CB  . THR A 1 99  ? -7.845  0.438   -9.014  1.00 16.82  ? 99  THR A CB  1 
ATOM   797 O OG1 . THR A 1 99  ? -8.458  0.165   -7.769  1.00 21.57  ? 99  THR A OG1 1 
ATOM   798 C CG2 . THR A 1 99  ? -7.321  -0.849  -9.646  1.00 9.85   ? 99  THR A CG2 1 
ATOM   799 N N   . ASN A 1 100 ? -8.050  2.652   -7.094  1.00 32.59  ? 100 ASN A N   1 
ATOM   800 C CA  . ASN A 1 100 ? -8.579  3.773   -6.333  1.00 29.16  ? 100 ASN A CA  1 
ATOM   801 C C   . ASN A 1 100 ? -7.784  4.367   -5.182  1.00 24.83  ? 100 ASN A C   1 
ATOM   802 O O   . ASN A 1 100 ? -7.117  3.648   -4.441  1.00 22.98  ? 100 ASN A O   1 
ATOM   803 C CB  . ASN A 1 100 ? -9.927  3.362   -5.786  1.00 37.51  ? 100 ASN A CB  1 
ATOM   804 C CG  . ASN A 1 100 ? -10.956 4.068   -6.599  1.00 49.25  ? 100 ASN A CG  1 
ATOM   805 O OD1 . ASN A 1 100 ? -11.445 5.124   -6.196  1.00 60.55  ? 100 ASN A OD1 1 
ATOM   806 N ND2 . ASN A 1 100 ? -11.236 3.506   -7.780  1.00 55.21  ? 100 ASN A ND2 1 
ATOM   807 N N   . VAL A 1 101 ? -7.829  5.684   -4.997  1.00 18.33  ? 101 VAL A N   1 
ATOM   808 C CA  . VAL A 1 101 ? -7.279  6.220   -3.774  1.00 24.11  ? 101 VAL A CA  1 
ATOM   809 C C   . VAL A 1 101 ? -8.345  6.041   -2.702  1.00 24.86  ? 101 VAL A C   1 
ATOM   810 O O   . VAL A 1 101 ? -9.537  6.187   -2.980  1.00 28.18  ? 101 VAL A O   1 
ATOM   811 C CB  . VAL A 1 101 ? -6.921  7.660   -4.052  1.00 25.54  ? 101 VAL A CB  1 
ATOM   812 C CG1 . VAL A 1 101 ? -6.843  8.519   -2.824  1.00 29.11  ? 101 VAL A CG1 1 
ATOM   813 C CG2 . VAL A 1 101 ? -5.520  7.630   -4.589  1.00 18.63  ? 101 VAL A CG2 1 
ATOM   814 N N   . CYS A 1 102 ? -7.950  5.650   -1.486  1.00 28.50  ? 102 CYS A N   1 
ATOM   815 C CA  . CYS A 1 102 ? -8.903  5.444   -0.396  1.00 33.30  ? 102 CYS A CA  1 
ATOM   816 C C   . CYS A 1 102 ? -9.582  6.764   0.021   1.00 39.08  ? 102 CYS A C   1 
ATOM   817 O O   . CYS A 1 102 ? -8.905  7.780   0.268   1.00 30.76  ? 102 CYS A O   1 
ATOM   818 C CB  . CYS A 1 102 ? -8.232  4.842   0.876   1.00 27.30  ? 102 CYS A CB  1 
ATOM   819 S SG  . CYS A 1 102 ? -9.451  4.224   2.072   1.00 24.80  ? 102 CYS A SG  1 
ATOM   820 N N   . PRO A 1 103 ? -10.925 6.753   0.127   1.00 40.64  ? 103 PRO A N   1 
ATOM   821 C CA  . PRO A 1 103 ? -11.715 7.823   0.679   1.00 47.18  ? 103 PRO A CA  1 
ATOM   822 C C   . PRO A 1 103 ? -11.517 8.190   2.129   1.00 53.68  ? 103 PRO A C   1 
ATOM   823 O O   . PRO A 1 103 ? -11.270 7.413   3.059   1.00 47.52  ? 103 PRO A O   1 
ATOM   824 C CB  . PRO A 1 103 ? -13.114 7.412   0.368   1.00 43.58  ? 103 PRO A CB  1 
ATOM   825 C CG  . PRO A 1 103 ? -12.964 6.518   -0.842  1.00 48.77  ? 103 PRO A CG  1 
ATOM   826 C CD  . PRO A 1 103 ? -11.782 5.703   -0.386  1.00 42.87  ? 103 PRO A CD  1 
ATOM   827 N N   . THR A 1 104 ? -11.710 9.530   2.165   1.00 69.51  ? 104 THR A N   1 
ATOM   828 C CA  . THR A 1 104 ? -11.720 10.494  3.301   1.00 83.55  ? 104 THR A CA  1 
ATOM   829 C C   . THR A 1 104 ? -10.571 10.617  4.247   1.00 92.14  ? 104 THR A C   1 
ATOM   830 O O   . THR A 1 104 ? -10.732 10.927  5.414   1.00 96.72  ? 104 THR A O   1 
ATOM   831 C CB  . THR A 1 104 ? -13.033 10.282  4.072   1.00 83.43  ? 104 THR A CB  1 
ATOM   832 O OG1 . THR A 1 104 ? -13.317 8.867   4.239   1.00 80.13  ? 104 THR A OG1 1 
ATOM   833 C CG2 . THR A 1 104 ? -14.109 10.972  3.322   1.00 82.58  ? 104 THR A CG2 1 
ATOM   834 O OXT . THR A 1 104 ? -9.487  10.438  3.705   1.00 100.09 ? 104 THR A OXT 1 
HETATM 835 N N   . PTR B 2 1   ? 2.724   -8.442  7.339   1.00 30.48  ? 201 PTR B N   1 
HETATM 836 C CA  . PTR B 2 1   ? 3.016   -7.910  6.022   1.00 26.79  ? 201 PTR B CA  1 
HETATM 837 C C   . PTR B 2 1   ? 3.185   -9.052  5.029   1.00 31.67  ? 201 PTR B C   1 
HETATM 838 O O   . PTR B 2 1   ? 3.581   -10.134 5.443   1.00 28.96  ? 201 PTR B O   1 
HETATM 839 C CB  . PTR B 2 1   ? 4.284   -7.062  6.059   1.00 16.22  ? 201 PTR B CB  1 
HETATM 840 C CG  . PTR B 2 1   ? 4.003   -5.819  6.887   1.00 19.06  ? 201 PTR B CG  1 
HETATM 841 C CD1 . PTR B 2 1   ? 3.250   -4.772  6.374   1.00 24.09  ? 201 PTR B CD1 1 
HETATM 842 C CD2 . PTR B 2 1   ? 4.488   -5.769  8.182   1.00 22.58  ? 201 PTR B CD2 1 
HETATM 843 C CE1 . PTR B 2 1   ? 3.000   -3.664  7.154   1.00 23.84  ? 201 PTR B CE1 1 
HETATM 844 C CE2 . PTR B 2 1   ? 4.251   -4.674  8.986   1.00 22.24  ? 201 PTR B CE2 1 
HETATM 845 C CZ  . PTR B 2 1   ? 3.511   -3.655  8.442   1.00 28.76  ? 201 PTR B CZ  1 
HETATM 846 O OH  . PTR B 2 1   ? 3.408   -2.473  9.237   1.00 33.40  ? 201 PTR B OH  1 
HETATM 847 P P   . PTR B 2 1   ? 2.193   -2.195  10.208  1.00 30.10  ? 201 PTR B P   1 
HETATM 848 O O1P . PTR B 2 1   ? 2.100   -0.742  10.465  1.00 34.68  ? 201 PTR B O1P 1 
HETATM 849 O O2P . PTR B 2 1   ? 2.479   -2.905  11.452  1.00 25.76  ? 201 PTR B O2P 1 
HETATM 850 O O3P . PTR B 2 1   ? 0.955   -2.722  9.612   1.00 27.83  ? 201 PTR B O3P 1 
ATOM   851 N N   . LEU B 2 2   ? 2.871   -8.905  3.732   1.00 27.27  ? 202 LEU B N   1 
ATOM   852 C CA  . LEU B 2 2   ? 3.026   -10.017 2.828   1.00 23.07  ? 202 LEU B CA  1 
ATOM   853 C C   . LEU B 2 2   ? 4.464   -10.111 2.320   1.00 28.47  ? 202 LEU B C   1 
ATOM   854 O O   . LEU B 2 2   ? 5.226   -9.143  2.345   1.00 26.86  ? 202 LEU B O   1 
ATOM   855 C CB  . LEU B 2 2   ? 2.129   -9.867  1.643   1.00 16.45  ? 202 LEU B CB  1 
ATOM   856 C CG  . LEU B 2 2   ? 0.684   -9.595  1.752   1.00 23.21  ? 202 LEU B CG  1 
ATOM   857 C CD1 . LEU B 2 2   ? 0.123   -10.432 0.628   1.00 22.98  ? 202 LEU B CD1 1 
ATOM   858 C CD2 . LEU B 2 2   ? 0.019   -10.019 3.027   1.00 25.96  ? 202 LEU B CD2 1 
ATOM   859 N N   . ARG B 2 3   ? 4.812   -11.317 1.859   1.00 31.13  ? 203 ARG B N   1 
ATOM   860 C CA  . ARG B 2 3   ? 6.102   -11.622 1.259   1.00 36.02  ? 203 ARG B CA  1 
ATOM   861 C C   . ARG B 2 3   ? 6.031   -11.249 -0.220  1.00 30.49  ? 203 ARG B C   1 
ATOM   862 O O   . ARG B 2 3   ? 5.060   -11.627 -0.871  1.00 35.20  ? 203 ARG B O   1 
ATOM   863 C CB  . ARG B 2 3   ? 6.380   -13.116 1.396   1.00 48.51  ? 203 ARG B CB  1 
ATOM   864 C CG  . ARG B 2 3   ? 6.365   -13.668 2.820   1.00 63.26  ? 203 ARG B CG  1 
ATOM   865 C CD  . ARG B 2 3   ? 6.623   -15.178 2.827   1.00 73.62  ? 203 ARG B CD  1 
ATOM   866 N NE  . ARG B 2 3   ? 6.871   -15.661 4.181   1.00 78.75  ? 203 ARG B NE  1 
ATOM   867 C CZ  . ARG B 2 3   ? 6.601   -16.905 4.578   1.00 75.69  ? 203 ARG B CZ  1 
ATOM   868 N NH1 . ARG B 2 3   ? 6.078   -17.806 3.755   1.00 80.08  ? 203 ARG B NH1 1 
ATOM   869 N NH2 . ARG B 2 3   ? 6.849   -17.244 5.836   1.00 75.55  ? 203 ARG B NH2 1 
ATOM   870 N N   . VAL B 2 4   ? 6.949   -10.496 -0.829  1.00 22.31  ? 204 VAL B N   1 
ATOM   871 C CA  . VAL B 2 4   ? 6.848   -10.239 -2.246  1.00 20.65  ? 204 VAL B CA  1 
ATOM   872 C C   . VAL B 2 4   ? 8.204   -10.525 -2.894  1.00 21.72  ? 204 VAL B C   1 
ATOM   873 O O   . VAL B 2 4   ? 9.252   -10.289 -2.312  1.00 22.77  ? 204 VAL B O   1 
ATOM   874 C CB  . VAL B 2 4   ? 6.415   -8.740  -2.520  1.00 32.93  ? 204 VAL B CB  1 
ATOM   875 C CG1 . VAL B 2 4   ? 6.152   -8.488  -4.022  1.00 27.01  ? 204 VAL B CG1 1 
ATOM   876 C CG2 . VAL B 2 4   ? 5.059   -8.444  -1.861  1.00 33.77  ? 204 VAL B CG2 1 
ATOM   877 N N   . ALA B 2 5   ? 8.090   -11.095 -4.077  1.00 28.26  ? 205 ALA B N   1 
ATOM   878 C CA  . ALA B 2 5   ? 8.947   -11.391 -5.221  1.00 37.26  ? 205 ALA B CA  1 
ATOM   879 C C   . ALA B 2 5   ? 9.680   -12.645 -5.604  1.00 44.74  ? 205 ALA B C   1 
ATOM   880 O O   . ALA B 2 5   ? 10.067  -13.472 -4.744  1.00 55.94  ? 205 ALA B O   1 
ATOM   881 C CB  . ALA B 2 5   ? 9.978   -10.188 -5.382  1.00 10.07  ? 205 ALA B CB  1 
ATOM   882 O OXT . ALA B 2 5   ? 9.836   -12.755 -6.840  1.00 66.32  ? 205 ALA B OXT 1 
HETATM 883 O O   . HOH C 3 .   ? 9.552   -2.384  -4.712  1.00 16.42  ? 301 HOH A O   1 
HETATM 884 O O   . HOH C 3 .   ? 8.797   10.369  -0.827  1.00 25.82  ? 303 HOH A O   1 
HETATM 885 O O   . HOH C 3 .   ? -1.937  -1.088  17.244  1.00 27.64  ? 304 HOH A O   1 
HETATM 886 O O   . HOH C 3 .   ? -10.726 -2.554  -9.609  1.00 31.03  ? 306 HOH A O   1 
HETATM 887 O O   . HOH C 3 .   ? -8.919  -7.655  5.928   1.00 31.44  ? 307 HOH A O   1 
HETATM 888 O O   . HOH C 3 .   ? -8.455  -12.152 -2.115  1.00 32.26  ? 308 HOH A O   1 
HETATM 889 O O   . HOH C 3 .   ? -1.297  -11.017 -2.902  1.00 32.60  ? 309 HOH A O   1 
HETATM 890 O O   . HOH C 3 .   ? 7.198   5.234   -11.404 1.00 34.28  ? 310 HOH A O   1 
HETATM 891 O O   . HOH C 3 .   ? 12.296  1.368   -10.557 1.00 34.67  ? 311 HOH A O   1 
HETATM 892 O O   . HOH C 3 .   ? 0.685   6.344   -12.632 1.00 37.43  ? 313 HOH A O   1 
HETATM 893 O O   . HOH C 3 .   ? 7.485   4.748   10.529  1.00 39.06  ? 314 HOH A O   1 
HETATM 894 O O   . HOH C 3 .   ? 1.305   4.233   11.568  1.00 40.47  ? 315 HOH A O   1 
HETATM 895 O O   . HOH C 3 .   ? -16.549 -19.663 -4.907  1.00 41.14  ? 316 HOH A O   1 
HETATM 896 O O   . HOH C 3 .   ? 7.765   -5.001  -7.811  1.00 41.38  ? 317 HOH A O   1 
HETATM 897 O O   . HOH C 3 .   ? -5.343  5.980   13.183  1.00 42.27  ? 318 HOH A O   1 
HETATM 898 O O   . HOH C 3 .   ? -13.127 4.825   3.244   1.00 42.82  ? 319 HOH A O   1 
HETATM 899 O O   . HOH C 3 .   ? -14.856 -0.375  7.824   1.00 43.02  ? 320 HOH A O   1 
HETATM 900 O O   . HOH C 3 .   ? 9.560   -7.935  -0.068  1.00 43.17  ? 321 HOH A O   1 
HETATM 901 O O   . HOH C 3 .   ? 6.753   0.921   -17.345 1.00 45.55  ? 322 HOH A O   1 
HETATM 902 O O   . HOH C 3 .   ? 4.290   12.117  0.956   1.00 51.61  ? 323 HOH A O   1 
HETATM 903 O O   . HOH C 3 .   ? 3.228   -6.543  -13.805 1.00 53.65  ? 324 HOH A O   1 
HETATM 904 O O   . HOH C 3 .   ? 6.882   -10.090 -11.026 1.00 55.11  ? 325 HOH A O   1 
HETATM 905 O O   . HOH C 3 .   ? 21.633  3.063   -3.013  1.00 60.48  ? 326 HOH A O   1 
HETATM 906 O O   . HOH C 3 .   ? 3.193   11.995  8.005   1.00 70.23  ? 327 HOH A O   1 
HETATM 907 O O   . HOH C 3 .   ? 8.286   -5.723  1.657   1.00 70.79  ? 328 HOH A O   1 
HETATM 908 O O   . HOH D 3 .   ? 5.674   -6.572  2.671   1.00 18.05  ? 302 HOH B O   1 
HETATM 909 O O   . HOH D 3 .   ? 12.400  -13.548 -7.386  1.00 30.68  ? 305 HOH B O   1 
HETATM 910 O O   . HOH D 3 .   ? 0.960   -2.908  13.558  1.00 36.37  ? 312 HOH B O   1 
# 
